data_2JQH
#
_entry.id   2JQH
#
_entity_poly.entity_id   1
_entity_poly.type   'polypeptide(L)'
_entity_poly.pdbx_seq_one_letter_code
;GHMMSSTSPNLQKAIDLASKAAQEDKAGNYEEALQLYQHAVQYFLHVVKYEAQGDKAKQSIRAKCTEYLDRAEKLKEYLK
NKEKKAQKP
;
_entity_poly.pdbx_strand_id   A
#
# COMPACT_ATOMS: atom_id res chain seq x y z
N ASN A 10 8.70 -9.88 -3.45
CA ASN A 10 8.20 -8.81 -2.60
C ASN A 10 7.26 -7.89 -3.38
N LEU A 11 7.55 -7.70 -4.66
CA LEU A 11 6.74 -6.85 -5.52
C LEU A 11 5.35 -7.45 -5.72
N GLN A 12 5.31 -8.74 -6.04
CA GLN A 12 4.06 -9.43 -6.27
C GLN A 12 3.18 -9.40 -5.01
N LYS A 13 3.83 -9.43 -3.85
CA LYS A 13 3.11 -9.40 -2.58
C LYS A 13 2.47 -8.03 -2.35
N ALA A 14 3.12 -6.99 -2.86
CA ALA A 14 2.62 -5.63 -2.71
C ALA A 14 1.39 -5.40 -3.57
N ILE A 15 1.42 -5.94 -4.78
CA ILE A 15 0.30 -5.78 -5.71
C ILE A 15 -0.88 -6.67 -5.30
N ASP A 16 -0.57 -7.90 -4.89
CA ASP A 16 -1.61 -8.84 -4.47
C ASP A 16 -2.39 -8.29 -3.28
N LEU A 17 -1.66 -7.78 -2.29
CA LEU A 17 -2.30 -7.22 -1.10
C LEU A 17 -2.99 -5.90 -1.41
N ALA A 18 -2.42 -5.15 -2.34
CA ALA A 18 -2.99 -3.86 -2.74
C ALA A 18 -4.33 -4.05 -3.43
N SER A 19 -4.42 -5.08 -4.26
CA SER A 19 -5.67 -5.37 -4.99
C SER A 19 -6.78 -5.77 -4.03
N LYS A 20 -6.45 -6.65 -3.10
CA LYS A 20 -7.43 -7.13 -2.12
C LYS A 20 -7.86 -6.00 -1.19
N ALA A 21 -6.91 -5.14 -0.83
CA ALA A 21 -7.20 -4.02 0.04
C ALA A 21 -8.17 -3.03 -0.60
N ALA A 22 -7.91 -2.71 -1.87
CA ALA A 22 -8.77 -1.79 -2.61
C ALA A 22 -10.17 -2.36 -2.78
N GLN A 23 -10.26 -3.68 -2.86
CA GLN A 23 -11.56 -4.34 -3.02
C GLN A 23 -12.28 -4.45 -1.68
N GLU A 24 -11.51 -4.64 -0.62
CA GLU A 24 -12.08 -4.76 0.72
C GLU A 24 -12.75 -3.47 1.15
N ASP A 25 -12.05 -2.36 0.96
CA ASP A 25 -12.58 -1.05 1.34
C ASP A 25 -13.77 -0.68 0.46
N LYS A 26 -13.64 -0.93 -0.84
CA LYS A 26 -14.71 -0.62 -1.78
C LYS A 26 -15.91 -1.54 -1.56
N ALA A 27 -15.64 -2.75 -1.13
CA ALA A 27 -16.70 -3.73 -0.88
C ALA A 27 -17.44 -3.41 0.42
N GLY A 28 -16.68 -3.09 1.46
CA GLY A 28 -17.30 -2.77 2.73
C GLY A 28 -16.34 -2.95 3.89
N ASN A 29 -15.45 -3.92 3.77
CA ASN A 29 -14.47 -4.20 4.82
C ASN A 29 -13.38 -3.13 4.84
N TYR A 30 -13.27 -2.42 5.95
CA TYR A 30 -12.27 -1.38 6.11
C TYR A 30 -11.13 -1.83 7.02
N GLU A 31 -11.48 -2.60 8.04
CA GLU A 31 -10.49 -3.10 8.99
C GLU A 31 -9.45 -3.96 8.28
N GLU A 32 -9.91 -4.97 7.54
CA GLU A 32 -9.03 -5.87 6.82
C GLU A 32 -8.32 -5.13 5.70
N ALA A 33 -9.00 -4.16 5.10
CA ALA A 33 -8.43 -3.37 4.01
C ALA A 33 -7.33 -2.46 4.51
N LEU A 34 -7.52 -1.91 5.71
CA LEU A 34 -6.55 -1.00 6.30
C LEU A 34 -5.21 -1.70 6.50
N GLN A 35 -5.24 -2.86 7.15
CA GLN A 35 -4.02 -3.63 7.40
C GLN A 35 -3.37 -4.05 6.09
N LEU A 36 -4.18 -4.28 5.07
CA LEU A 36 -3.68 -4.68 3.76
C LEU A 36 -3.03 -3.51 3.03
N TYR A 37 -3.61 -2.33 3.20
CA TYR A 37 -3.09 -1.12 2.56
C TYR A 37 -1.66 -0.84 3.03
N GLN A 38 -1.43 -0.98 4.33
CA GLN A 38 -0.12 -0.73 4.92
C GLN A 38 0.89 -1.77 4.43
N HIS A 39 0.43 -3.02 4.32
CA HIS A 39 1.29 -4.11 3.87
C HIS A 39 1.81 -3.84 2.45
N ALA A 40 0.91 -3.41 1.58
CA ALA A 40 1.28 -3.13 0.19
C ALA A 40 2.35 -2.05 0.12
N VAL A 41 2.22 -1.03 0.97
CA VAL A 41 3.18 0.06 1.01
C VAL A 41 4.51 -0.40 1.61
N GLN A 42 4.44 -1.33 2.54
CA GLN A 42 5.64 -1.86 3.19
C GLN A 42 6.51 -2.62 2.20
N TYR A 43 5.88 -3.43 1.37
CA TYR A 43 6.60 -4.21 0.37
C TYR A 43 7.04 -3.34 -0.80
N PHE A 44 6.19 -2.40 -1.19
CA PHE A 44 6.49 -1.50 -2.29
C PHE A 44 7.74 -0.68 -1.99
N LEU A 45 7.76 -0.05 -0.82
CA LEU A 45 8.90 0.76 -0.41
C LEU A 45 10.15 -0.09 -0.22
N HIS A 46 9.94 -1.34 0.19
CA HIS A 46 11.05 -2.26 0.41
C HIS A 46 11.83 -2.49 -0.88
N VAL A 47 11.11 -2.55 -2.00
CA VAL A 47 11.73 -2.77 -3.30
C VAL A 47 12.45 -1.51 -3.78
N VAL A 48 11.75 -0.38 -3.71
CA VAL A 48 12.32 0.89 -4.14
C VAL A 48 13.56 1.24 -3.34
N LYS A 49 13.53 0.92 -2.05
CA LYS A 49 14.66 1.20 -1.17
C LYS A 49 15.81 0.24 -1.44
N TYR A 50 15.50 -1.05 -1.54
CA TYR A 50 16.51 -2.07 -1.80
C TYR A 50 17.01 -1.99 -3.23
N GLU A 51 16.18 -2.41 -4.18
CA GLU A 51 16.55 -2.39 -5.59
C GLU A 51 15.31 -2.43 -6.48
N ALA A 52 14.86 -1.26 -6.92
CA ALA A 52 13.69 -1.17 -7.77
C ALA A 52 13.97 -1.74 -9.16
N GLN A 53 12.98 -1.66 -10.04
CA GLN A 53 13.12 -2.16 -11.40
C GLN A 53 13.84 -1.14 -12.28
N GLY A 54 13.46 0.12 -12.16
CA GLY A 54 14.08 1.16 -12.96
C GLY A 54 13.68 2.56 -12.50
N ASP A 55 14.14 3.57 -13.22
CA ASP A 55 13.83 4.95 -12.89
C ASP A 55 12.32 5.19 -12.95
N LYS A 56 11.74 4.99 -14.12
CA LYS A 56 10.31 5.17 -14.31
C LYS A 56 9.51 4.26 -13.38
N ALA A 57 10.06 3.09 -13.10
CA ALA A 57 9.40 2.13 -12.23
C ALA A 57 9.23 2.69 -10.82
N LYS A 58 10.29 3.30 -10.30
CA LYS A 58 10.25 3.87 -8.96
C LYS A 58 9.18 4.95 -8.86
N GLN A 59 9.09 5.79 -9.88
CA GLN A 59 8.09 6.86 -9.91
C GLN A 59 6.68 6.30 -9.83
N SER A 60 6.49 5.12 -10.42
CA SER A 60 5.18 4.47 -10.41
C SER A 60 4.80 4.02 -9.00
N ILE A 61 5.78 3.50 -8.27
CA ILE A 61 5.54 3.03 -6.92
C ILE A 61 5.33 4.20 -5.96
N ARG A 62 6.03 5.30 -6.22
CA ARG A 62 5.91 6.49 -5.38
C ARG A 62 4.49 7.01 -5.36
N ALA A 63 3.86 7.07 -6.55
CA ALA A 63 2.49 7.55 -6.65
C ALA A 63 1.52 6.56 -6.02
N LYS A 64 1.81 5.28 -6.13
CA LYS A 64 0.95 4.25 -5.58
C LYS A 64 1.10 4.18 -4.05
N CYS A 65 2.35 4.27 -3.59
CA CYS A 65 2.62 4.23 -2.16
C CYS A 65 1.93 5.36 -1.43
N THR A 66 1.76 6.49 -2.12
CA THR A 66 1.12 7.65 -1.53
C THR A 66 -0.40 7.54 -1.64
N GLU A 67 -0.87 6.88 -2.70
CA GLU A 67 -2.30 6.70 -2.91
C GLU A 67 -2.91 5.83 -1.82
N TYR A 68 -2.30 4.68 -1.57
CA TYR A 68 -2.79 3.76 -0.54
C TYR A 68 -2.57 4.34 0.85
N LEU A 69 -1.42 4.99 1.05
CA LEU A 69 -1.10 5.60 2.33
C LEU A 69 -2.13 6.65 2.73
N ASP A 70 -2.58 7.42 1.75
CA ASP A 70 -3.58 8.46 1.99
C ASP A 70 -4.91 7.86 2.41
N ARG A 71 -5.28 6.76 1.74
CA ARG A 71 -6.54 6.08 2.05
C ARG A 71 -6.48 5.41 3.41
N ALA A 72 -5.43 4.63 3.64
CA ALA A 72 -5.26 3.92 4.90
C ALA A 72 -5.05 4.90 6.05
N GLU A 73 -4.39 6.02 5.76
CA GLU A 73 -4.14 7.04 6.77
C GLU A 73 -5.44 7.58 7.34
N LYS A 74 -6.37 7.90 6.44
CA LYS A 74 -7.67 8.44 6.86
C LYS A 74 -8.53 7.36 7.50
N LEU A 75 -8.44 6.15 6.97
CA LEU A 75 -9.21 5.01 7.49
C LEU A 75 -8.87 4.77 8.96
N LYS A 76 -7.58 4.64 9.25
CA LYS A 76 -7.12 4.41 10.61
C LYS A 76 -7.44 5.60 11.51
N GLU A 77 -7.49 6.79 10.91
CA GLU A 77 -7.79 8.01 11.65
C GLU A 77 -9.10 7.90 12.40
N TYR A 78 -10.18 7.58 11.68
CA TYR A 78 -11.49 7.45 12.29
C TYR A 78 -11.60 6.14 13.07
N LEU A 79 -10.98 5.10 12.55
CA LEU A 79 -11.01 3.79 13.20
C LEU A 79 -10.39 3.86 14.60
N LYS A 80 -9.34 4.67 14.73
CA LYS A 80 -8.68 4.84 16.02
C LYS A 80 -9.43 5.79 16.92
N ASN A 81 -10.08 6.78 16.31
CA ASN A 81 -10.85 7.77 17.06
C ASN A 81 -12.09 7.13 17.69
N ASN A 10 10.39 -9.07 -1.96
CA ASN A 10 9.79 -8.00 -1.17
C ASN A 10 8.86 -7.14 -2.04
N LEU A 11 9.22 -7.00 -3.31
CA LEU A 11 8.41 -6.21 -4.24
C LEU A 11 7.10 -6.91 -4.55
N GLN A 12 7.18 -8.21 -4.80
CA GLN A 12 5.98 -9.00 -5.11
C GLN A 12 4.98 -8.96 -3.96
N LYS A 13 5.49 -8.85 -2.74
CA LYS A 13 4.65 -8.80 -1.56
C LYS A 13 3.95 -7.44 -1.45
N ALA A 14 4.64 -6.39 -1.87
CA ALA A 14 4.09 -5.04 -1.81
C ALA A 14 2.95 -4.87 -2.82
N ILE A 15 3.08 -5.52 -3.97
CA ILE A 15 2.06 -5.45 -5.00
C ILE A 15 0.87 -6.35 -4.68
N ASP A 16 1.18 -7.55 -4.20
CA ASP A 16 0.15 -8.52 -3.84
C ASP A 16 -0.77 -7.96 -2.76
N LEU A 17 -0.17 -7.36 -1.74
CA LEU A 17 -0.92 -6.79 -0.63
C LEU A 17 -1.61 -5.49 -1.06
N ALA A 18 -0.97 -4.75 -1.96
CA ALA A 18 -1.53 -3.50 -2.45
C ALA A 18 -2.79 -3.74 -3.27
N SER A 19 -2.73 -4.70 -4.18
CA SER A 19 -3.87 -5.04 -5.02
C SER A 19 -5.06 -5.48 -4.17
N LYS A 20 -4.81 -6.39 -3.23
CA LYS A 20 -5.86 -6.90 -2.36
C LYS A 20 -6.49 -5.76 -1.55
N ALA A 21 -5.65 -4.86 -1.06
CA ALA A 21 -6.11 -3.73 -0.27
C ALA A 21 -7.09 -2.87 -1.07
N ALA A 22 -6.71 -2.53 -2.29
CA ALA A 22 -7.55 -1.71 -3.15
C ALA A 22 -8.88 -2.40 -3.44
N GLN A 23 -8.84 -3.72 -3.56
CA GLN A 23 -10.04 -4.50 -3.83
C GLN A 23 -10.86 -4.69 -2.57
N GLU A 24 -10.17 -4.83 -1.44
CA GLU A 24 -10.84 -5.02 -0.16
C GLU A 24 -11.68 -3.80 0.21
N ASP A 25 -11.07 -2.62 0.16
CA ASP A 25 -11.75 -1.38 0.48
C ASP A 25 -12.94 -1.16 -0.45
N LYS A 26 -12.70 -1.26 -1.75
CA LYS A 26 -13.74 -1.06 -2.74
C LYS A 26 -14.85 -2.10 -2.58
N ALA A 27 -14.47 -3.29 -2.14
CA ALA A 27 -15.43 -4.37 -1.93
C ALA A 27 -16.28 -4.12 -0.69
N GLY A 28 -15.68 -3.45 0.30
CA GLY A 28 -16.40 -3.16 1.53
C GLY A 28 -15.52 -3.34 2.76
N ASN A 29 -14.54 -4.21 2.67
CA ASN A 29 -13.63 -4.46 3.78
C ASN A 29 -12.63 -3.32 3.93
N TYR A 30 -12.81 -2.51 4.98
CA TYR A 30 -11.93 -1.38 5.24
C TYR A 30 -10.83 -1.77 6.23
N GLU A 31 -11.20 -2.54 7.25
CA GLU A 31 -10.24 -2.97 8.25
C GLU A 31 -9.12 -3.79 7.62
N GLU A 32 -9.49 -4.83 6.90
CA GLU A 32 -8.51 -5.70 6.25
C GLU A 32 -7.71 -4.91 5.22
N ALA A 33 -8.38 -4.04 4.48
CA ALA A 33 -7.72 -3.23 3.46
C ALA A 33 -6.75 -2.25 4.08
N LEU A 34 -7.10 -1.72 5.26
CA LEU A 34 -6.26 -0.76 5.96
C LEU A 34 -4.91 -1.39 6.29
N GLN A 35 -4.93 -2.57 6.90
CA GLN A 35 -3.71 -3.28 7.27
C GLN A 35 -2.89 -3.63 6.04
N LEU A 36 -3.58 -3.88 4.93
CA LEU A 36 -2.91 -4.23 3.69
C LEU A 36 -2.23 -3.02 3.06
N TYR A 37 -2.90 -1.87 3.14
CA TYR A 37 -2.36 -0.63 2.59
C TYR A 37 -1.04 -0.26 3.26
N GLN A 38 -0.99 -0.43 4.58
CA GLN A 38 0.23 -0.11 5.33
C GLN A 38 1.34 -1.10 5.01
N HIS A 39 0.98 -2.37 4.89
CA HIS A 39 1.95 -3.42 4.58
C HIS A 39 2.61 -3.16 3.23
N ALA A 40 1.81 -2.78 2.23
CA ALA A 40 2.33 -2.51 0.90
C ALA A 40 3.34 -1.36 0.93
N VAL A 41 3.03 -0.33 1.70
CA VAL A 41 3.92 0.82 1.81
C VAL A 41 5.24 0.44 2.49
N GLN A 42 5.16 -0.49 3.44
CA GLN A 42 6.35 -0.95 4.16
C GLN A 42 7.31 -1.67 3.21
N TYR A 43 6.77 -2.61 2.43
CA TYR A 43 7.58 -3.37 1.49
C TYR A 43 8.04 -2.49 0.32
N PHE A 44 7.15 -1.61 -0.12
CA PHE A 44 7.45 -0.71 -1.23
C PHE A 44 8.64 0.18 -0.89
N LEU A 45 8.52 0.92 0.20
CA LEU A 45 9.58 1.83 0.64
C LEU A 45 10.87 1.06 0.92
N HIS A 46 10.72 -0.18 1.36
CA HIS A 46 11.87 -1.03 1.67
C HIS A 46 12.74 -1.24 0.44
N VAL A 47 12.08 -1.37 -0.72
CA VAL A 47 12.79 -1.58 -1.97
C VAL A 47 13.39 -0.28 -2.49
N VAL A 48 12.63 0.81 -2.39
CA VAL A 48 13.09 2.11 -2.84
C VAL A 48 14.25 2.61 -1.98
N LYS A 49 14.14 2.43 -0.67
CA LYS A 49 15.18 2.86 0.25
C LYS A 49 16.43 2.01 0.10
N TYR A 50 16.23 0.71 -0.12
CA TYR A 50 17.34 -0.22 -0.27
C TYR A 50 17.90 -0.17 -1.69
N GLU A 51 17.10 -0.64 -2.65
CA GLU A 51 17.51 -0.64 -4.05
C GLU A 51 16.34 -0.96 -4.96
N ALA A 52 15.77 0.07 -5.58
CA ALA A 52 14.64 -0.10 -6.47
C ALA A 52 15.09 -0.65 -7.82
N GLN A 53 14.13 -0.77 -8.75
CA GLN A 53 14.43 -1.29 -10.08
C GLN A 53 15.09 -0.21 -10.95
N GLY A 54 14.45 0.94 -11.03
CA GLY A 54 14.98 2.03 -11.83
C GLY A 54 14.30 3.36 -11.55
N ASP A 55 14.65 4.38 -12.32
CA ASP A 55 14.06 5.71 -12.14
C ASP A 55 12.55 5.67 -12.33
N LYS A 56 12.11 5.15 -13.48
CA LYS A 56 10.69 5.06 -13.78
C LYS A 56 9.98 4.18 -12.76
N ALA A 57 10.67 3.16 -12.26
CA ALA A 57 10.10 2.26 -11.28
C ALA A 57 9.85 2.96 -9.96
N LYS A 58 10.84 3.74 -9.52
CA LYS A 58 10.73 4.48 -8.26
C LYS A 58 9.55 5.44 -8.30
N GLN A 59 9.41 6.16 -9.41
CA GLN A 59 8.32 7.12 -9.56
C GLN A 59 6.97 6.43 -9.48
N SER A 60 6.92 5.18 -9.94
CA SER A 60 5.68 4.41 -9.91
C SER A 60 5.28 4.08 -8.47
N ILE A 61 6.26 3.65 -7.68
CA ILE A 61 6.02 3.30 -6.29
C ILE A 61 5.76 4.54 -5.45
N ARG A 62 6.43 5.63 -5.79
CA ARG A 62 6.28 6.89 -5.06
C ARG A 62 4.84 7.38 -5.12
N ALA A 63 4.23 7.30 -6.30
CA ALA A 63 2.86 7.73 -6.49
C ALA A 63 1.88 6.80 -5.77
N LYS A 64 2.20 5.51 -5.77
CA LYS A 64 1.36 4.51 -5.13
C LYS A 64 1.50 4.59 -3.61
N CYS A 65 2.73 4.74 -3.14
CA CYS A 65 3.00 4.82 -1.70
C CYS A 65 2.27 6.01 -1.08
N THR A 66 2.10 7.07 -1.88
CA THR A 66 1.41 8.27 -1.40
C THR A 66 -0.10 8.11 -1.51
N GLU A 67 -0.54 7.36 -2.51
CA GLU A 67 -1.96 7.13 -2.73
C GLU A 67 -2.53 6.19 -1.67
N TYR A 68 -1.83 5.08 -1.44
CA TYR A 68 -2.27 4.09 -0.47
C TYR A 68 -2.19 4.66 0.95
N LEU A 69 -1.12 5.40 1.23
CA LEU A 69 -0.92 6.00 2.54
C LEU A 69 -2.05 6.97 2.87
N ASP A 70 -2.53 7.67 1.86
CA ASP A 70 -3.61 8.63 2.04
C ASP A 70 -4.95 7.91 2.26
N ARG A 71 -5.14 6.82 1.54
CA ARG A 71 -6.36 6.04 1.64
C ARG A 71 -6.42 5.28 2.96
N ALA A 72 -5.26 4.85 3.44
CA ALA A 72 -5.17 4.11 4.69
C ALA A 72 -5.20 5.06 5.88
N GLU A 73 -4.60 6.24 5.72
CA GLU A 73 -4.56 7.24 6.77
C GLU A 73 -5.96 7.66 7.18
N LYS A 74 -6.81 7.91 6.20
CA LYS A 74 -8.18 8.33 6.46
C LYS A 74 -9.02 7.15 6.95
N LEU A 75 -8.76 5.97 6.40
CA LEU A 75 -9.49 4.76 6.78
C LEU A 75 -9.34 4.50 8.27
N LYS A 76 -8.10 4.47 8.74
CA LYS A 76 -7.82 4.22 10.15
C LYS A 76 -8.31 5.37 11.02
N GLU A 77 -8.34 6.57 10.43
CA GLU A 77 -8.80 7.76 11.15
C GLU A 77 -10.18 7.55 11.76
N TYR A 78 -11.15 7.21 10.91
CA TYR A 78 -12.51 6.99 11.38
C TYR A 78 -12.59 5.74 12.26
N LEU A 79 -11.80 4.73 11.91
CA LEU A 79 -11.79 3.49 12.67
C LEU A 79 -11.30 3.72 14.10
N LYS A 80 -10.36 4.64 14.24
CA LYS A 80 -9.81 4.97 15.57
C LYS A 80 -10.74 5.90 16.32
N ASN A 81 -11.46 6.75 15.59
CA ASN A 81 -12.39 7.69 16.20
C ASN A 81 -13.64 6.98 16.69
N ASN A 10 9.99 -9.48 -3.12
CA ASN A 10 9.42 -8.43 -2.28
C ASN A 10 8.55 -7.48 -3.12
N LEU A 11 8.93 -7.30 -4.38
CA LEU A 11 8.17 -6.42 -5.27
C LEU A 11 6.82 -7.04 -5.61
N GLN A 12 6.83 -8.30 -6.01
CA GLN A 12 5.59 -8.99 -6.37
C GLN A 12 4.63 -9.05 -5.18
N LYS A 13 5.19 -9.10 -3.98
CA LYS A 13 4.38 -9.14 -2.76
C LYS A 13 3.75 -7.79 -2.47
N ALA A 14 4.44 -6.72 -2.86
CA ALA A 14 3.95 -5.37 -2.64
C ALA A 14 2.81 -5.04 -3.61
N ILE A 15 2.91 -5.55 -4.83
CA ILE A 15 1.89 -5.31 -5.84
C ILE A 15 0.67 -6.20 -5.60
N ASP A 16 0.92 -7.46 -5.25
CA ASP A 16 -0.15 -8.41 -4.99
C ASP A 16 -1.03 -7.95 -3.84
N LEU A 17 -0.40 -7.53 -2.75
CA LEU A 17 -1.12 -7.05 -1.58
C LEU A 17 -1.78 -5.70 -1.85
N ALA A 18 -1.12 -4.88 -2.66
CA ALA A 18 -1.65 -3.56 -2.99
C ALA A 18 -2.92 -3.67 -3.81
N SER A 19 -2.90 -4.52 -4.84
CA SER A 19 -4.06 -4.73 -5.69
C SER A 19 -5.22 -5.31 -4.90
N LYS A 20 -4.92 -6.27 -4.03
CA LYS A 20 -5.94 -6.90 -3.21
C LYS A 20 -6.51 -5.93 -2.18
N ALA A 21 -5.68 -5.01 -1.71
CA ALA A 21 -6.09 -4.02 -0.73
C ALA A 21 -7.08 -3.03 -1.34
N ALA A 22 -6.74 -2.51 -2.52
CA ALA A 22 -7.60 -1.56 -3.20
C ALA A 22 -8.97 -2.16 -3.50
N GLN A 23 -8.99 -3.45 -3.78
CA GLN A 23 -10.23 -4.15 -4.07
C GLN A 23 -11.03 -4.40 -2.81
N GLU A 24 -10.34 -4.60 -1.70
CA GLU A 24 -10.98 -4.85 -0.41
C GLU A 24 -11.72 -3.60 0.08
N ASP A 25 -11.01 -2.47 0.08
CA ASP A 25 -11.60 -1.21 0.53
C ASP A 25 -12.70 -0.75 -0.42
N LYS A 26 -12.49 -0.97 -1.71
CA LYS A 26 -13.48 -0.58 -2.72
C LYS A 26 -14.75 -1.40 -2.57
N ALA A 27 -14.59 -2.67 -2.22
CA ALA A 27 -15.73 -3.57 -2.04
C ALA A 27 -16.49 -3.24 -0.77
N GLY A 28 -15.77 -3.00 0.31
CA GLY A 28 -16.40 -2.69 1.58
C GLY A 28 -15.50 -2.98 2.75
N ASN A 29 -14.64 -3.98 2.62
CA ASN A 29 -13.72 -4.36 3.69
C ASN A 29 -12.65 -3.30 3.88
N TYR A 30 -12.64 -2.67 5.05
CA TYR A 30 -11.67 -1.63 5.36
C TYR A 30 -10.59 -2.16 6.28
N GLU A 31 -10.99 -2.98 7.25
CA GLU A 31 -10.05 -3.57 8.20
C GLU A 31 -8.99 -4.41 7.48
N GLU A 32 -9.44 -5.26 6.57
CA GLU A 32 -8.54 -6.12 5.82
C GLU A 32 -7.74 -5.31 4.81
N ALA A 33 -8.36 -4.27 4.25
CA ALA A 33 -7.70 -3.42 3.28
C ALA A 33 -6.65 -2.54 3.94
N LEU A 34 -6.95 -2.09 5.16
CA LEU A 34 -6.03 -1.24 5.90
C LEU A 34 -4.71 -1.95 6.15
N GLN A 35 -4.77 -3.13 6.76
CA GLN A 35 -3.59 -3.92 7.05
C GLN A 35 -2.84 -4.27 5.77
N LEU A 36 -3.58 -4.43 4.68
CA LEU A 36 -2.99 -4.77 3.39
C LEU A 36 -2.26 -3.57 2.79
N TYR A 37 -2.84 -2.39 2.96
CA TYR A 37 -2.26 -1.16 2.44
C TYR A 37 -0.88 -0.92 3.05
N GLN A 38 -0.75 -1.24 4.33
CA GLN A 38 0.52 -1.05 5.04
C GLN A 38 1.56 -2.05 4.55
N HIS A 39 1.12 -3.29 4.33
CA HIS A 39 2.02 -4.35 3.86
C HIS A 39 2.63 -3.98 2.51
N ALA A 40 1.80 -3.47 1.61
CA ALA A 40 2.27 -3.08 0.28
C ALA A 40 3.35 -2.02 0.37
N VAL A 41 3.12 -1.01 1.20
CA VAL A 41 4.06 0.07 1.37
C VAL A 41 5.37 -0.43 1.97
N GLN A 42 5.26 -1.40 2.87
CA GLN A 42 6.43 -1.98 3.53
C GLN A 42 7.35 -2.66 2.51
N TYR A 43 6.76 -3.51 1.68
CA TYR A 43 7.53 -4.22 0.67
C TYR A 43 7.96 -3.28 -0.46
N PHE A 44 7.08 -2.33 -0.79
CA PHE A 44 7.38 -1.37 -1.85
C PHE A 44 8.60 -0.54 -1.50
N LEU A 45 8.57 0.11 -0.34
CA LEU A 45 9.70 0.93 0.10
C LEU A 45 10.96 0.10 0.24
N HIS A 46 10.79 -1.17 0.60
CA HIS A 46 11.93 -2.08 0.77
C HIS A 46 12.70 -2.23 -0.54
N VAL A 47 11.98 -2.22 -1.66
CA VAL A 47 12.60 -2.36 -2.97
C VAL A 47 13.28 -1.06 -3.39
N VAL A 48 12.54 0.05 -3.34
CA VAL A 48 13.07 1.34 -3.72
C VAL A 48 14.27 1.71 -2.85
N LYS A 49 14.20 1.35 -1.57
CA LYS A 49 15.28 1.64 -0.64
C LYS A 49 16.49 0.75 -0.89
N TYR A 50 16.22 -0.52 -1.18
CA TYR A 50 17.29 -1.49 -1.45
C TYR A 50 17.80 -1.35 -2.88
N GLU A 51 17.00 -1.81 -3.84
CA GLU A 51 17.37 -1.74 -5.24
C GLU A 51 16.15 -1.87 -6.14
N ALA A 52 15.63 -0.73 -6.59
CA ALA A 52 14.46 -0.70 -7.46
C ALA A 52 14.82 -1.15 -8.87
N GLN A 53 13.84 -1.09 -9.77
CA GLN A 53 14.05 -1.49 -11.16
C GLN A 53 14.69 -0.35 -11.95
N GLY A 54 14.13 0.84 -11.84
CA GLY A 54 14.67 1.99 -12.55
C GLY A 54 14.02 3.29 -12.13
N ASP A 55 14.32 4.36 -12.85
CA ASP A 55 13.76 5.67 -12.56
C ASP A 55 12.24 5.64 -12.65
N LYS A 56 11.74 5.18 -13.79
CA LYS A 56 10.29 5.10 -14.01
C LYS A 56 9.63 4.20 -12.97
N ALA A 57 10.36 3.19 -12.52
CA ALA A 57 9.86 2.25 -11.53
C ALA A 57 9.81 2.88 -10.15
N LYS A 58 10.88 3.56 -9.78
CA LYS A 58 10.97 4.22 -8.48
C LYS A 58 9.86 5.26 -8.33
N GLN A 59 9.76 6.15 -9.31
CA GLN A 59 8.74 7.20 -9.29
C GLN A 59 7.34 6.60 -9.24
N SER A 60 7.17 5.45 -9.88
CA SER A 60 5.88 4.77 -9.90
C SER A 60 5.48 4.30 -8.51
N ILE A 61 6.42 3.70 -7.81
CA ILE A 61 6.17 3.20 -6.45
C ILE A 61 6.05 4.35 -5.46
N ARG A 62 6.81 5.41 -5.70
CA ARG A 62 6.80 6.58 -4.83
C ARG A 62 5.39 7.18 -4.76
N ALA A 63 4.80 7.40 -5.92
CA ALA A 63 3.46 7.98 -6.01
C ALA A 63 2.42 7.01 -5.45
N LYS A 64 2.68 5.72 -5.61
CA LYS A 64 1.76 4.69 -5.12
C LYS A 64 1.86 4.55 -3.61
N CYS A 65 3.08 4.56 -3.09
CA CYS A 65 3.31 4.42 -1.66
C CYS A 65 2.64 5.56 -0.90
N THR A 66 2.55 6.72 -1.53
CA THR A 66 1.93 7.89 -0.92
C THR A 66 0.42 7.85 -1.07
N GLU A 67 -0.05 7.26 -2.17
CA GLU A 67 -1.48 7.16 -2.43
C GLU A 67 -2.13 6.16 -1.49
N TYR A 68 -1.52 4.98 -1.37
CA TYR A 68 -2.05 3.93 -0.50
C TYR A 68 -1.96 4.35 0.96
N LEU A 69 -0.83 4.93 1.35
CA LEU A 69 -0.63 5.38 2.71
C LEU A 69 -1.67 6.42 3.12
N ASP A 70 -2.07 7.25 2.15
CA ASP A 70 -3.08 8.28 2.40
C ASP A 70 -4.43 7.66 2.74
N ARG A 71 -4.79 6.63 1.99
CA ARG A 71 -6.07 5.94 2.20
C ARG A 71 -6.02 5.08 3.45
N ALA A 72 -4.86 4.48 3.70
CA ALA A 72 -4.68 3.62 4.87
C ALA A 72 -4.50 4.45 6.14
N GLU A 73 -3.80 5.57 6.01
CA GLU A 73 -3.55 6.45 7.15
C GLU A 73 -4.87 6.96 7.73
N LYS A 74 -5.75 7.43 6.86
CA LYS A 74 -7.04 7.95 7.29
C LYS A 74 -7.95 6.81 7.76
N LEU A 75 -7.83 5.66 7.13
CA LEU A 75 -8.64 4.50 7.49
C LEU A 75 -8.37 4.08 8.93
N LYS A 76 -7.10 3.89 9.25
CA LYS A 76 -6.71 3.48 10.60
C LYS A 76 -6.98 4.60 11.61
N GLU A 77 -6.96 5.84 11.13
CA GLU A 77 -7.20 6.99 11.99
C GLU A 77 -8.55 6.88 12.69
N TYR A 78 -9.61 6.66 11.91
CA TYR A 78 -10.95 6.55 12.46
C TYR A 78 -11.15 5.18 13.11
N LEU A 79 -10.56 4.16 12.51
CA LEU A 79 -10.68 2.80 13.03
C LEU A 79 -10.12 2.70 14.45
N LYS A 80 -8.97 3.33 14.66
CA LYS A 80 -8.33 3.33 15.97
C LYS A 80 -9.08 4.22 16.95
N ASN A 81 -9.57 5.34 16.45
CA ASN A 81 -10.32 6.28 17.28
C ASN A 81 -11.57 5.63 17.87
N ASN A 10 9.43 -9.84 -4.68
CA ASN A 10 9.00 -8.90 -3.66
C ASN A 10 8.12 -7.81 -4.25
N LEU A 11 8.45 -7.39 -5.47
CA LEU A 11 7.69 -6.35 -6.15
C LEU A 11 6.35 -6.88 -6.64
N GLN A 12 6.34 -8.13 -7.09
CA GLN A 12 5.12 -8.76 -7.58
C GLN A 12 4.06 -8.80 -6.49
N LYS A 13 4.46 -9.20 -5.29
CA LYS A 13 3.53 -9.28 -4.17
C LYS A 13 3.07 -7.89 -3.73
N ALA A 14 3.96 -6.91 -3.86
CA ALA A 14 3.65 -5.54 -3.49
C ALA A 14 2.47 -5.00 -4.31
N ILE A 15 2.44 -5.35 -5.60
CA ILE A 15 1.39 -4.90 -6.49
C ILE A 15 0.12 -5.72 -6.27
N ASP A 16 0.29 -6.98 -5.90
CA ASP A 16 -0.85 -7.87 -5.65
C ASP A 16 -1.61 -7.46 -4.40
N LEU A 17 -0.86 -7.18 -3.33
CA LEU A 17 -1.46 -6.78 -2.07
C LEU A 17 -2.11 -5.39 -2.19
N ALA A 18 -1.44 -4.49 -2.88
CA ALA A 18 -1.95 -3.14 -3.07
C ALA A 18 -3.29 -3.15 -3.79
N SER A 19 -3.37 -3.91 -4.87
CA SER A 19 -4.59 -4.01 -5.65
C SER A 19 -5.72 -4.64 -4.83
N LYS A 20 -5.37 -5.64 -4.02
CA LYS A 20 -6.34 -6.32 -3.17
C LYS A 20 -6.76 -5.43 -2.00
N ALA A 21 -5.81 -4.63 -1.51
CA ALA A 21 -6.09 -3.74 -0.39
C ALA A 21 -7.06 -2.63 -0.79
N ALA A 22 -6.77 -1.97 -1.92
CA ALA A 22 -7.62 -0.89 -2.41
C ALA A 22 -9.03 -1.39 -2.68
N GLN A 23 -9.13 -2.63 -3.17
CA GLN A 23 -10.43 -3.22 -3.48
C GLN A 23 -11.14 -3.65 -2.21
N GLU A 24 -10.37 -4.05 -1.20
CA GLU A 24 -10.93 -4.48 0.06
C GLU A 24 -11.58 -3.32 0.81
N ASP A 25 -10.82 -2.25 0.98
CA ASP A 25 -11.31 -1.07 1.68
C ASP A 25 -12.47 -0.44 0.92
N LYS A 26 -12.36 -0.40 -0.41
CA LYS A 26 -13.40 0.17 -1.25
C LYS A 26 -14.67 -0.67 -1.20
N ALA A 27 -14.49 -1.97 -1.02
CA ALA A 27 -15.63 -2.88 -0.96
C ALA A 27 -16.30 -2.82 0.41
N GLY A 28 -15.53 -2.54 1.44
CA GLY A 28 -16.06 -2.45 2.78
C GLY A 28 -15.10 -2.97 3.83
N ASN A 29 -14.25 -3.91 3.44
CA ASN A 29 -13.27 -4.49 4.35
C ASN A 29 -12.16 -3.49 4.65
N TYR A 30 -12.19 -2.92 5.85
CA TYR A 30 -11.18 -1.96 6.26
C TYR A 30 -10.07 -2.63 7.06
N GLU A 31 -10.46 -3.55 7.94
CA GLU A 31 -9.49 -4.28 8.77
C GLU A 31 -8.52 -5.06 7.90
N GLU A 32 -9.06 -5.95 7.07
CA GLU A 32 -8.23 -6.77 6.19
C GLU A 32 -7.42 -5.90 5.24
N ALA A 33 -8.02 -4.78 4.83
CA ALA A 33 -7.36 -3.86 3.92
C ALA A 33 -6.20 -3.13 4.60
N LEU A 34 -6.39 -2.82 5.88
CA LEU A 34 -5.37 -2.12 6.65
C LEU A 34 -4.08 -2.94 6.71
N GLN A 35 -4.21 -4.22 7.07
CA GLN A 35 -3.06 -5.11 7.17
C GLN A 35 -2.41 -5.31 5.80
N LEU A 36 -3.23 -5.29 4.75
CA LEU A 36 -2.74 -5.47 3.39
C LEU A 36 -1.99 -4.23 2.91
N TYR A 37 -2.50 -3.06 3.30
CA TYR A 37 -1.88 -1.79 2.90
C TYR A 37 -0.45 -1.70 3.43
N GLN A 38 -0.24 -2.20 4.65
CA GLN A 38 1.08 -2.18 5.27
C GLN A 38 2.03 -3.15 4.56
N HIS A 39 1.51 -4.31 4.20
CA HIS A 39 2.31 -5.33 3.51
C HIS A 39 2.86 -4.79 2.19
N ALA A 40 1.99 -4.13 1.43
CA ALA A 40 2.39 -3.57 0.14
C ALA A 40 3.52 -2.55 0.31
N VAL A 41 3.39 -1.70 1.31
CA VAL A 41 4.38 -0.67 1.58
C VAL A 41 5.70 -1.30 2.02
N GLN A 42 5.62 -2.43 2.73
CA GLN A 42 6.81 -3.13 3.20
C GLN A 42 7.64 -3.64 2.03
N TYR A 43 6.98 -4.33 1.10
CA TYR A 43 7.66 -4.87 -0.07
C TYR A 43 8.05 -3.77 -1.03
N PHE A 44 7.18 -2.77 -1.18
CA PHE A 44 7.43 -1.64 -2.07
C PHE A 44 8.70 -0.91 -1.67
N LEU A 45 8.73 -0.42 -0.43
CA LEU A 45 9.89 0.31 0.08
C LEU A 45 11.13 -0.56 0.05
N HIS A 46 10.95 -1.86 0.24
CA HIS A 46 12.06 -2.81 0.24
C HIS A 46 12.74 -2.83 -1.13
N VAL A 47 11.95 -2.76 -2.18
CA VAL A 47 12.49 -2.77 -3.54
C VAL A 47 13.16 -1.44 -3.88
N VAL A 48 12.52 -0.34 -3.50
CA VAL A 48 13.06 0.99 -3.76
C VAL A 48 14.31 1.24 -2.94
N LYS A 49 14.32 0.74 -1.70
CA LYS A 49 15.45 0.91 -0.81
C LYS A 49 16.62 0.01 -1.23
N TYR A 50 16.28 -1.15 -1.78
CA TYR A 50 17.30 -2.10 -2.22
C TYR A 50 17.75 -1.79 -3.65
N GLU A 51 16.88 -2.06 -4.61
CA GLU A 51 17.18 -1.81 -6.01
C GLU A 51 15.90 -1.82 -6.86
N ALA A 52 15.36 -0.63 -7.09
CA ALA A 52 14.14 -0.50 -7.88
C ALA A 52 14.43 -0.69 -9.37
N GLN A 53 13.40 -0.51 -10.19
CA GLN A 53 13.55 -0.67 -11.63
C GLN A 53 14.29 0.52 -12.24
N GLY A 54 13.85 1.72 -11.90
CA GLY A 54 14.49 2.92 -12.41
C GLY A 54 14.01 4.18 -11.71
N ASP A 55 14.42 5.33 -12.22
CA ASP A 55 14.04 6.61 -11.64
C ASP A 55 12.52 6.78 -11.66
N LYS A 56 11.93 6.63 -12.84
CA LYS A 56 10.49 6.77 -13.00
C LYS A 56 9.75 5.75 -12.15
N ALA A 57 10.33 4.55 -12.02
CA ALA A 57 9.72 3.49 -11.24
C ALA A 57 9.68 3.85 -9.76
N LYS A 58 10.78 4.38 -9.25
CA LYS A 58 10.86 4.78 -7.85
C LYS A 58 9.83 5.85 -7.52
N GLN A 59 9.69 6.83 -8.41
CA GLN A 59 8.73 7.91 -8.22
C GLN A 59 7.31 7.36 -8.13
N SER A 60 7.04 6.28 -8.86
CA SER A 60 5.72 5.66 -8.85
C SER A 60 5.43 5.00 -7.51
N ILE A 61 6.45 4.36 -6.94
CA ILE A 61 6.29 3.68 -5.66
C ILE A 61 6.23 4.69 -4.51
N ARG A 62 6.97 5.79 -4.66
CA ARG A 62 7.00 6.83 -3.64
C ARG A 62 5.60 7.41 -3.41
N ALA A 63 4.91 7.72 -4.50
CA ALA A 63 3.57 8.28 -4.42
C ALA A 63 2.58 7.25 -3.90
N LYS A 64 2.80 5.99 -4.27
CA LYS A 64 1.92 4.90 -3.83
C LYS A 64 2.15 4.57 -2.36
N CYS A 65 3.42 4.51 -1.97
CA CYS A 65 3.77 4.20 -0.59
C CYS A 65 3.19 5.22 0.38
N THR A 66 3.05 6.46 -0.10
CA THR A 66 2.50 7.53 0.72
C THR A 66 0.97 7.52 0.68
N GLU A 67 0.42 7.09 -0.45
CA GLU A 67 -1.03 7.03 -0.62
C GLU A 67 -1.63 5.95 0.27
N TYR A 68 -1.04 4.76 0.25
CA TYR A 68 -1.51 3.65 1.06
C TYR A 68 -1.26 3.89 2.54
N LEU A 69 -0.08 4.43 2.85
CA LEU A 69 0.30 4.72 4.23
C LEU A 69 -0.68 5.72 4.85
N ASP A 70 -1.10 6.70 4.07
CA ASP A 70 -2.03 7.71 4.55
C ASP A 70 -3.41 7.12 4.78
N ARG A 71 -3.84 6.26 3.86
CA ARG A 71 -5.15 5.62 3.97
C ARG A 71 -5.17 4.61 5.12
N ALA A 72 -4.15 3.76 5.16
CA ALA A 72 -4.05 2.74 6.20
C ALA A 72 -3.90 3.38 7.58
N GLU A 73 -3.19 4.49 7.63
CA GLU A 73 -2.97 5.21 8.89
C GLU A 73 -4.29 5.72 9.46
N LYS A 74 -5.16 6.19 8.57
CA LYS A 74 -6.46 6.71 8.98
C LYS A 74 -7.35 5.60 9.51
N LEU A 75 -7.26 4.43 8.91
CA LEU A 75 -8.06 3.28 9.32
C LEU A 75 -7.72 2.87 10.75
N LYS A 76 -6.43 2.67 11.02
CA LYS A 76 -5.98 2.28 12.34
C LYS A 76 -6.27 3.38 13.35
N GLU A 77 -6.30 4.61 12.90
CA GLU A 77 -6.56 5.76 13.76
C GLU A 77 -7.92 5.61 14.45
N TYR A 78 -8.96 5.37 13.66
CA TYR A 78 -10.30 5.21 14.21
C TYR A 78 -10.53 3.79 14.71
N LEU A 79 -9.97 2.82 13.99
CA LEU A 79 -10.12 1.42 14.36
C LEU A 79 -9.54 1.16 15.75
N LYS A 80 -8.50 1.90 16.10
CA LYS A 80 -7.86 1.75 17.39
C LYS A 80 -8.58 2.57 18.45
N ASN A 81 -9.05 3.75 18.07
CA ASN A 81 -9.75 4.63 18.98
C ASN A 81 -11.08 4.02 19.41
N ASN A 10 9.71 -8.98 -3.88
CA ASN A 10 9.11 -8.04 -2.94
C ASN A 10 8.14 -7.10 -3.65
N LEU A 11 8.42 -6.80 -4.91
CA LEU A 11 7.57 -5.91 -5.70
C LEU A 11 6.23 -6.57 -5.99
N GLN A 12 6.27 -7.83 -6.41
CA GLN A 12 5.05 -8.58 -6.72
C GLN A 12 4.14 -8.67 -5.50
N LYS A 13 4.75 -8.71 -4.32
CA LYS A 13 3.99 -8.80 -3.08
C LYS A 13 3.34 -7.47 -2.74
N ALA A 14 3.98 -6.38 -3.12
CA ALA A 14 3.46 -5.05 -2.87
C ALA A 14 2.25 -4.75 -3.74
N ILE A 15 2.26 -5.27 -4.96
CA ILE A 15 1.16 -5.07 -5.89
C ILE A 15 -0.02 -5.97 -5.56
N ASP A 16 0.28 -7.20 -5.14
CA ASP A 16 -0.76 -8.16 -4.78
C ASP A 16 -1.61 -7.64 -3.64
N LEU A 17 -0.96 -7.10 -2.61
CA LEU A 17 -1.67 -6.56 -1.46
C LEU A 17 -2.34 -5.24 -1.80
N ALA A 18 -1.68 -4.44 -2.62
CA ALA A 18 -2.22 -3.14 -3.02
C ALA A 18 -3.54 -3.30 -3.73
N SER A 19 -3.60 -4.22 -4.68
CA SER A 19 -4.82 -4.47 -5.44
C SER A 19 -5.91 -5.06 -4.55
N LYS A 20 -5.52 -5.99 -3.69
CA LYS A 20 -6.47 -6.63 -2.78
C LYS A 20 -6.96 -5.63 -1.73
N ALA A 21 -6.07 -4.74 -1.30
CA ALA A 21 -6.41 -3.74 -0.29
C ALA A 21 -7.42 -2.74 -0.84
N ALA A 22 -7.15 -2.23 -2.04
CA ALA A 22 -8.04 -1.26 -2.67
C ALA A 22 -9.43 -1.85 -2.88
N GLN A 23 -9.48 -3.15 -3.11
CA GLN A 23 -10.75 -3.83 -3.33
C GLN A 23 -11.50 -4.02 -2.01
N GLU A 24 -10.75 -4.18 -0.93
CA GLU A 24 -11.34 -4.38 0.39
C GLU A 24 -12.08 -3.13 0.85
N ASP A 25 -11.37 -1.99 0.81
CA ASP A 25 -11.96 -0.72 1.22
C ASP A 25 -13.15 -0.35 0.33
N LYS A 26 -12.97 -0.52 -0.98
CA LYS A 26 -14.03 -0.21 -1.94
C LYS A 26 -15.19 -1.18 -1.79
N ALA A 27 -14.88 -2.41 -1.41
CA ALA A 27 -15.90 -3.44 -1.25
C ALA A 27 -16.70 -3.22 0.02
N GLY A 28 -16.01 -2.86 1.10
CA GLY A 28 -16.68 -2.62 2.36
C GLY A 28 -15.78 -2.85 3.55
N ASN A 29 -14.82 -3.75 3.40
CA ASN A 29 -13.88 -4.07 4.48
C ASN A 29 -12.87 -2.94 4.65
N TYR A 30 -12.83 -2.36 5.85
CA TYR A 30 -11.91 -1.28 6.15
C TYR A 30 -10.76 -1.77 7.03
N GLU A 31 -11.09 -2.61 8.01
CA GLU A 31 -10.09 -3.14 8.92
C GLU A 31 -9.02 -3.94 8.16
N GLU A 32 -9.47 -4.90 7.35
CA GLU A 32 -8.56 -5.73 6.57
C GLU A 32 -7.77 -4.88 5.59
N ALA A 33 -8.45 -3.91 4.98
CA ALA A 33 -7.81 -3.02 4.01
C ALA A 33 -6.69 -2.21 4.66
N LEU A 34 -6.91 -1.80 5.91
CA LEU A 34 -5.93 -1.02 6.64
C LEU A 34 -4.61 -1.79 6.79
N GLN A 35 -4.72 -3.04 7.23
CA GLN A 35 -3.54 -3.88 7.42
C GLN A 35 -2.89 -4.20 6.08
N LEU A 36 -3.71 -4.29 5.02
CA LEU A 36 -3.20 -4.59 3.69
C LEU A 36 -2.50 -3.37 3.09
N TYR A 37 -3.09 -2.20 3.29
CA TYR A 37 -2.52 -0.96 2.77
C TYR A 37 -1.11 -0.72 3.33
N GLN A 38 -0.93 -1.03 4.61
CA GLN A 38 0.36 -0.86 5.27
C GLN A 38 1.39 -1.82 4.70
N HIS A 39 0.98 -3.07 4.47
CA HIS A 39 1.87 -4.08 3.94
C HIS A 39 2.37 -3.69 2.55
N ALA A 40 1.46 -3.20 1.72
CA ALA A 40 1.81 -2.78 0.37
C ALA A 40 2.84 -1.67 0.39
N VAL A 41 2.65 -0.70 1.27
CA VAL A 41 3.58 0.42 1.39
C VAL A 41 4.95 -0.04 1.89
N GLN A 42 4.94 -1.06 2.75
CA GLN A 42 6.18 -1.59 3.29
C GLN A 42 7.04 -2.23 2.20
N TYR A 43 6.41 -3.09 1.40
CA TYR A 43 7.11 -3.77 0.31
C TYR A 43 7.48 -2.79 -0.79
N PHE A 44 6.59 -1.84 -1.05
CA PHE A 44 6.83 -0.83 -2.09
C PHE A 44 8.06 0.01 -1.75
N LEU A 45 8.03 0.65 -0.58
CA LEU A 45 9.14 1.49 -0.14
C LEU A 45 10.42 0.67 -0.03
N HIS A 46 10.29 -0.60 0.31
CA HIS A 46 11.44 -1.49 0.45
C HIS A 46 12.19 -1.61 -0.88
N VAL A 47 11.44 -1.60 -1.98
CA VAL A 47 12.02 -1.72 -3.31
C VAL A 47 12.62 -0.39 -3.76
N VAL A 48 11.88 0.69 -3.52
CA VAL A 48 12.32 2.02 -3.91
C VAL A 48 13.55 2.45 -3.10
N LYS A 49 13.55 2.11 -1.81
CA LYS A 49 14.65 2.46 -0.93
C LYS A 49 15.89 1.60 -1.24
N TYR A 50 15.64 0.37 -1.66
CA TYR A 50 16.73 -0.55 -1.98
C TYR A 50 17.18 -0.38 -3.43
N GLU A 51 16.31 -0.76 -4.36
CA GLU A 51 16.61 -0.64 -5.78
C GLU A 51 15.36 -0.84 -6.63
N ALA A 52 14.73 0.26 -7.01
CA ALA A 52 13.52 0.20 -7.83
C ALA A 52 13.80 -0.37 -9.21
N GLN A 53 12.82 -0.28 -10.10
CA GLN A 53 12.97 -0.79 -11.45
C GLN A 53 13.58 0.27 -12.38
N GLY A 54 13.15 1.51 -12.20
CA GLY A 54 13.65 2.60 -13.02
C GLY A 54 13.19 3.95 -12.53
N ASP A 55 13.58 5.00 -13.26
CA ASP A 55 13.19 6.37 -12.90
C ASP A 55 11.67 6.52 -12.92
N LYS A 56 11.05 6.09 -14.01
CA LYS A 56 9.60 6.18 -14.15
C LYS A 56 8.90 5.23 -13.18
N ALA A 57 9.54 4.09 -12.91
CA ALA A 57 8.97 3.11 -12.01
C ALA A 57 8.90 3.64 -10.58
N LYS A 58 9.96 4.30 -10.14
CA LYS A 58 10.01 4.87 -8.80
C LYS A 58 8.90 5.89 -8.60
N GLN A 59 8.73 6.77 -9.58
CA GLN A 59 7.71 7.81 -9.52
C GLN A 59 6.32 7.20 -9.39
N SER A 60 6.14 6.03 -10.00
CA SER A 60 4.85 5.34 -9.96
C SER A 60 4.55 4.86 -8.54
N ILE A 61 5.56 4.32 -7.87
CA ILE A 61 5.40 3.83 -6.51
C ILE A 61 5.26 4.97 -5.52
N ARG A 62 5.95 6.07 -5.79
CA ARG A 62 5.90 7.25 -4.92
C ARG A 62 4.47 7.79 -4.81
N ALA A 63 3.79 7.87 -5.95
CA ALA A 63 2.43 8.37 -5.97
C ALA A 63 1.47 7.37 -5.31
N LYS A 64 1.75 6.09 -5.48
CA LYS A 64 0.91 5.05 -4.90
C LYS A 64 1.14 4.94 -3.40
N CYS A 65 2.41 5.02 -2.99
CA CYS A 65 2.77 4.93 -1.58
C CYS A 65 2.11 6.06 -0.78
N THR A 66 1.92 7.20 -1.44
CA THR A 66 1.31 8.35 -0.79
C THR A 66 -0.22 8.26 -0.83
N GLU A 67 -0.74 7.63 -1.88
CA GLU A 67 -2.17 7.47 -2.04
C GLU A 67 -2.72 6.44 -1.05
N TYR A 68 -2.05 5.29 -0.97
CA TYR A 68 -2.48 4.23 -0.06
C TYR A 68 -2.28 4.65 1.39
N LEU A 69 -1.16 5.31 1.66
CA LEU A 69 -0.85 5.78 3.01
C LEU A 69 -1.91 6.74 3.51
N ASP A 70 -2.43 7.56 2.61
CA ASP A 70 -3.47 8.53 2.97
C ASP A 70 -4.76 7.83 3.34
N ARG A 71 -5.14 6.83 2.56
CA ARG A 71 -6.36 6.08 2.81
C ARG A 71 -6.25 5.28 4.11
N ALA A 72 -5.18 4.51 4.24
CA ALA A 72 -4.95 3.71 5.44
C ALA A 72 -4.89 4.58 6.68
N GLU A 73 -4.26 5.74 6.55
CA GLU A 73 -4.12 6.67 7.68
C GLU A 73 -5.50 7.10 8.18
N LYS A 74 -6.42 7.28 7.25
CA LYS A 74 -7.78 7.71 7.60
C LYS A 74 -8.54 6.58 8.27
N LEU A 75 -8.43 5.37 7.71
CA LEU A 75 -9.12 4.21 8.26
C LEU A 75 -8.70 3.96 9.71
N LYS A 76 -7.39 3.90 9.93
CA LYS A 76 -6.87 3.68 11.27
C LYS A 76 -7.25 4.82 12.21
N GLU A 77 -7.44 6.01 11.64
CA GLU A 77 -7.81 7.17 12.42
C GLU A 77 -9.10 6.93 13.19
N TYR A 78 -10.15 6.55 12.47
CA TYR A 78 -11.44 6.29 13.10
C TYR A 78 -11.46 4.92 13.78
N LEU A 79 -10.73 3.98 13.20
CA LEU A 79 -10.66 2.63 13.74
C LEU A 79 -9.90 2.62 15.07
N LYS A 80 -8.90 3.47 15.17
CA LYS A 80 -8.10 3.56 16.38
C LYS A 80 -8.76 4.45 17.42
N ASN A 81 -9.47 5.47 16.94
CA ASN A 81 -10.16 6.40 17.82
C ASN A 81 -11.34 5.73 18.51
N ASN A 10 8.77 -9.39 -2.99
CA ASN A 10 8.18 -8.43 -2.06
C ASN A 10 7.25 -7.46 -2.78
N LEU A 11 7.60 -7.14 -4.03
CA LEU A 11 6.80 -6.23 -4.84
C LEU A 11 5.51 -6.89 -5.30
N GLN A 12 5.59 -8.19 -5.61
CA GLN A 12 4.42 -8.94 -6.06
C GLN A 12 3.32 -8.92 -5.01
N LYS A 13 3.72 -9.05 -3.75
CA LYS A 13 2.77 -9.06 -2.64
C LYS A 13 2.20 -7.66 -2.40
N ALA A 14 3.04 -6.65 -2.61
CA ALA A 14 2.61 -5.27 -2.42
C ALA A 14 1.45 -4.92 -3.34
N ILE A 15 1.48 -5.44 -4.55
CA ILE A 15 0.44 -5.18 -5.52
C ILE A 15 -0.80 -6.01 -5.24
N ASP A 16 -0.59 -7.20 -4.68
CA ASP A 16 -1.69 -8.10 -4.36
C ASP A 16 -2.49 -7.57 -3.17
N LEU A 17 -1.78 -7.11 -2.14
CA LEU A 17 -2.44 -6.57 -0.95
C LEU A 17 -3.16 -5.27 -1.26
N ALA A 18 -2.54 -4.42 -2.07
CA ALA A 18 -3.13 -3.15 -2.45
C ALA A 18 -4.40 -3.35 -3.25
N SER A 19 -4.35 -4.24 -4.24
CA SER A 19 -5.51 -4.53 -5.08
C SER A 19 -6.66 -5.07 -4.24
N LYS A 20 -6.35 -5.96 -3.31
CA LYS A 20 -7.36 -6.55 -2.45
C LYS A 20 -7.88 -5.53 -1.44
N ALA A 21 -6.97 -4.69 -0.94
CA ALA A 21 -7.35 -3.67 0.03
C ALA A 21 -8.32 -2.67 -0.56
N ALA A 22 -8.02 -2.19 -1.76
CA ALA A 22 -8.88 -1.23 -2.45
C ALA A 22 -10.27 -1.81 -2.68
N GLN A 23 -10.33 -3.09 -3.03
CA GLN A 23 -11.60 -3.75 -3.27
C GLN A 23 -12.35 -3.99 -1.97
N GLU A 24 -11.61 -4.20 -0.90
CA GLU A 24 -12.20 -4.44 0.41
C GLU A 24 -12.87 -3.18 0.95
N ASP A 25 -12.12 -2.08 0.98
CA ASP A 25 -12.62 -0.81 1.47
C ASP A 25 -13.82 -0.35 0.64
N LYS A 26 -13.65 -0.37 -0.69
CA LYS A 26 -14.70 0.05 -1.59
C LYS A 26 -15.94 -0.82 -1.42
N ALA A 27 -15.73 -2.08 -1.07
CA ALA A 27 -16.82 -3.02 -0.88
C ALA A 27 -17.54 -2.76 0.45
N GLY A 28 -16.76 -2.45 1.47
CA GLY A 28 -17.33 -2.18 2.78
C GLY A 28 -16.36 -2.49 3.91
N ASN A 29 -15.48 -3.44 3.68
CA ASN A 29 -14.50 -3.83 4.68
C ASN A 29 -13.43 -2.76 4.84
N TYR A 30 -13.48 -2.04 5.95
CA TYR A 30 -12.51 -0.98 6.23
C TYR A 30 -11.39 -1.49 7.12
N GLU A 31 -11.75 -2.30 8.11
CA GLU A 31 -10.77 -2.86 9.04
C GLU A 31 -9.75 -3.72 8.30
N GLU A 32 -10.24 -4.69 7.53
CA GLU A 32 -9.37 -5.57 6.77
C GLU A 32 -8.56 -4.79 5.73
N ALA A 33 -9.24 -3.88 5.05
CA ALA A 33 -8.59 -3.07 4.03
C ALA A 33 -7.49 -2.20 4.63
N LEU A 34 -7.71 -1.72 5.85
CA LEU A 34 -6.73 -0.89 6.53
C LEU A 34 -5.42 -1.64 6.73
N GLN A 35 -5.50 -2.83 7.31
CA GLN A 35 -4.33 -3.65 7.56
C GLN A 35 -3.63 -4.00 6.25
N LEU A 36 -4.41 -4.15 5.19
CA LEU A 36 -3.87 -4.49 3.88
C LEU A 36 -3.15 -3.30 3.26
N TYR A 37 -3.72 -2.11 3.45
CA TYR A 37 -3.12 -0.90 2.91
C TYR A 37 -1.74 -0.66 3.47
N GLN A 38 -1.58 -0.92 4.77
CA GLN A 38 -0.30 -0.74 5.44
C GLN A 38 0.74 -1.73 4.90
N HIS A 39 0.33 -2.98 4.72
CA HIS A 39 1.22 -4.01 4.22
C HIS A 39 1.72 -3.65 2.82
N ALA A 40 0.82 -3.17 1.97
CA ALA A 40 1.19 -2.79 0.62
C ALA A 40 2.25 -1.70 0.61
N VAL A 41 2.05 -0.67 1.44
CA VAL A 41 2.99 0.43 1.53
C VAL A 41 4.34 -0.04 2.07
N GLN A 42 4.29 -0.96 3.02
CA GLN A 42 5.51 -1.51 3.62
C GLN A 42 6.35 -2.23 2.59
N TYR A 43 5.71 -3.10 1.80
CA TYR A 43 6.40 -3.86 0.77
C TYR A 43 6.77 -2.97 -0.41
N PHE A 44 5.87 -2.05 -0.75
CA PHE A 44 6.10 -1.13 -1.86
C PHE A 44 7.34 -0.28 -1.62
N LEU A 45 7.39 0.38 -0.47
CA LEU A 45 8.53 1.23 -0.13
C LEU A 45 9.80 0.41 -0.02
N HIS A 46 9.66 -0.85 0.38
CA HIS A 46 10.82 -1.75 0.51
C HIS A 46 11.53 -1.92 -0.82
N VAL A 47 10.76 -1.99 -1.90
CA VAL A 47 11.31 -2.16 -3.23
C VAL A 47 11.88 -0.84 -3.75
N VAL A 48 11.08 0.22 -3.67
CA VAL A 48 11.50 1.54 -4.14
C VAL A 48 12.73 2.02 -3.38
N LYS A 49 12.79 1.68 -2.09
CA LYS A 49 13.92 2.09 -1.26
C LYS A 49 15.15 1.23 -1.55
N TYR A 50 14.93 -0.06 -1.75
CA TYR A 50 16.01 -0.99 -2.04
C TYR A 50 16.46 -0.88 -3.49
N GLU A 51 15.64 -1.40 -4.40
CA GLU A 51 15.94 -1.35 -5.82
C GLU A 51 14.69 -1.59 -6.66
N ALA A 52 14.08 -0.51 -7.14
CA ALA A 52 12.88 -0.60 -7.95
C ALA A 52 13.17 -1.26 -9.30
N GLN A 53 12.20 -1.20 -10.20
CA GLN A 53 12.35 -1.79 -11.53
C GLN A 53 12.89 -0.75 -12.52
N GLY A 54 12.36 0.46 -12.43
CA GLY A 54 12.80 1.52 -13.32
C GLY A 54 12.29 2.89 -12.90
N ASP A 55 12.65 3.91 -13.67
CA ASP A 55 12.23 5.27 -13.37
C ASP A 55 10.70 5.38 -13.37
N LYS A 56 10.08 4.84 -14.42
CA LYS A 56 8.62 4.88 -14.55
C LYS A 56 7.97 4.00 -13.49
N ALA A 57 8.65 2.94 -13.11
CA ALA A 57 8.13 2.02 -12.10
C ALA A 57 8.11 2.67 -10.72
N LYS A 58 9.19 3.37 -10.40
CA LYS A 58 9.30 4.04 -9.10
C LYS A 58 8.19 5.07 -8.92
N GLN A 59 7.99 5.90 -9.93
CA GLN A 59 6.96 6.93 -9.88
C GLN A 59 5.58 6.31 -9.71
N SER A 60 5.40 5.12 -10.29
CA SER A 60 4.13 4.41 -10.21
C SER A 60 3.81 4.04 -8.75
N ILE A 61 4.81 3.55 -8.04
CA ILE A 61 4.63 3.16 -6.64
C ILE A 61 4.48 4.39 -5.75
N ARG A 62 5.18 5.46 -6.11
CA ARG A 62 5.12 6.69 -5.33
C ARG A 62 3.70 7.24 -5.28
N ALA A 63 3.01 7.20 -6.41
CA ALA A 63 1.64 7.69 -6.49
C ALA A 63 0.68 6.77 -5.74
N LYS A 64 0.96 5.47 -5.81
CA LYS A 64 0.11 4.49 -5.13
C LYS A 64 0.36 4.50 -3.63
N CYS A 65 1.63 4.62 -3.24
CA CYS A 65 2.01 4.64 -1.84
C CYS A 65 1.38 5.85 -1.12
N THR A 66 1.18 6.93 -1.86
CA THR A 66 0.60 8.14 -1.31
C THR A 66 -0.93 8.04 -1.29
N GLU A 67 -1.48 7.33 -2.27
CA GLU A 67 -2.93 7.16 -2.37
C GLU A 67 -3.44 6.23 -1.27
N TYR A 68 -2.78 5.09 -1.11
CA TYR A 68 -3.17 4.12 -0.09
C TYR A 68 -2.94 4.67 1.31
N LEU A 69 -1.80 5.33 1.50
CA LEU A 69 -1.46 5.92 2.80
C LEU A 69 -2.50 6.95 3.21
N ASP A 70 -3.00 7.70 2.24
CA ASP A 70 -4.00 8.72 2.51
C ASP A 70 -5.30 8.10 2.99
N ARG A 71 -5.70 7.01 2.37
CA ARG A 71 -6.93 6.31 2.74
C ARG A 71 -6.77 5.58 4.07
N ALA A 72 -5.69 4.81 4.18
CA ALA A 72 -5.42 4.06 5.40
C ALA A 72 -5.27 4.99 6.60
N GLU A 73 -4.67 6.15 6.36
CA GLU A 73 -4.46 7.13 7.42
C GLU A 73 -5.80 7.63 7.99
N LYS A 74 -6.72 7.94 7.08
CA LYS A 74 -8.03 8.43 7.48
C LYS A 74 -8.89 7.28 8.02
N LEU A 75 -8.76 6.12 7.39
CA LEU A 75 -9.52 4.93 7.81
C LEU A 75 -9.24 4.59 9.27
N LYS A 76 -7.96 4.47 9.61
CA LYS A 76 -7.56 4.14 10.97
C LYS A 76 -7.89 5.29 11.92
N GLU A 77 -7.91 6.51 11.39
CA GLU A 77 -8.21 7.69 12.19
C GLU A 77 -9.53 7.53 12.93
N TYR A 78 -10.60 7.29 12.18
CA TYR A 78 -11.92 7.13 12.77
C TYR A 78 -11.99 5.85 13.61
N LEU A 79 -11.31 4.81 13.14
CA LEU A 79 -11.30 3.53 13.85
C LEU A 79 -10.66 3.68 15.22
N LYS A 80 -9.64 4.51 15.31
CA LYS A 80 -8.94 4.75 16.58
C LYS A 80 -9.68 5.76 17.43
N ASN A 81 -10.36 6.69 16.77
CA ASN A 81 -11.12 7.73 17.47
C ASN A 81 -12.39 7.14 18.08
N ASN A 10 10.19 -9.38 -2.53
CA ASN A 10 9.41 -8.48 -1.70
C ASN A 10 8.42 -7.68 -2.54
N LEU A 11 8.80 -7.40 -3.78
CA LEU A 11 7.94 -6.64 -4.69
C LEU A 11 6.68 -7.43 -5.04
N GLN A 12 6.84 -8.72 -5.28
CA GLN A 12 5.71 -9.59 -5.61
C GLN A 12 4.69 -9.60 -4.48
N LYS A 13 5.16 -9.45 -3.25
CA LYS A 13 4.28 -9.45 -2.09
C LYS A 13 3.66 -8.08 -1.89
N ALA A 14 4.39 -7.04 -2.26
CA ALA A 14 3.91 -5.67 -2.12
C ALA A 14 2.73 -5.40 -3.04
N ILE A 15 2.80 -5.95 -4.25
CA ILE A 15 1.74 -5.77 -5.23
C ILE A 15 0.54 -6.67 -4.92
N ASP A 16 0.84 -7.89 -4.47
CA ASP A 16 -0.21 -8.85 -4.14
C ASP A 16 -1.11 -8.31 -3.03
N LEU A 17 -0.49 -7.74 -1.99
CA LEU A 17 -1.24 -7.19 -0.87
C LEU A 17 -1.91 -5.88 -1.26
N ALA A 18 -1.22 -5.06 -2.06
CA ALA A 18 -1.76 -3.79 -2.50
C ALA A 18 -3.03 -3.99 -3.33
N SER A 19 -3.00 -4.96 -4.22
CA SER A 19 -4.15 -5.25 -5.08
C SER A 19 -5.34 -5.70 -4.24
N LYS A 20 -5.08 -6.55 -3.25
CA LYS A 20 -6.13 -7.06 -2.38
C LYS A 20 -6.69 -5.94 -1.49
N ALA A 21 -5.80 -5.10 -0.99
CA ALA A 21 -6.20 -3.99 -0.13
C ALA A 21 -7.13 -3.03 -0.86
N ALA A 22 -6.75 -2.68 -2.09
CA ALA A 22 -7.54 -1.76 -2.89
C ALA A 22 -8.91 -2.35 -3.20
N GLN A 23 -8.98 -3.67 -3.33
CA GLN A 23 -10.22 -4.36 -3.62
C GLN A 23 -11.06 -4.52 -2.35
N GLU A 24 -10.39 -4.76 -1.24
CA GLU A 24 -11.07 -4.94 0.05
C GLU A 24 -11.80 -3.67 0.45
N ASP A 25 -11.12 -2.54 0.32
CA ASP A 25 -11.70 -1.26 0.69
C ASP A 25 -12.87 -0.91 -0.23
N LYS A 26 -12.65 -1.00 -1.54
CA LYS A 26 -13.69 -0.71 -2.51
C LYS A 26 -14.85 -1.67 -2.37
N ALA A 27 -14.55 -2.91 -1.96
CA ALA A 27 -15.58 -3.92 -1.79
C ALA A 27 -16.43 -3.64 -0.55
N GLY A 28 -15.77 -3.23 0.53
CA GLY A 28 -16.48 -2.94 1.76
C GLY A 28 -15.61 -3.12 2.98
N ASN A 29 -14.64 -4.03 2.88
CA ASN A 29 -13.74 -4.30 4.00
C ASN A 29 -12.74 -3.16 4.18
N TYR A 30 -12.81 -2.49 5.33
CA TYR A 30 -11.91 -1.39 5.63
C TYR A 30 -10.82 -1.81 6.61
N GLU A 31 -11.22 -2.57 7.62
CA GLU A 31 -10.28 -3.05 8.63
C GLU A 31 -9.19 -3.90 8.00
N GLU A 32 -9.60 -4.91 7.24
CA GLU A 32 -8.65 -5.80 6.58
C GLU A 32 -7.83 -5.05 5.54
N ALA A 33 -8.49 -4.19 4.77
CA ALA A 33 -7.82 -3.41 3.74
C ALA A 33 -6.79 -2.48 4.35
N LEU A 34 -7.10 -1.93 5.53
CA LEU A 34 -6.20 -1.02 6.23
C LEU A 34 -4.88 -1.70 6.55
N GLN A 35 -4.95 -2.90 7.11
CA GLN A 35 -3.76 -3.66 7.47
C GLN A 35 -2.98 -4.07 6.22
N LEU A 36 -3.71 -4.33 5.14
CA LEU A 36 -3.08 -4.72 3.88
C LEU A 36 -2.38 -3.54 3.22
N TYR A 37 -2.99 -2.36 3.34
CA TYR A 37 -2.42 -1.16 2.74
C TYR A 37 -1.04 -0.86 3.33
N GLN A 38 -0.93 -0.93 4.66
CA GLN A 38 0.32 -0.68 5.34
C GLN A 38 1.38 -1.69 4.93
N HIS A 39 0.97 -2.95 4.79
CA HIS A 39 1.88 -4.01 4.41
C HIS A 39 2.49 -3.74 3.04
N ALA A 40 1.65 -3.29 2.10
CA ALA A 40 2.10 -2.99 0.75
C ALA A 40 3.19 -1.92 0.76
N VAL A 41 3.01 -0.90 1.60
CA VAL A 41 3.96 0.19 1.70
C VAL A 41 5.28 -0.30 2.31
N GLN A 42 5.18 -1.21 3.27
CA GLN A 42 6.36 -1.74 3.93
C GLN A 42 7.27 -2.45 2.93
N TYR A 43 6.68 -3.30 2.10
CA TYR A 43 7.44 -4.04 1.09
C TYR A 43 7.87 -3.12 -0.04
N PHE A 44 7.01 -2.19 -0.42
CA PHE A 44 7.31 -1.25 -1.49
C PHE A 44 8.53 -0.40 -1.14
N LEU A 45 8.50 0.21 0.04
CA LEU A 45 9.62 1.05 0.49
C LEU A 45 10.90 0.24 0.58
N HIS A 46 10.77 -1.02 0.95
CA HIS A 46 11.92 -1.90 1.08
C HIS A 46 12.63 -2.09 -0.26
N VAL A 47 11.83 -2.19 -1.32
CA VAL A 47 12.37 -2.37 -2.67
C VAL A 47 13.22 -1.17 -3.07
N VAL A 48 12.66 0.02 -2.95
CA VAL A 48 13.37 1.24 -3.30
C VAL A 48 14.45 1.58 -2.27
N LYS A 49 14.14 1.30 -1.02
CA LYS A 49 15.08 1.57 0.07
C LYS A 49 16.39 0.80 -0.13
N TYR A 50 16.29 -0.37 -0.76
CA TYR A 50 17.46 -1.20 -1.02
C TYR A 50 17.88 -1.10 -2.49
N GLU A 51 16.99 -1.52 -3.38
CA GLU A 51 17.27 -1.48 -4.82
C GLU A 51 16.07 -1.93 -5.62
N ALA A 52 15.38 -0.98 -6.24
CA ALA A 52 14.20 -1.28 -7.04
C ALA A 52 14.59 -1.69 -8.45
N GLN A 53 13.61 -1.78 -9.34
CA GLN A 53 13.85 -2.17 -10.72
C GLN A 53 14.75 -1.16 -11.41
N GLY A 54 14.50 0.12 -11.17
CA GLY A 54 15.30 1.16 -11.78
C GLY A 54 14.95 2.54 -11.27
N ASP A 55 15.13 3.55 -12.11
CA ASP A 55 14.83 4.93 -11.73
C ASP A 55 13.34 5.21 -11.87
N LYS A 56 12.81 4.99 -13.07
CA LYS A 56 11.39 5.23 -13.32
C LYS A 56 10.52 4.36 -12.42
N ALA A 57 11.00 3.16 -12.11
CA ALA A 57 10.27 2.24 -11.25
C ALA A 57 10.07 2.83 -9.86
N LYS A 58 11.13 3.42 -9.31
CA LYS A 58 11.07 4.03 -7.99
C LYS A 58 10.02 5.13 -7.94
N GLN A 59 9.98 5.95 -8.98
CA GLN A 59 9.02 7.05 -9.05
C GLN A 59 7.59 6.53 -9.02
N SER A 60 7.39 5.34 -9.58
CA SER A 60 6.06 4.73 -9.61
C SER A 60 5.64 4.28 -8.21
N ILE A 61 6.61 3.79 -7.44
CA ILE A 61 6.33 3.33 -6.08
C ILE A 61 6.11 4.51 -5.14
N ARG A 62 6.81 5.61 -5.39
CA ARG A 62 6.69 6.80 -4.56
C ARG A 62 5.26 7.34 -4.59
N ALA A 63 4.71 7.46 -5.79
CA ALA A 63 3.35 7.96 -5.96
C ALA A 63 2.33 6.97 -5.41
N LYS A 64 2.65 5.69 -5.50
CA LYS A 64 1.76 4.64 -5.01
C LYS A 64 1.81 4.54 -3.49
N CYS A 65 3.02 4.61 -2.94
CA CYS A 65 3.21 4.54 -1.50
C CYS A 65 2.46 5.66 -0.79
N THR A 66 2.35 6.80 -1.47
CA THR A 66 1.66 7.96 -0.92
C THR A 66 0.15 7.84 -1.10
N GLU A 67 -0.26 7.20 -2.18
CA GLU A 67 -1.68 7.01 -2.47
C GLU A 67 -2.33 6.10 -1.44
N TYR A 68 -1.69 4.98 -1.15
CA TYR A 68 -2.22 4.03 -0.17
C TYR A 68 -2.14 4.61 1.24
N LEU A 69 -1.03 5.27 1.55
CA LEU A 69 -0.84 5.87 2.86
C LEU A 69 -1.92 6.90 3.15
N ASP A 70 -2.41 7.56 2.10
CA ASP A 70 -3.45 8.57 2.25
C ASP A 70 -4.78 7.93 2.58
N ARG A 71 -5.16 6.93 1.80
CA ARG A 71 -6.43 6.23 2.01
C ARG A 71 -6.41 5.46 3.33
N ALA A 72 -5.26 4.88 3.65
CA ALA A 72 -5.10 4.11 4.87
C ALA A 72 -5.08 5.02 6.10
N GLU A 73 -4.48 6.20 5.95
CA GLU A 73 -4.39 7.15 7.04
C GLU A 73 -5.78 7.59 7.50
N LYS A 74 -6.65 7.85 6.53
CA LYS A 74 -8.01 8.26 6.83
C LYS A 74 -8.85 7.09 7.34
N LEU A 75 -8.62 5.92 6.76
CA LEU A 75 -9.35 4.72 7.16
C LEU A 75 -9.15 4.42 8.63
N LYS A 76 -7.89 4.38 9.06
CA LYS A 76 -7.56 4.09 10.45
C LYS A 76 -8.01 5.24 11.34
N GLU A 77 -8.05 6.44 10.79
CA GLU A 77 -8.45 7.63 11.54
C GLU A 77 -9.82 7.43 12.19
N TYR A 78 -10.82 7.11 11.39
CA TYR A 78 -12.17 6.90 11.89
C TYR A 78 -12.23 5.64 12.75
N LEU A 79 -11.47 4.62 12.36
CA LEU A 79 -11.44 3.37 13.10
C LEU A 79 -10.90 3.58 14.51
N LYS A 80 -9.95 4.49 14.64
CA LYS A 80 -9.35 4.80 15.94
C LYS A 80 -10.24 5.75 16.74
N ASN A 81 -10.94 6.63 16.03
CA ASN A 81 -11.82 7.59 16.67
C ASN A 81 -13.10 6.92 17.17
N ASN A 10 10.15 -9.34 -2.31
CA ASN A 10 9.58 -8.25 -1.54
C ASN A 10 8.69 -7.37 -2.42
N LEU A 11 9.09 -7.21 -3.68
CA LEU A 11 8.32 -6.39 -4.62
C LEU A 11 7.01 -7.07 -4.99
N GLN A 12 7.08 -8.36 -5.29
CA GLN A 12 5.90 -9.13 -5.66
C GLN A 12 4.87 -9.12 -4.53
N LYS A 13 5.36 -9.09 -3.29
CA LYS A 13 4.50 -9.09 -2.12
C LYS A 13 3.82 -7.73 -1.95
N ALA A 14 4.52 -6.67 -2.35
CA ALA A 14 3.99 -5.32 -2.25
C ALA A 14 2.86 -5.10 -3.26
N ILE A 15 3.01 -5.68 -4.43
CA ILE A 15 2.01 -5.54 -5.48
C ILE A 15 0.80 -6.44 -5.22
N ASP A 16 1.07 -7.63 -4.69
CA ASP A 16 0.01 -8.58 -4.38
C ASP A 16 -0.98 -8.01 -3.37
N LEU A 17 -0.45 -7.37 -2.33
CA LEU A 17 -1.28 -6.78 -1.29
C LEU A 17 -1.98 -5.52 -1.82
N ALA A 18 -1.28 -4.77 -2.65
CA ALA A 18 -1.83 -3.54 -3.22
C ALA A 18 -3.08 -3.83 -4.04
N SER A 19 -3.03 -4.90 -4.84
CA SER A 19 -4.16 -5.29 -5.68
C SER A 19 -5.32 -5.77 -4.82
N LYS A 20 -5.02 -6.58 -3.81
CA LYS A 20 -6.03 -7.11 -2.92
C LYS A 20 -6.62 -6.01 -2.04
N ALA A 21 -5.77 -5.12 -1.56
CA ALA A 21 -6.20 -4.02 -0.71
C ALA A 21 -7.20 -3.13 -1.44
N ALA A 22 -6.88 -2.78 -2.69
CA ALA A 22 -7.75 -1.93 -3.48
C ALA A 22 -9.12 -2.58 -3.67
N GLN A 23 -9.12 -3.89 -3.87
CA GLN A 23 -10.37 -4.62 -4.06
C GLN A 23 -11.12 -4.79 -2.74
N GLU A 24 -10.37 -4.88 -1.66
CA GLU A 24 -10.98 -5.04 -0.33
C GLU A 24 -11.85 -3.84 0.01
N ASP A 25 -11.29 -2.64 -0.10
CA ASP A 25 -12.03 -1.41 0.19
C ASP A 25 -13.25 -1.28 -0.71
N LYS A 26 -13.04 -1.42 -2.01
CA LYS A 26 -14.12 -1.32 -2.98
C LYS A 26 -15.17 -2.40 -2.75
N ALA A 27 -14.70 -3.58 -2.34
CA ALA A 27 -15.60 -4.70 -2.07
C ALA A 27 -16.43 -4.47 -0.82
N GLY A 28 -15.87 -3.69 0.11
CA GLY A 28 -16.57 -3.39 1.35
C GLY A 28 -15.81 -3.87 2.57
N ASN A 29 -14.49 -3.78 2.51
CA ASN A 29 -13.64 -4.19 3.62
C ASN A 29 -12.60 -3.13 3.94
N TYR A 30 -12.93 -2.25 4.87
CA TYR A 30 -12.04 -1.18 5.27
C TYR A 30 -11.03 -1.66 6.31
N GLU A 31 -11.46 -2.60 7.13
CA GLU A 31 -10.60 -3.16 8.17
C GLU A 31 -9.44 -3.94 7.57
N GLU A 32 -9.77 -4.91 6.73
CA GLU A 32 -8.75 -5.74 6.08
C GLU A 32 -7.94 -4.91 5.09
N ALA A 33 -8.62 -4.07 4.33
CA ALA A 33 -7.95 -3.22 3.34
C ALA A 33 -6.97 -2.28 4.01
N LEU A 34 -7.33 -1.78 5.19
CA LEU A 34 -6.46 -0.87 5.93
C LEU A 34 -5.14 -1.53 6.27
N GLN A 35 -5.20 -2.71 6.87
CA GLN A 35 -4.01 -3.45 7.25
C GLN A 35 -3.22 -3.89 6.00
N LEU A 36 -3.95 -4.14 4.92
CA LEU A 36 -3.32 -4.56 3.67
C LEU A 36 -2.64 -3.38 2.97
N TYR A 37 -3.28 -2.22 3.01
CA TYR A 37 -2.73 -1.02 2.39
C TYR A 37 -1.39 -0.66 2.99
N GLN A 38 -1.27 -0.83 4.30
CA GLN A 38 -0.02 -0.52 5.01
C GLN A 38 1.06 -1.53 4.66
N HIS A 39 0.67 -2.81 4.55
CA HIS A 39 1.61 -3.87 4.23
C HIS A 39 2.26 -3.62 2.86
N ALA A 40 1.44 -3.26 1.88
CA ALA A 40 1.94 -3.00 0.53
C ALA A 40 2.96 -1.86 0.54
N VAL A 41 2.65 -0.82 1.29
CA VAL A 41 3.53 0.34 1.38
C VAL A 41 4.86 -0.03 2.04
N GLN A 42 4.79 -0.93 3.01
CA GLN A 42 5.98 -1.38 3.73
C GLN A 42 6.94 -2.10 2.80
N TYR A 43 6.41 -3.04 2.03
CA TYR A 43 7.23 -3.81 1.08
C TYR A 43 7.69 -2.93 -0.06
N PHE A 44 6.84 -2.00 -0.48
CA PHE A 44 7.17 -1.09 -1.58
C PHE A 44 8.35 -0.21 -1.21
N LEU A 45 8.24 0.47 -0.08
CA LEU A 45 9.31 1.37 0.38
C LEU A 45 10.59 0.58 0.64
N HIS A 46 10.44 -0.67 1.05
CA HIS A 46 11.59 -1.53 1.34
C HIS A 46 12.46 -1.71 0.09
N VAL A 47 11.81 -1.88 -1.05
CA VAL A 47 12.51 -2.06 -2.31
C VAL A 47 13.18 -0.77 -2.75
N VAL A 48 12.55 0.36 -2.46
CA VAL A 48 13.09 1.66 -2.83
C VAL A 48 14.20 2.08 -1.88
N LYS A 49 14.05 1.73 -0.60
CA LYS A 49 15.05 2.07 0.40
C LYS A 49 16.31 1.23 0.22
N TYR A 50 16.13 -0.05 -0.08
CA TYR A 50 17.25 -0.96 -0.27
C TYR A 50 17.86 -0.78 -1.66
N GLU A 51 17.14 -1.24 -2.67
CA GLU A 51 17.61 -1.13 -4.05
C GLU A 51 16.48 -1.41 -5.04
N ALA A 52 15.89 -0.35 -5.56
CA ALA A 52 14.79 -0.48 -6.52
C ALA A 52 15.29 -0.98 -7.86
N GLN A 53 14.42 -0.93 -8.87
CA GLN A 53 14.79 -1.38 -10.21
C GLN A 53 15.53 -0.29 -10.97
N GLY A 54 14.92 0.88 -11.05
CA GLY A 54 15.53 2.00 -11.76
C GLY A 54 14.97 3.34 -11.33
N ASP A 55 15.43 4.41 -11.97
CA ASP A 55 14.96 5.74 -11.67
C ASP A 55 13.46 5.87 -11.90
N LYS A 56 13.01 5.42 -13.06
CA LYS A 56 11.59 5.48 -13.40
C LYS A 56 10.77 4.57 -12.49
N ALA A 57 11.35 3.42 -12.14
CA ALA A 57 10.67 2.45 -11.27
C ALA A 57 10.41 3.06 -9.90
N LYS A 58 11.39 3.77 -9.37
CA LYS A 58 11.27 4.39 -8.06
C LYS A 58 10.12 5.39 -8.03
N GLN A 59 10.02 6.19 -9.08
CA GLN A 59 8.96 7.20 -9.19
C GLN A 59 7.59 6.54 -9.17
N SER A 60 7.51 5.34 -9.73
CA SER A 60 6.25 4.60 -9.79
C SER A 60 5.81 4.17 -8.38
N ILE A 61 6.77 3.74 -7.57
CA ILE A 61 6.49 3.31 -6.21
C ILE A 61 6.09 4.50 -5.33
N ARG A 62 6.69 5.65 -5.60
CA ARG A 62 6.41 6.86 -4.83
C ARG A 62 4.95 7.27 -4.98
N ALA A 63 4.42 7.15 -6.20
CA ALA A 63 3.04 7.50 -6.47
C ALA A 63 2.08 6.47 -5.88
N LYS A 64 2.54 5.22 -5.80
CA LYS A 64 1.73 4.14 -5.26
C LYS A 64 1.79 4.12 -3.74
N CYS A 65 2.97 4.40 -3.19
CA CYS A 65 3.17 4.42 -1.75
C CYS A 65 2.35 5.53 -1.10
N THR A 66 2.15 6.62 -1.84
CA THR A 66 1.39 7.75 -1.33
C THR A 66 -0.10 7.57 -1.59
N GLU A 67 -0.42 6.85 -2.66
CA GLU A 67 -1.82 6.60 -3.02
C GLU A 67 -2.48 5.68 -2.01
N TYR A 68 -1.80 4.59 -1.67
CA TYR A 68 -2.31 3.63 -0.70
C TYR A 68 -2.23 4.18 0.72
N LEU A 69 -1.12 4.86 1.02
CA LEU A 69 -0.93 5.44 2.34
C LEU A 69 -2.03 6.45 2.67
N ASP A 70 -2.34 7.30 1.70
CA ASP A 70 -3.37 8.31 1.88
C ASP A 70 -4.73 7.67 2.14
N ARG A 71 -5.05 6.63 1.37
CA ARG A 71 -6.32 5.92 1.52
C ARG A 71 -6.37 5.16 2.84
N ALA A 72 -5.24 4.58 3.22
CA ALA A 72 -5.15 3.82 4.46
C ALA A 72 -5.09 4.75 5.67
N GLU A 73 -4.42 5.89 5.50
CA GLU A 73 -4.28 6.86 6.58
C GLU A 73 -5.65 7.36 7.03
N LYS A 74 -6.53 7.60 6.07
CA LYS A 74 -7.88 8.08 6.37
C LYS A 74 -8.73 6.97 6.99
N LEU A 75 -8.54 5.75 6.50
CA LEU A 75 -9.30 4.60 7.01
C LEU A 75 -9.05 4.41 8.50
N LYS A 76 -7.78 4.35 8.88
CA LYS A 76 -7.40 4.16 10.27
C LYS A 76 -7.81 5.37 11.11
N GLU A 77 -7.88 6.53 10.48
CA GLU A 77 -8.26 7.75 11.17
C GLU A 77 -9.63 7.61 11.84
N TYR A 78 -10.63 7.23 11.04
CA TYR A 78 -11.98 7.05 11.56
C TYR A 78 -12.10 5.74 12.34
N LEU A 79 -11.43 4.71 11.85
CA LEU A 79 -11.46 3.40 12.50
C LEU A 79 -10.95 3.49 13.93
N LYS A 80 -10.04 4.42 14.18
CA LYS A 80 -9.48 4.61 15.51
C LYS A 80 -10.34 5.56 16.34
N ASN A 81 -10.98 6.50 15.66
CA ASN A 81 -11.83 7.47 16.34
C ASN A 81 -13.17 6.85 16.73
N ASN A 10 9.21 -9.71 -1.51
CA ASN A 10 8.56 -8.67 -0.72
C ASN A 10 7.72 -7.76 -1.61
N LEU A 11 8.16 -7.57 -2.84
CA LEU A 11 7.44 -6.73 -3.79
C LEU A 11 6.19 -7.43 -4.30
N GLN A 12 6.30 -8.72 -4.54
CA GLN A 12 5.18 -9.52 -5.03
C GLN A 12 4.00 -9.47 -4.06
N LYS A 13 4.31 -9.49 -2.76
CA LYS A 13 3.29 -9.45 -1.73
C LYS A 13 2.72 -8.04 -1.59
N ALA A 14 3.57 -7.03 -1.76
CA ALA A 14 3.15 -5.64 -1.65
C ALA A 14 2.06 -5.32 -2.68
N ILE A 15 2.21 -5.87 -3.89
CA ILE A 15 1.23 -5.64 -4.95
C ILE A 15 -0.02 -6.49 -4.74
N ASP A 16 0.17 -7.67 -4.15
CA ASP A 16 -0.95 -8.57 -3.89
C ASP A 16 -1.86 -8.02 -2.80
N LEU A 17 -1.26 -7.56 -1.70
CA LEU A 17 -2.02 -7.01 -0.60
C LEU A 17 -2.74 -5.73 -1.00
N ALA A 18 -2.06 -4.90 -1.78
CA ALA A 18 -2.64 -3.65 -2.25
C ALA A 18 -3.85 -3.90 -3.14
N SER A 19 -3.73 -4.88 -4.03
CA SER A 19 -4.83 -5.22 -4.94
C SER A 19 -6.07 -5.65 -4.16
N LYS A 20 -5.87 -6.54 -3.19
CA LYS A 20 -6.98 -7.02 -2.38
C LYS A 20 -7.53 -5.92 -1.49
N ALA A 21 -6.66 -5.01 -1.07
CA ALA A 21 -7.06 -3.90 -0.21
C ALA A 21 -7.95 -2.92 -0.96
N ALA A 22 -7.53 -2.54 -2.16
CA ALA A 22 -8.30 -1.61 -2.98
C ALA A 22 -9.68 -2.16 -3.30
N GLN A 23 -9.76 -3.48 -3.43
CA GLN A 23 -11.03 -4.14 -3.73
C GLN A 23 -11.87 -4.29 -2.46
N GLU A 24 -11.21 -4.52 -1.33
CA GLU A 24 -11.91 -4.69 -0.06
C GLU A 24 -12.62 -3.40 0.33
N ASP A 25 -11.90 -2.29 0.27
CA ASP A 25 -12.47 -1.00 0.62
C ASP A 25 -13.58 -0.59 -0.34
N LYS A 26 -13.33 -0.79 -1.64
CA LYS A 26 -14.30 -0.46 -2.66
C LYS A 26 -15.57 -1.29 -2.49
N ALA A 27 -15.41 -2.52 -2.00
CA ALA A 27 -16.54 -3.42 -1.79
C ALA A 27 -17.35 -3.00 -0.58
N GLY A 28 -16.67 -2.67 0.51
CA GLY A 28 -17.35 -2.26 1.72
C GLY A 28 -16.51 -2.48 2.96
N ASN A 29 -15.67 -3.50 2.92
CA ASN A 29 -14.80 -3.82 4.05
C ASN A 29 -13.70 -2.78 4.20
N TYR A 30 -13.68 -2.10 5.34
CA TYR A 30 -12.68 -1.07 5.62
C TYR A 30 -11.66 -1.56 6.64
N GLU A 31 -12.12 -2.35 7.59
CA GLU A 31 -11.24 -2.89 8.63
C GLU A 31 -10.14 -3.75 8.01
N GLU A 32 -10.55 -4.73 7.21
CA GLU A 32 -9.60 -5.62 6.56
C GLU A 32 -8.80 -4.88 5.50
N ALA A 33 -9.43 -3.90 4.86
CA ALA A 33 -8.76 -3.12 3.82
C ALA A 33 -7.68 -2.22 4.41
N LEU A 34 -7.98 -1.65 5.57
CA LEU A 34 -7.03 -0.77 6.25
C LEU A 34 -5.73 -1.51 6.58
N GLN A 35 -5.88 -2.66 7.24
CA GLN A 35 -4.71 -3.46 7.62
C GLN A 35 -3.94 -3.90 6.39
N LEU A 36 -4.65 -4.11 5.28
CA LEU A 36 -4.02 -4.53 4.04
C LEU A 36 -3.25 -3.39 3.40
N TYR A 37 -3.83 -2.19 3.43
CA TYR A 37 -3.20 -1.01 2.86
C TYR A 37 -1.85 -0.74 3.54
N GLN A 38 -1.80 -0.94 4.84
CA GLN A 38 -0.58 -0.72 5.61
C GLN A 38 0.49 -1.74 5.25
N HIS A 39 0.07 -3.00 5.10
CA HIS A 39 0.98 -4.07 4.76
C HIS A 39 1.65 -3.82 3.42
N ALA A 40 0.85 -3.40 2.44
CA ALA A 40 1.36 -3.12 1.10
C ALA A 40 2.44 -2.03 1.14
N VAL A 41 2.14 -0.94 1.86
CA VAL A 41 3.09 0.16 1.98
C VAL A 41 4.36 -0.27 2.70
N GLN A 42 4.20 -1.19 3.64
CA GLN A 42 5.34 -1.69 4.42
C GLN A 42 6.32 -2.44 3.51
N TYR A 43 5.80 -3.37 2.72
CA TYR A 43 6.63 -4.15 1.82
C TYR A 43 7.11 -3.29 0.65
N PHE A 44 6.25 -2.39 0.19
CA PHE A 44 6.60 -1.51 -0.92
C PHE A 44 7.80 -0.64 -0.58
N LEU A 45 7.68 0.11 0.51
CA LEU A 45 8.76 0.98 0.95
C LEU A 45 10.03 0.19 1.23
N HIS A 46 9.86 -1.05 1.69
CA HIS A 46 10.99 -1.92 2.01
C HIS A 46 11.85 -2.16 0.77
N VAL A 47 11.19 -2.29 -0.38
CA VAL A 47 11.90 -2.53 -1.63
C VAL A 47 12.53 -1.24 -2.16
N VAL A 48 11.80 -0.14 -2.03
CA VAL A 48 12.28 1.17 -2.49
C VAL A 48 13.46 1.64 -1.65
N LYS A 49 13.37 1.41 -0.34
CA LYS A 49 14.42 1.82 0.58
C LYS A 49 15.67 0.95 0.41
N TYR A 50 15.48 -0.36 0.53
CA TYR A 50 16.58 -1.30 0.39
C TYR A 50 17.21 -1.20 -0.99
N GLU A 51 16.52 -1.71 -2.00
CA GLU A 51 17.02 -1.66 -3.37
C GLU A 51 15.90 -1.97 -4.36
N ALA A 52 15.23 -0.92 -4.83
CA ALA A 52 14.14 -1.08 -5.79
C ALA A 52 14.63 -1.73 -7.07
N GLN A 53 13.73 -1.85 -8.05
CA GLN A 53 14.07 -2.46 -9.33
C GLN A 53 14.70 -1.43 -10.27
N GLY A 54 14.09 -0.26 -10.34
CA GLY A 54 14.60 0.79 -11.21
C GLY A 54 13.94 2.14 -10.95
N ASP A 55 14.36 3.14 -11.71
CA ASP A 55 13.80 4.48 -11.56
C ASP A 55 12.30 4.48 -11.83
N LYS A 56 11.91 3.94 -12.98
CA LYS A 56 10.50 3.87 -13.35
C LYS A 56 9.70 3.07 -12.34
N ALA A 57 10.35 2.06 -11.76
CA ALA A 57 9.70 1.20 -10.77
C ALA A 57 9.45 1.95 -9.47
N LYS A 58 10.45 2.71 -9.03
CA LYS A 58 10.34 3.48 -7.80
C LYS A 58 9.18 4.48 -7.89
N GLN A 59 9.14 5.23 -8.98
CA GLN A 59 8.09 6.22 -9.18
C GLN A 59 6.72 5.57 -9.19
N SER A 60 6.65 4.34 -9.69
CA SER A 60 5.39 3.60 -9.74
C SER A 60 4.87 3.30 -8.33
N ILE A 61 5.76 2.79 -7.48
CA ILE A 61 5.40 2.46 -6.11
C ILE A 61 5.15 3.72 -5.28
N ARG A 62 5.91 4.77 -5.58
CA ARG A 62 5.79 6.04 -4.86
C ARG A 62 4.38 6.61 -5.02
N ALA A 63 3.84 6.51 -6.23
CA ALA A 63 2.50 7.01 -6.50
C ALA A 63 1.43 6.15 -5.84
N LYS A 64 1.68 4.84 -5.81
CA LYS A 64 0.74 3.89 -5.20
C LYS A 64 0.83 3.95 -3.68
N CYS A 65 2.04 4.12 -3.17
CA CYS A 65 2.25 4.19 -1.72
C CYS A 65 1.58 5.42 -1.13
N THR A 66 1.49 6.49 -1.92
CA THR A 66 0.86 7.72 -1.47
C THR A 66 -0.66 7.63 -1.58
N GLU A 67 -1.13 6.87 -2.56
CA GLU A 67 -2.57 6.70 -2.77
C GLU A 67 -3.18 5.85 -1.66
N TYR A 68 -2.54 4.73 -1.36
CA TYR A 68 -3.02 3.82 -0.32
C TYR A 68 -2.85 4.45 1.06
N LEU A 69 -1.72 5.12 1.26
CA LEU A 69 -1.44 5.77 2.54
C LEU A 69 -2.48 6.82 2.87
N ASP A 70 -2.87 7.60 1.87
CA ASP A 70 -3.87 8.66 2.05
C ASP A 70 -5.19 8.06 2.50
N ARG A 71 -5.63 7.01 1.82
CA ARG A 71 -6.90 6.34 2.15
C ARG A 71 -6.78 5.62 3.49
N ALA A 72 -5.72 4.83 3.64
CA ALA A 72 -5.50 4.07 4.86
C ALA A 72 -5.34 5.00 6.06
N GLU A 73 -4.62 6.10 5.86
CA GLU A 73 -4.38 7.07 6.92
C GLU A 73 -5.70 7.66 7.42
N LYS A 74 -6.57 8.02 6.49
CA LYS A 74 -7.87 8.59 6.83
C LYS A 74 -8.80 7.52 7.40
N LEU A 75 -8.71 6.32 6.84
CA LEU A 75 -9.55 5.21 7.29
C LEU A 75 -9.32 4.91 8.77
N LYS A 76 -8.06 4.74 9.13
CA LYS A 76 -7.70 4.45 10.52
C LYS A 76 -8.01 5.64 11.42
N GLU A 77 -7.99 6.83 10.84
CA GLU A 77 -8.28 8.05 11.59
C GLU A 77 -9.64 7.98 12.27
N TYR A 78 -10.68 7.72 11.47
CA TYR A 78 -12.03 7.62 12.00
C TYR A 78 -12.24 6.32 12.76
N LEU A 79 -11.62 5.24 12.25
CA LEU A 79 -11.73 3.93 12.88
C LEU A 79 -11.21 3.96 14.30
N LYS A 80 -10.16 4.76 14.53
CA LYS A 80 -9.56 4.88 15.85
C LYS A 80 -10.29 5.93 16.68
N ASN A 81 -10.81 6.96 16.01
CA ASN A 81 -11.53 8.03 16.70
C ASN A 81 -12.89 7.55 17.18
N ASN A 10 9.32 -8.60 -4.22
CA ASN A 10 8.75 -7.63 -3.31
C ASN A 10 7.76 -6.71 -4.03
N LEU A 11 8.03 -6.46 -5.31
CA LEU A 11 7.16 -5.60 -6.10
C LEU A 11 5.84 -6.31 -6.43
N GLN A 12 5.94 -7.57 -6.83
CA GLN A 12 4.76 -8.35 -7.17
C GLN A 12 3.82 -8.47 -5.97
N LYS A 13 4.40 -8.48 -4.77
CA LYS A 13 3.62 -8.59 -3.54
C LYS A 13 2.97 -7.26 -3.19
N ALA A 14 3.64 -6.16 -3.54
CA ALA A 14 3.14 -4.83 -3.27
C ALA A 14 1.91 -4.51 -4.12
N ILE A 15 1.92 -5.00 -5.35
CA ILE A 15 0.81 -4.76 -6.27
C ILE A 15 -0.36 -5.70 -5.96
N ASP A 16 -0.04 -6.94 -5.60
CA ASP A 16 -1.07 -7.93 -5.27
C ASP A 16 -1.86 -7.49 -4.05
N LEU A 17 -1.16 -7.05 -3.02
CA LEU A 17 -1.79 -6.61 -1.78
C LEU A 17 -2.51 -5.26 -1.99
N ALA A 18 -1.94 -4.43 -2.84
CA ALA A 18 -2.51 -3.12 -3.12
C ALA A 18 -3.86 -3.25 -3.84
N SER A 19 -3.90 -4.10 -4.86
CA SER A 19 -5.12 -4.32 -5.63
C SER A 19 -6.22 -4.89 -4.73
N LYS A 20 -5.86 -5.85 -3.89
CA LYS A 20 -6.82 -6.48 -3.00
C LYS A 20 -7.37 -5.46 -1.99
N ALA A 21 -6.50 -4.56 -1.55
CA ALA A 21 -6.90 -3.53 -0.59
C ALA A 21 -7.92 -2.58 -1.20
N ALA A 22 -7.63 -2.10 -2.41
CA ALA A 22 -8.52 -1.18 -3.10
C ALA A 22 -9.90 -1.81 -3.32
N GLN A 23 -9.92 -3.13 -3.50
CA GLN A 23 -11.16 -3.84 -3.72
C GLN A 23 -11.86 -4.14 -2.39
N GLU A 24 -11.07 -4.34 -1.35
CA GLU A 24 -11.61 -4.63 -0.02
C GLU A 24 -12.32 -3.42 0.55
N ASP A 25 -11.70 -2.25 0.41
CA ASP A 25 -12.27 -1.01 0.92
C ASP A 25 -13.50 -0.61 0.11
N LYS A 26 -13.38 -0.67 -1.21
CA LYS A 26 -14.48 -0.31 -2.09
C LYS A 26 -15.69 -1.20 -1.84
N ALA A 27 -15.44 -2.43 -1.44
CA ALA A 27 -16.52 -3.38 -1.16
C ALA A 27 -17.17 -3.10 0.19
N GLY A 28 -16.37 -2.61 1.13
CA GLY A 28 -16.89 -2.30 2.45
C GLY A 28 -15.90 -2.62 3.55
N ASN A 29 -15.04 -3.60 3.30
CA ASN A 29 -14.04 -4.01 4.28
C ASN A 29 -12.97 -2.93 4.44
N TYR A 30 -12.97 -2.27 5.59
CA TYR A 30 -12.00 -1.22 5.87
C TYR A 30 -10.86 -1.75 6.73
N GLU A 31 -11.18 -2.67 7.62
CA GLU A 31 -10.19 -3.26 8.51
C GLU A 31 -9.17 -4.09 7.73
N GLU A 32 -9.67 -5.02 6.93
CA GLU A 32 -8.81 -5.88 6.13
C GLU A 32 -8.05 -5.06 5.09
N ALA A 33 -8.76 -4.15 4.42
CA ALA A 33 -8.14 -3.30 3.40
C ALA A 33 -7.03 -2.46 4.00
N LEU A 34 -7.23 -2.00 5.24
CA LEU A 34 -6.24 -1.18 5.91
C LEU A 34 -4.91 -1.92 6.06
N GLN A 35 -4.97 -3.14 6.57
CA GLN A 35 -3.78 -3.95 6.76
C GLN A 35 -3.08 -4.21 5.43
N LEU A 36 -3.87 -4.29 4.36
CA LEU A 36 -3.32 -4.54 3.03
C LEU A 36 -2.70 -3.26 2.46
N TYR A 37 -3.32 -2.13 2.73
CA TYR A 37 -2.82 -0.84 2.25
C TYR A 37 -1.41 -0.57 2.79
N GLN A 38 -1.23 -0.84 4.08
CA GLN A 38 0.07 -0.63 4.72
C GLN A 38 1.13 -1.56 4.15
N HIS A 39 0.76 -2.83 3.97
CA HIS A 39 1.68 -3.82 3.42
C HIS A 39 2.14 -3.43 2.02
N ALA A 40 1.20 -2.95 1.21
CA ALA A 40 1.51 -2.55 -0.16
C ALA A 40 2.55 -1.43 -0.17
N VAL A 41 2.37 -0.45 0.71
CA VAL A 41 3.30 0.67 0.80
C VAL A 41 4.67 0.21 1.30
N GLN A 42 4.68 -0.72 2.24
CA GLN A 42 5.92 -1.24 2.80
C GLN A 42 6.76 -1.90 1.72
N TYR A 43 6.14 -2.78 0.94
CA TYR A 43 6.84 -3.47 -0.14
C TYR A 43 7.19 -2.52 -1.28
N PHE A 44 6.26 -1.61 -1.58
CA PHE A 44 6.47 -0.64 -2.65
C PHE A 44 7.68 0.24 -2.35
N LEU A 45 7.68 0.88 -1.19
CA LEU A 45 8.78 1.75 -0.79
C LEU A 45 10.09 0.97 -0.72
N HIS A 46 10.00 -0.30 -0.35
CA HIS A 46 11.18 -1.16 -0.24
C HIS A 46 11.88 -1.29 -1.58
N VAL A 47 11.09 -1.47 -2.64
CA VAL A 47 11.64 -1.61 -3.99
C VAL A 47 12.41 -0.35 -4.40
N VAL A 48 11.75 0.80 -4.30
CA VAL A 48 12.37 2.07 -4.66
C VAL A 48 13.46 2.44 -3.68
N LYS A 49 13.26 2.12 -2.40
CA LYS A 49 14.24 2.42 -1.36
C LYS A 49 15.56 1.71 -1.64
N TYR A 50 15.48 0.54 -2.25
CA TYR A 50 16.68 -0.23 -2.58
C TYR A 50 17.02 -0.12 -4.06
N GLU A 51 16.15 -0.67 -4.89
CA GLU A 51 16.36 -0.64 -6.34
C GLU A 51 15.04 -0.83 -7.09
N ALA A 52 14.43 0.29 -7.49
CA ALA A 52 13.16 0.23 -8.21
C ALA A 52 13.34 -0.41 -9.59
N GLN A 53 12.30 -0.32 -10.41
CA GLN A 53 12.35 -0.89 -11.75
C GLN A 53 12.86 0.12 -12.76
N GLY A 54 12.54 1.39 -12.54
CA GLY A 54 12.98 2.44 -13.44
C GLY A 54 12.39 3.80 -13.08
N ASP A 55 12.71 4.80 -13.89
CA ASP A 55 12.21 6.15 -13.66
C ASP A 55 10.67 6.18 -13.68
N LYS A 56 10.11 5.71 -14.78
CA LYS A 56 8.65 5.68 -14.93
C LYS A 56 8.01 4.83 -13.84
N ALA A 57 8.73 3.80 -13.39
CA ALA A 57 8.24 2.92 -12.35
C ALA A 57 8.25 3.60 -10.98
N LYS A 58 9.34 4.30 -10.70
CA LYS A 58 9.49 5.00 -9.43
C LYS A 58 8.38 6.03 -9.24
N GLN A 59 8.22 6.90 -10.23
CA GLN A 59 7.20 7.95 -10.17
C GLN A 59 5.80 7.32 -10.06
N SER A 60 5.63 6.16 -10.68
CA SER A 60 4.34 5.46 -10.65
C SER A 60 4.02 5.00 -9.23
N ILE A 61 4.99 4.37 -8.59
CA ILE A 61 4.80 3.87 -7.22
C ILE A 61 4.71 5.02 -6.23
N ARG A 62 5.46 6.09 -6.50
CA ARG A 62 5.47 7.25 -5.62
C ARG A 62 4.07 7.84 -5.49
N ALA A 63 3.39 8.00 -6.62
CA ALA A 63 2.04 8.55 -6.63
C ALA A 63 1.04 7.59 -5.99
N LYS A 64 1.31 6.29 -6.13
CA LYS A 64 0.45 5.26 -5.58
C LYS A 64 0.66 5.13 -4.06
N CYS A 65 1.93 5.18 -3.65
CA CYS A 65 2.27 5.07 -2.24
C CYS A 65 1.65 6.21 -1.44
N THR A 66 1.50 7.37 -2.07
CA THR A 66 0.92 8.53 -1.42
C THR A 66 -0.60 8.46 -1.42
N GLU A 67 -1.16 7.83 -2.45
CA GLU A 67 -2.62 7.69 -2.57
C GLU A 67 -3.14 6.68 -1.56
N TYR A 68 -2.48 5.51 -1.50
CA TYR A 68 -2.89 4.46 -0.59
C TYR A 68 -2.70 4.89 0.86
N LEU A 69 -1.57 5.53 1.15
CA LEU A 69 -1.28 6.00 2.50
C LEU A 69 -2.33 6.99 2.97
N ASP A 70 -2.78 7.85 2.06
CA ASP A 70 -3.79 8.86 2.39
C ASP A 70 -5.07 8.19 2.87
N ARG A 71 -5.52 7.18 2.14
CA ARG A 71 -6.74 6.45 2.49
C ARG A 71 -6.53 5.62 3.75
N ALA A 72 -5.47 4.82 3.76
CA ALA A 72 -5.16 3.98 4.91
C ALA A 72 -4.93 4.81 6.17
N GLU A 73 -4.33 5.99 5.99
CA GLU A 73 -4.05 6.88 7.11
C GLU A 73 -5.34 7.29 7.81
N LYS A 74 -6.32 7.71 7.02
CA LYS A 74 -7.61 8.13 7.58
C LYS A 74 -8.44 6.93 8.01
N LEU A 75 -8.28 5.83 7.30
CA LEU A 75 -9.01 4.61 7.60
C LEU A 75 -8.68 4.11 9.01
N LYS A 76 -7.39 3.98 9.29
CA LYS A 76 -6.94 3.52 10.60
C LYS A 76 -7.21 4.58 11.67
N GLU A 77 -7.23 5.84 11.26
CA GLU A 77 -7.48 6.94 12.19
C GLU A 77 -8.77 6.73 12.95
N TYR A 78 -9.87 6.53 12.22
CA TYR A 78 -11.17 6.32 12.84
C TYR A 78 -11.24 4.97 13.54
N LEU A 79 -10.55 3.98 12.97
CA LEU A 79 -10.53 2.64 13.54
C LEU A 79 -9.80 2.63 14.88
N LYS A 80 -8.76 3.45 14.98
CA LYS A 80 -7.98 3.53 16.21
C LYS A 80 -8.70 4.37 17.27
N ASN A 81 -9.28 5.47 16.82
CA ASN A 81 -10.01 6.36 17.73
C ASN A 81 -11.17 5.63 18.40
N ASN A 10 9.51 -10.25 -2.34
CA ASN A 10 8.83 -9.27 -1.50
C ASN A 10 8.03 -8.29 -2.34
N LEU A 11 8.52 -8.02 -3.55
CA LEU A 11 7.84 -7.10 -4.46
C LEU A 11 6.56 -7.71 -5.01
N GLN A 12 6.61 -9.02 -5.30
CA GLN A 12 5.45 -9.73 -5.83
C GLN A 12 4.29 -9.66 -4.85
N LYS A 13 4.58 -9.83 -3.57
CA LYS A 13 3.55 -9.79 -2.54
C LYS A 13 3.04 -8.37 -2.34
N ALA A 14 3.92 -7.40 -2.47
CA ALA A 14 3.57 -5.99 -2.30
C ALA A 14 2.49 -5.58 -3.30
N ILE A 15 2.61 -6.07 -4.52
CA ILE A 15 1.64 -5.76 -5.57
C ILE A 15 0.35 -6.55 -5.39
N ASP A 16 0.47 -7.75 -4.83
CA ASP A 16 -0.69 -8.60 -4.61
C ASP A 16 -1.56 -8.05 -3.48
N LEU A 17 -0.94 -7.72 -2.36
CA LEU A 17 -1.66 -7.17 -1.22
C LEU A 17 -2.34 -5.86 -1.58
N ALA A 18 -1.64 -5.04 -2.36
CA ALA A 18 -2.19 -3.75 -2.78
C ALA A 18 -3.48 -3.92 -3.56
N SER A 19 -3.47 -4.88 -4.49
CA SER A 19 -4.66 -5.15 -5.31
C SER A 19 -5.84 -5.57 -4.45
N LYS A 20 -5.56 -6.34 -3.41
CA LYS A 20 -6.60 -6.82 -2.50
C LYS A 20 -7.14 -5.68 -1.65
N ALA A 21 -6.23 -4.86 -1.12
CA ALA A 21 -6.62 -3.73 -0.29
C ALA A 21 -7.45 -2.72 -1.08
N ALA A 22 -6.95 -2.36 -2.26
CA ALA A 22 -7.66 -1.40 -3.11
C ALA A 22 -9.01 -1.95 -3.54
N GLN A 23 -9.09 -3.26 -3.73
CA GLN A 23 -10.32 -3.90 -4.14
C GLN A 23 -11.25 -4.13 -2.95
N GLU A 24 -10.66 -4.36 -1.78
CA GLU A 24 -11.43 -4.59 -0.57
C GLU A 24 -12.10 -3.31 -0.10
N ASP A 25 -11.35 -2.21 -0.08
CA ASP A 25 -11.88 -0.92 0.35
C ASP A 25 -12.96 -0.43 -0.62
N LYS A 26 -12.66 -0.50 -1.91
CA LYS A 26 -13.60 -0.07 -2.94
C LYS A 26 -14.87 -0.89 -2.88
N ALA A 27 -14.74 -2.15 -2.50
CA ALA A 27 -15.89 -3.06 -2.41
C ALA A 27 -16.71 -2.78 -1.15
N GLY A 28 -16.02 -2.57 -0.03
CA GLY A 28 -16.71 -2.30 1.22
C GLY A 28 -15.86 -2.62 2.43
N ASN A 29 -14.97 -3.59 2.28
CA ASN A 29 -14.09 -3.99 3.37
C ASN A 29 -13.00 -2.95 3.60
N TYR A 30 -13.07 -2.28 4.75
CA TYR A 30 -12.10 -1.25 5.10
C TYR A 30 -11.09 -1.78 6.11
N GLU A 31 -11.57 -2.58 7.05
CA GLU A 31 -10.71 -3.16 8.08
C GLU A 31 -9.62 -4.02 7.46
N GLU A 32 -10.03 -5.00 6.67
CA GLU A 32 -9.08 -5.90 6.02
C GLU A 32 -8.19 -5.14 5.05
N ALA A 33 -8.75 -4.11 4.42
CA ALA A 33 -8.02 -3.30 3.47
C ALA A 33 -6.95 -2.46 4.17
N LEU A 34 -7.27 -1.98 5.37
CA LEU A 34 -6.33 -1.17 6.14
C LEU A 34 -5.06 -1.95 6.43
N GLN A 35 -5.21 -3.15 6.98
CA GLN A 35 -4.06 -3.98 7.32
C GLN A 35 -3.29 -4.37 6.06
N LEU A 36 -4.00 -4.49 4.95
CA LEU A 36 -3.38 -4.86 3.68
C LEU A 36 -2.61 -3.68 3.09
N TYR A 37 -3.17 -2.49 3.24
CA TYR A 37 -2.53 -1.28 2.73
C TYR A 37 -1.15 -1.07 3.37
N GLN A 38 -1.09 -1.25 4.68
CA GLN A 38 0.16 -1.09 5.42
C GLN A 38 1.18 -2.16 5.02
N HIS A 39 0.68 -3.37 4.78
CA HIS A 39 1.54 -4.48 4.38
C HIS A 39 2.23 -4.19 3.06
N ALA A 40 1.47 -3.68 2.10
CA ALA A 40 2.01 -3.35 0.78
C ALA A 40 3.16 -2.37 0.88
N VAL A 41 2.96 -1.31 1.68
CA VAL A 41 3.98 -0.29 1.86
C VAL A 41 5.24 -0.87 2.52
N GLN A 42 5.02 -1.76 3.50
CA GLN A 42 6.14 -2.39 4.19
C GLN A 42 7.02 -3.18 3.23
N TYR A 43 6.38 -3.97 2.37
CA TYR A 43 7.11 -4.76 1.39
C TYR A 43 7.70 -3.89 0.29
N PHE A 44 7.03 -2.78 0.00
CA PHE A 44 7.50 -1.85 -1.03
C PHE A 44 8.73 -1.10 -0.56
N LEU A 45 8.66 -0.53 0.63
CA LEU A 45 9.77 0.23 1.19
C LEU A 45 11.00 -0.67 1.35
N HIS A 46 10.76 -1.94 1.61
CA HIS A 46 11.85 -2.90 1.77
C HIS A 46 12.60 -3.13 0.47
N VAL A 47 11.85 -3.20 -0.62
CA VAL A 47 12.44 -3.42 -1.94
C VAL A 47 13.07 -2.14 -2.47
N VAL A 48 12.37 -1.02 -2.29
CA VAL A 48 12.87 0.28 -2.76
C VAL A 48 14.16 0.66 -2.03
N LYS A 49 14.24 0.30 -0.75
CA LYS A 49 15.43 0.60 0.06
C LYS A 49 16.56 -0.37 -0.26
N TYR A 50 16.22 -1.66 -0.33
CA TYR A 50 17.22 -2.68 -0.62
C TYR A 50 17.73 -2.56 -2.05
N GLU A 51 16.90 -2.93 -3.01
CA GLU A 51 17.27 -2.86 -4.43
C GLU A 51 16.04 -2.96 -5.31
N ALA A 52 15.50 -1.82 -5.71
CA ALA A 52 14.32 -1.77 -6.57
C ALA A 52 14.61 -2.41 -7.92
N GLN A 53 13.63 -2.35 -8.81
CA GLN A 53 13.77 -2.92 -10.15
C GLN A 53 14.50 -1.95 -11.07
N GLY A 54 14.03 -0.71 -11.10
CA GLY A 54 14.66 0.30 -11.95
C GLY A 54 14.22 1.71 -11.59
N ASP A 55 14.68 2.69 -12.36
CA ASP A 55 14.33 4.08 -12.12
C ASP A 55 12.83 4.29 -12.23
N LYS A 56 12.25 3.81 -13.33
CA LYS A 56 10.81 3.95 -13.55
C LYS A 56 10.02 3.13 -12.54
N ALA A 57 10.59 2.02 -12.11
CA ALA A 57 9.94 1.14 -11.14
C ALA A 57 9.89 1.79 -9.77
N LYS A 58 11.00 2.38 -9.35
CA LYS A 58 11.08 3.03 -8.05
C LYS A 58 10.06 4.16 -7.96
N GLN A 59 10.02 5.01 -8.98
CA GLN A 59 9.08 6.13 -8.99
C GLN A 59 7.65 5.64 -8.91
N SER A 60 7.39 4.48 -9.50
CA SER A 60 6.05 3.90 -9.50
C SER A 60 5.60 3.59 -8.08
N ILE A 61 6.53 3.10 -7.25
CA ILE A 61 6.22 2.76 -5.87
C ILE A 61 5.96 4.01 -5.04
N ARG A 62 6.67 5.10 -5.38
CA ARG A 62 6.50 6.36 -4.66
C ARG A 62 5.06 6.85 -4.75
N ALA A 63 4.50 6.81 -5.95
CA ALA A 63 3.13 7.25 -6.17
C ALA A 63 2.14 6.34 -5.46
N LYS A 64 2.45 5.05 -5.44
CA LYS A 64 1.58 4.07 -4.79
C LYS A 64 1.72 4.14 -3.28
N CYS A 65 2.94 4.38 -2.81
CA CYS A 65 3.21 4.47 -1.37
C CYS A 65 2.42 5.62 -0.75
N THR A 66 2.21 6.67 -1.53
CA THR A 66 1.48 7.84 -1.05
C THR A 66 -0.03 7.61 -1.15
N GLU A 67 -0.45 6.84 -2.15
CA GLU A 67 -1.86 6.54 -2.35
C GLU A 67 -2.37 5.58 -1.26
N TYR A 68 -1.62 4.51 -1.02
CA TYR A 68 -2.01 3.53 -0.02
C TYR A 68 -1.89 4.10 1.39
N LEU A 69 -0.81 4.86 1.63
CA LEU A 69 -0.59 5.47 2.93
C LEU A 69 -1.72 6.42 3.29
N ASP A 70 -2.05 7.31 2.36
CA ASP A 70 -3.12 8.29 2.58
C ASP A 70 -4.46 7.58 2.80
N ARG A 71 -4.75 6.61 1.95
CA ARG A 71 -6.01 5.86 2.05
C ARG A 71 -6.07 5.10 3.37
N ALA A 72 -4.98 4.42 3.71
CA ALA A 72 -4.91 3.64 4.95
C ALA A 72 -4.87 4.57 6.17
N GLU A 73 -4.18 5.69 6.04
CA GLU A 73 -4.06 6.66 7.12
C GLU A 73 -5.44 7.17 7.53
N LYS A 74 -6.27 7.46 6.55
CA LYS A 74 -7.61 7.96 6.80
C LYS A 74 -8.49 6.89 7.46
N LEU A 75 -8.40 5.67 6.94
CA LEU A 75 -9.18 4.55 7.47
C LEU A 75 -8.87 4.33 8.95
N LYS A 76 -7.59 4.22 9.27
CA LYS A 76 -7.16 4.01 10.65
C LYS A 76 -7.58 5.18 11.53
N GLU A 77 -7.69 6.36 10.92
CA GLU A 77 -8.07 7.55 11.65
C GLU A 77 -9.44 7.39 12.31
N TYR A 78 -10.44 7.02 11.51
CA TYR A 78 -11.79 6.82 12.02
C TYR A 78 -11.94 5.44 12.65
N LEU A 79 -11.29 4.45 12.05
CA LEU A 79 -11.35 3.09 12.55
C LEU A 79 -10.82 3.01 13.99
N LYS A 80 -9.75 3.74 14.25
CA LYS A 80 -9.14 3.76 15.58
C LYS A 80 -9.86 4.74 16.49
N ASN A 81 -10.38 5.81 15.91
CA ASN A 81 -11.10 6.83 16.67
C ASN A 81 -12.43 6.29 17.20
N ASN A 10 10.44 -8.48 -4.08
CA ASN A 10 9.88 -7.52 -3.15
C ASN A 10 8.91 -6.58 -3.85
N LEU A 11 9.18 -6.30 -5.12
CA LEU A 11 8.33 -5.42 -5.90
C LEU A 11 7.05 -6.11 -6.32
N GLN A 12 7.16 -7.39 -6.65
CA GLN A 12 6.00 -8.18 -7.07
C GLN A 12 4.95 -8.23 -5.96
N LYS A 13 5.41 -8.29 -4.72
CA LYS A 13 4.50 -8.34 -3.57
C LYS A 13 3.91 -6.97 -3.29
N ALA A 14 4.71 -5.93 -3.51
CA ALA A 14 4.25 -4.55 -3.28
C ALA A 14 3.04 -4.22 -4.15
N ILE A 15 3.05 -4.71 -5.38
CA ILE A 15 1.96 -4.48 -6.32
C ILE A 15 0.76 -5.37 -6.00
N ASP A 16 1.04 -6.58 -5.53
CA ASP A 16 -0.01 -7.53 -5.19
C ASP A 16 -0.80 -7.04 -3.97
N LEU A 17 -0.08 -6.69 -2.91
CA LEU A 17 -0.71 -6.21 -1.69
C LEU A 17 -1.51 -4.93 -1.94
N ALA A 18 -0.96 -4.07 -2.79
CA ALA A 18 -1.63 -2.81 -3.12
C ALA A 18 -3.00 -3.05 -3.73
N SER A 19 -3.07 -4.01 -4.66
CA SER A 19 -4.32 -4.34 -5.33
C SER A 19 -5.30 -5.00 -4.35
N LYS A 20 -4.78 -5.92 -3.54
CA LYS A 20 -5.61 -6.62 -2.57
C LYS A 20 -6.18 -5.65 -1.54
N ALA A 21 -5.35 -4.71 -1.09
CA ALA A 21 -5.77 -3.72 -0.10
C ALA A 21 -6.93 -2.89 -0.63
N ALA A 22 -6.81 -2.41 -1.86
CA ALA A 22 -7.86 -1.60 -2.48
C ALA A 22 -9.17 -2.37 -2.56
N GLN A 23 -9.07 -3.69 -2.71
CA GLN A 23 -10.25 -4.54 -2.80
C GLN A 23 -10.88 -4.75 -1.43
N GLU A 24 -10.04 -4.77 -0.39
CA GLU A 24 -10.51 -4.97 0.97
C GLU A 24 -11.30 -3.76 1.45
N ASP A 25 -10.70 -2.58 1.34
CA ASP A 25 -11.35 -1.35 1.76
C ASP A 25 -12.59 -1.08 0.93
N LYS A 26 -12.57 -1.50 -0.32
CA LYS A 26 -13.70 -1.31 -1.22
C LYS A 26 -14.84 -2.26 -0.88
N ALA A 27 -14.50 -3.41 -0.32
CA ALA A 27 -15.49 -4.41 0.05
C ALA A 27 -15.86 -4.31 1.53
N GLY A 28 -15.66 -3.12 2.10
CA GLY A 28 -15.98 -2.92 3.51
C GLY A 28 -14.79 -3.16 4.42
N ASN A 29 -14.01 -4.18 4.12
CA ASN A 29 -12.85 -4.52 4.91
C ASN A 29 -11.88 -3.34 4.99
N TYR A 30 -12.01 -2.54 6.03
CA TYR A 30 -11.14 -1.37 6.22
C TYR A 30 -9.91 -1.75 7.03
N GLU A 31 -10.10 -2.52 8.08
CA GLU A 31 -9.00 -2.94 8.94
C GLU A 31 -7.98 -3.75 8.14
N GLU A 32 -8.44 -4.80 7.49
CA GLU A 32 -7.57 -5.66 6.69
C GLU A 32 -6.89 -4.85 5.58
N ALA A 33 -7.59 -3.84 5.08
CA ALA A 33 -7.05 -3.00 4.02
C ALA A 33 -5.93 -2.11 4.53
N LEU A 34 -6.08 -1.63 5.77
CA LEU A 34 -5.07 -0.77 6.38
C LEU A 34 -3.73 -1.50 6.48
N GLN A 35 -3.78 -2.75 6.91
CA GLN A 35 -2.56 -3.55 7.05
C GLN A 35 -1.92 -3.81 5.70
N LEU A 36 -2.76 -3.98 4.68
CA LEU A 36 -2.28 -4.24 3.33
C LEU A 36 -1.71 -2.97 2.70
N TYR A 37 -2.38 -1.85 2.94
CA TYR A 37 -1.95 -0.57 2.41
C TYR A 37 -0.55 -0.22 2.89
N GLN A 38 -0.31 -0.38 4.18
CA GLN A 38 0.98 -0.09 4.77
C GLN A 38 2.05 -1.02 4.23
N HIS A 39 1.70 -2.28 4.04
CA HIS A 39 2.63 -3.28 3.52
C HIS A 39 3.14 -2.88 2.14
N ALA A 40 2.21 -2.48 1.26
CA ALA A 40 2.56 -2.08 -0.09
C ALA A 40 3.55 -0.92 -0.08
N VAL A 41 3.29 0.06 0.76
CA VAL A 41 4.16 1.24 0.87
C VAL A 41 5.54 0.84 1.37
N GLN A 42 5.58 -0.05 2.37
CA GLN A 42 6.84 -0.51 2.93
C GLN A 42 7.70 -1.19 1.87
N TYR A 43 7.07 -2.06 1.08
CA TYR A 43 7.78 -2.78 0.03
C TYR A 43 8.16 -1.83 -1.11
N PHE A 44 7.33 -0.82 -1.34
CA PHE A 44 7.57 0.15 -2.40
C PHE A 44 8.73 1.07 -2.04
N LEU A 45 8.67 1.64 -0.83
CA LEU A 45 9.71 2.54 -0.36
C LEU A 45 11.07 1.85 -0.32
N HIS A 46 11.05 0.54 -0.06
CA HIS A 46 12.27 -0.25 0.00
C HIS A 46 12.89 -0.39 -1.38
N VAL A 47 12.06 -0.59 -2.38
CA VAL A 47 12.53 -0.74 -3.75
C VAL A 47 13.06 0.57 -4.31
N VAL A 48 12.24 1.61 -4.24
CA VAL A 48 12.62 2.93 -4.73
C VAL A 48 13.85 3.46 -3.99
N LYS A 49 13.88 3.26 -2.68
CA LYS A 49 14.99 3.70 -1.85
C LYS A 49 16.27 2.93 -2.20
N TYR A 50 16.12 1.65 -2.50
CA TYR A 50 17.25 0.80 -2.85
C TYR A 50 17.62 0.98 -4.32
N GLU A 51 16.75 0.49 -5.20
CA GLU A 51 16.99 0.59 -6.64
C GLU A 51 15.74 0.21 -7.42
N ALA A 52 14.93 1.20 -7.76
CA ALA A 52 13.70 0.97 -8.52
C ALA A 52 14.00 0.33 -9.86
N GLN A 53 12.98 0.27 -10.71
CA GLN A 53 13.14 -0.33 -12.04
C GLN A 53 13.90 0.61 -12.97
N GLY A 54 13.52 1.88 -12.97
CA GLY A 54 14.18 2.85 -13.82
C GLY A 54 13.81 4.28 -13.46
N ASP A 55 12.95 4.89 -14.27
CA ASP A 55 12.51 6.26 -14.04
C ASP A 55 10.99 6.35 -13.99
N LYS A 56 10.34 5.95 -15.08
CA LYS A 56 8.89 5.99 -15.15
C LYS A 56 8.27 5.11 -14.08
N ALA A 57 8.96 4.04 -13.72
CA ALA A 57 8.47 3.11 -12.71
C ALA A 57 8.36 3.81 -11.35
N LYS A 58 9.38 4.57 -10.99
CA LYS A 58 9.39 5.29 -9.73
C LYS A 58 8.22 6.26 -9.64
N GLN A 59 7.95 6.94 -10.75
CA GLN A 59 6.85 7.91 -10.81
C GLN A 59 5.51 7.23 -10.49
N SER A 60 5.37 5.99 -10.94
CA SER A 60 4.14 5.24 -10.70
C SER A 60 3.97 4.93 -9.22
N ILE A 61 5.08 4.66 -8.54
CA ILE A 61 5.05 4.35 -7.12
C ILE A 61 4.74 5.59 -6.29
N ARG A 62 5.21 6.75 -6.76
CA ARG A 62 4.98 8.01 -6.07
C ARG A 62 3.49 8.29 -5.95
N ALA A 63 2.79 8.22 -7.07
CA ALA A 63 1.36 8.47 -7.10
C ALA A 63 0.59 7.43 -6.28
N LYS A 64 1.11 6.21 -6.27
CA LYS A 64 0.48 5.12 -5.52
C LYS A 64 0.77 5.25 -4.03
N CYS A 65 2.01 5.64 -3.71
CA CYS A 65 2.41 5.81 -2.32
C CYS A 65 1.56 6.84 -1.61
N THR A 66 1.08 7.82 -2.38
CA THR A 66 0.23 8.88 -1.82
C THR A 66 -1.22 8.44 -1.75
N GLU A 67 -1.62 7.59 -2.69
CA GLU A 67 -2.98 7.09 -2.73
C GLU A 67 -3.26 6.15 -1.56
N TYR A 68 -2.35 5.21 -1.34
CA TYR A 68 -2.50 4.25 -0.26
C TYR A 68 -2.27 4.91 1.10
N LEU A 69 -1.31 5.84 1.15
CA LEU A 69 -0.99 6.55 2.38
C LEU A 69 -2.19 7.37 2.85
N ASP A 70 -2.77 8.14 1.93
CA ASP A 70 -3.92 8.97 2.27
C ASP A 70 -5.09 8.12 2.74
N ARG A 71 -5.28 6.96 2.11
CA ARG A 71 -6.36 6.07 2.46
C ARG A 71 -6.07 5.35 3.78
N ALA A 72 -4.87 4.79 3.88
CA ALA A 72 -4.46 4.07 5.08
C ALA A 72 -4.36 5.02 6.27
N GLU A 73 -3.80 6.21 6.04
CA GLU A 73 -3.65 7.20 7.08
C GLU A 73 -5.00 7.60 7.67
N LYS A 74 -6.00 7.72 6.81
CA LYS A 74 -7.34 8.09 7.24
C LYS A 74 -8.01 6.93 7.97
N LEU A 75 -7.85 5.72 7.43
CA LEU A 75 -8.45 4.54 8.03
C LEU A 75 -7.97 4.36 9.47
N LYS A 76 -6.66 4.39 9.66
CA LYS A 76 -6.08 4.23 10.99
C LYS A 76 -6.47 5.39 11.89
N GLU A 77 -6.72 6.54 11.29
CA GLU A 77 -7.10 7.73 12.03
C GLU A 77 -8.33 7.48 12.89
N TYR A 78 -9.42 7.05 12.25
CA TYR A 78 -10.66 6.77 12.95
C TYR A 78 -10.55 5.47 13.76
N LEU A 79 -9.82 4.50 13.21
CA LEU A 79 -9.64 3.22 13.87
C LEU A 79 -8.88 3.39 15.19
N LYS A 80 -8.00 4.39 15.23
CA LYS A 80 -7.21 4.66 16.43
C LYS A 80 -8.03 5.43 17.46
N ASN A 81 -8.78 6.42 16.98
CA ASN A 81 -9.61 7.24 17.86
C ASN A 81 -10.63 6.38 18.59
N ASN A 10 8.97 -10.33 -1.37
CA ASN A 10 8.48 -9.18 -0.60
C ASN A 10 7.55 -8.33 -1.45
N LEU A 11 7.84 -8.22 -2.74
CA LEU A 11 7.03 -7.44 -3.66
C LEU A 11 5.73 -8.17 -4.00
N GLN A 12 5.82 -9.49 -4.09
CA GLN A 12 4.65 -10.31 -4.42
C GLN A 12 3.56 -10.13 -3.36
N LYS A 13 3.97 -9.90 -2.12
CA LYS A 13 3.02 -9.72 -1.02
C LYS A 13 2.47 -8.29 -1.02
N ALA A 14 3.33 -7.33 -1.33
CA ALA A 14 2.92 -5.93 -1.36
C ALA A 14 1.81 -5.70 -2.38
N ILE A 15 1.92 -6.36 -3.52
CA ILE A 15 0.92 -6.23 -4.58
C ILE A 15 -0.33 -7.04 -4.25
N ASP A 16 -0.13 -8.19 -3.62
CA ASP A 16 -1.24 -9.06 -3.25
C ASP A 16 -2.18 -8.35 -2.28
N LEU A 17 -1.61 -7.62 -1.33
CA LEU A 17 -2.39 -6.89 -0.34
C LEU A 17 -3.06 -5.66 -0.96
N ALA A 18 -2.34 -5.02 -1.88
CA ALA A 18 -2.87 -3.83 -2.55
C ALA A 18 -4.15 -4.15 -3.32
N SER A 19 -4.18 -5.31 -3.96
CA SER A 19 -5.34 -5.73 -4.73
C SER A 19 -6.51 -6.08 -3.81
N LYS A 20 -6.20 -6.75 -2.70
CA LYS A 20 -7.22 -7.14 -1.74
C LYS A 20 -7.74 -5.93 -0.98
N ALA A 21 -6.83 -5.05 -0.58
CA ALA A 21 -7.20 -3.84 0.15
C ALA A 21 -8.11 -2.95 -0.68
N ALA A 22 -7.70 -2.67 -1.91
CA ALA A 22 -8.48 -1.83 -2.81
C ALA A 22 -9.86 -2.43 -3.05
N GLN A 23 -9.92 -3.76 -3.11
CA GLN A 23 -11.18 -4.45 -3.34
C GLN A 23 -12.01 -4.52 -2.06
N GLU A 24 -11.34 -4.59 -0.92
CA GLU A 24 -12.02 -4.65 0.36
C GLU A 24 -12.72 -3.33 0.67
N ASP A 25 -12.01 -2.23 0.54
CA ASP A 25 -12.56 -0.91 0.81
C ASP A 25 -13.73 -0.62 -0.13
N LYS A 26 -13.52 -0.82 -1.42
CA LYS A 26 -14.55 -0.58 -2.42
C LYS A 26 -15.76 -1.49 -2.17
N ALA A 27 -15.51 -2.68 -1.64
CA ALA A 27 -16.56 -3.64 -1.36
C ALA A 27 -17.40 -3.19 -0.17
N GLY A 28 -16.75 -2.53 0.79
CA GLY A 28 -17.46 -2.07 1.97
C GLY A 28 -16.63 -2.20 3.23
N ASN A 29 -15.78 -3.21 3.27
CA ASN A 29 -14.92 -3.45 4.42
C ASN A 29 -13.78 -2.45 4.48
N TYR A 30 -13.77 -1.64 5.53
CA TYR A 30 -12.73 -0.62 5.70
C TYR A 30 -11.69 -1.08 6.71
N GLU A 31 -12.14 -1.80 7.73
CA GLU A 31 -11.24 -2.29 8.77
C GLU A 31 -10.17 -3.20 8.18
N GLU A 32 -10.62 -4.29 7.53
CA GLU A 32 -9.70 -5.23 6.92
C GLU A 32 -8.88 -4.57 5.82
N ALA A 33 -9.49 -3.64 5.11
CA ALA A 33 -8.82 -2.93 4.03
C ALA A 33 -7.71 -2.03 4.57
N LEU A 34 -7.98 -1.40 5.72
CA LEU A 34 -7.01 -0.52 6.34
C LEU A 34 -5.72 -1.27 6.69
N GLN A 35 -5.87 -2.40 7.37
CA GLN A 35 -4.72 -3.20 7.75
C GLN A 35 -3.96 -3.69 6.53
N LEU A 36 -4.68 -3.91 5.43
CA LEU A 36 -4.07 -4.37 4.19
C LEU A 36 -3.29 -3.24 3.51
N TYR A 37 -3.87 -2.04 3.52
CA TYR A 37 -3.23 -0.89 2.91
C TYR A 37 -1.88 -0.59 3.57
N GLN A 38 -1.81 -0.85 4.88
CA GLN A 38 -0.58 -0.60 5.63
C GLN A 38 0.48 -1.65 5.30
N HIS A 39 0.06 -2.91 5.23
CA HIS A 39 0.97 -4.00 4.92
C HIS A 39 1.59 -3.81 3.54
N ALA A 40 0.77 -3.43 2.57
CA ALA A 40 1.24 -3.21 1.21
C ALA A 40 2.30 -2.13 1.15
N VAL A 41 2.07 -1.05 1.89
CA VAL A 41 3.01 0.07 1.94
C VAL A 41 4.32 -0.35 2.60
N GLN A 42 4.23 -1.25 3.57
CA GLN A 42 5.40 -1.72 4.29
C GLN A 42 6.30 -2.55 3.37
N TYR A 43 5.69 -3.48 2.63
CA TYR A 43 6.43 -4.34 1.71
C TYR A 43 6.88 -3.54 0.48
N PHE A 44 6.02 -2.65 0.01
CA PHE A 44 6.32 -1.83 -1.16
C PHE A 44 7.57 -0.98 -0.92
N LEU A 45 7.53 -0.18 0.14
CA LEU A 45 8.65 0.69 0.48
C LEU A 45 9.91 -0.13 0.76
N HIS A 46 9.72 -1.34 1.29
CA HIS A 46 10.84 -2.23 1.60
C HIS A 46 11.64 -2.56 0.34
N VAL A 47 10.93 -2.73 -0.77
CA VAL A 47 11.58 -3.05 -2.04
C VAL A 47 12.29 -1.82 -2.62
N VAL A 48 11.60 -0.68 -2.57
CA VAL A 48 12.17 0.56 -3.10
C VAL A 48 13.36 1.01 -2.27
N LYS A 49 13.28 0.79 -0.96
CA LYS A 49 14.35 1.18 -0.05
C LYS A 49 15.55 0.24 -0.18
N TYR A 50 15.26 -1.05 -0.27
CA TYR A 50 16.32 -2.06 -0.40
C TYR A 50 16.90 -2.05 -1.81
N GLU A 51 16.13 -2.57 -2.76
CA GLU A 51 16.57 -2.63 -4.15
C GLU A 51 15.39 -2.83 -5.09
N ALA A 52 14.88 -1.72 -5.64
CA ALA A 52 13.74 -1.78 -6.55
C ALA A 52 14.12 -2.47 -7.86
N GLN A 53 13.18 -2.50 -8.79
CA GLN A 53 13.42 -3.12 -10.09
C GLN A 53 14.11 -2.15 -11.05
N GLY A 54 13.74 -0.88 -10.95
CA GLY A 54 14.32 0.13 -11.81
C GLY A 54 13.77 1.51 -11.56
N ASP A 55 14.18 2.48 -12.37
CA ASP A 55 13.71 3.85 -12.22
C ASP A 55 12.20 3.94 -12.39
N LYS A 56 11.71 3.42 -13.51
CA LYS A 56 10.28 3.44 -13.79
C LYS A 56 9.51 2.63 -12.74
N ALA A 57 10.15 1.59 -12.22
CA ALA A 57 9.53 0.75 -11.21
C ALA A 57 9.38 1.47 -9.88
N LYS A 58 10.43 2.19 -9.48
CA LYS A 58 10.43 2.94 -8.24
C LYS A 58 9.32 4.00 -8.24
N GLN A 59 9.24 4.76 -9.33
CA GLN A 59 8.23 5.80 -9.45
C GLN A 59 6.82 5.19 -9.38
N SER A 60 6.67 3.98 -9.89
CA SER A 60 5.39 3.30 -9.89
C SER A 60 4.92 3.02 -8.46
N ILE A 61 5.84 2.52 -7.63
CA ILE A 61 5.53 2.22 -6.24
C ILE A 61 5.34 3.50 -5.43
N ARG A 62 6.10 4.53 -5.77
CA ARG A 62 6.01 5.81 -5.07
C ARG A 62 4.61 6.40 -5.17
N ALA A 63 4.03 6.31 -6.36
CA ALA A 63 2.69 6.83 -6.60
C ALA A 63 1.63 5.98 -5.89
N LYS A 64 1.87 4.67 -5.85
CA LYS A 64 0.94 3.76 -5.20
C LYS A 64 1.06 3.84 -3.68
N CYS A 65 2.30 3.96 -3.20
CA CYS A 65 2.54 4.05 -1.77
C CYS A 65 1.91 5.30 -1.18
N THR A 66 1.81 6.35 -1.99
CA THR A 66 1.22 7.60 -1.55
C THR A 66 -0.30 7.55 -1.63
N GLU A 67 -0.80 6.79 -2.61
CA GLU A 67 -2.24 6.66 -2.81
C GLU A 67 -2.85 5.78 -1.73
N TYR A 68 -2.24 4.63 -1.48
CA TYR A 68 -2.72 3.70 -0.46
C TYR A 68 -2.60 4.31 0.94
N LEU A 69 -1.49 5.01 1.17
CA LEU A 69 -1.26 5.63 2.47
C LEU A 69 -2.26 6.76 2.72
N ASP A 70 -2.69 7.42 1.65
CA ASP A 70 -3.65 8.52 1.76
C ASP A 70 -5.00 8.01 2.26
N ARG A 71 -5.53 7.00 1.59
CA ARG A 71 -6.82 6.42 1.97
C ARG A 71 -6.73 5.74 3.33
N ALA A 72 -5.67 4.96 3.52
CA ALA A 72 -5.46 4.24 4.77
C ALA A 72 -5.31 5.22 5.94
N GLU A 73 -4.60 6.31 5.71
CA GLU A 73 -4.39 7.32 6.74
C GLU A 73 -5.72 7.91 7.21
N LYS A 74 -6.61 8.17 6.26
CA LYS A 74 -7.92 8.73 6.58
C LYS A 74 -8.79 7.69 7.29
N LEU A 75 -8.73 6.46 6.80
CA LEU A 75 -9.53 5.38 7.39
C LEU A 75 -9.19 5.19 8.86
N LYS A 76 -7.91 5.06 9.16
CA LYS A 76 -7.45 4.87 10.53
C LYS A 76 -7.79 6.09 11.38
N GLU A 77 -7.87 7.26 10.74
CA GLU A 77 -8.20 8.49 11.43
C GLU A 77 -9.54 8.39 12.15
N TYR A 78 -10.58 8.02 11.39
CA TYR A 78 -11.92 7.90 11.95
C TYR A 78 -12.08 6.55 12.66
N LEU A 79 -11.47 5.52 12.09
CA LEU A 79 -11.55 4.18 12.67
C LEU A 79 -10.98 4.15 14.08
N LYS A 80 -9.96 4.98 14.31
CA LYS A 80 -9.32 5.05 15.62
C LYS A 80 -10.06 6.03 16.53
N ASN A 81 -10.64 7.06 15.94
CA ASN A 81 -11.38 8.07 16.70
C ASN A 81 -12.71 7.50 17.20
N ASN A 10 8.95 -10.47 -4.09
CA ASN A 10 8.63 -9.46 -3.09
C ASN A 10 7.76 -8.36 -3.70
N LEU A 11 7.96 -8.09 -4.99
CA LEU A 11 7.19 -7.07 -5.68
C LEU A 11 5.80 -7.59 -6.03
N GLN A 12 5.72 -8.84 -6.44
CA GLN A 12 4.44 -9.46 -6.80
C GLN A 12 3.48 -9.44 -5.62
N LYS A 13 4.04 -9.54 -4.42
CA LYS A 13 3.23 -9.55 -3.20
C LYS A 13 2.80 -8.13 -2.83
N ALA A 14 3.70 -7.18 -3.02
CA ALA A 14 3.42 -5.78 -2.71
C ALA A 14 2.29 -5.24 -3.58
N ILE A 15 2.30 -5.60 -4.86
CA ILE A 15 1.27 -5.15 -5.79
C ILE A 15 -0.04 -5.91 -5.58
N ASP A 16 0.08 -7.19 -5.23
CA ASP A 16 -1.10 -8.02 -4.99
C ASP A 16 -1.95 -7.45 -3.87
N LEU A 17 -1.31 -7.12 -2.75
CA LEU A 17 -2.02 -6.57 -1.60
C LEU A 17 -2.56 -5.17 -1.91
N ALA A 18 -1.78 -4.40 -2.66
CA ALA A 18 -2.17 -3.05 -3.03
C ALA A 18 -3.48 -3.06 -3.83
N SER A 19 -3.67 -4.10 -4.62
CA SER A 19 -4.88 -4.23 -5.44
C SER A 19 -6.04 -4.74 -4.60
N LYS A 20 -5.76 -5.72 -3.74
CA LYS A 20 -6.79 -6.30 -2.88
C LYS A 20 -7.24 -5.30 -1.82
N ALA A 21 -6.27 -4.64 -1.18
CA ALA A 21 -6.56 -3.66 -0.14
C ALA A 21 -7.41 -2.52 -0.69
N ALA A 22 -7.01 -1.99 -1.84
CA ALA A 22 -7.72 -0.89 -2.47
C ALA A 22 -9.16 -1.29 -2.81
N GLN A 23 -9.33 -2.56 -3.17
CA GLN A 23 -10.64 -3.07 -3.52
C GLN A 23 -11.46 -3.38 -2.28
N GLU A 24 -10.79 -3.85 -1.24
CA GLU A 24 -11.45 -4.19 0.02
C GLU A 24 -12.09 -2.95 0.64
N ASP A 25 -11.30 -1.89 0.80
CA ASP A 25 -11.79 -0.65 1.38
C ASP A 25 -12.91 -0.06 0.53
N LYS A 26 -12.69 0.00 -0.77
CA LYS A 26 -13.69 0.54 -1.69
C LYS A 26 -14.96 -0.29 -1.66
N ALA A 27 -14.81 -1.58 -1.41
CA ALA A 27 -15.95 -2.48 -1.36
C ALA A 27 -16.76 -2.28 -0.08
N GLY A 28 -16.06 -2.19 1.04
CA GLY A 28 -16.73 -1.99 2.32
C GLY A 28 -15.90 -2.46 3.48
N ASN A 29 -15.04 -3.45 3.24
CA ASN A 29 -14.19 -3.99 4.29
C ASN A 29 -13.03 -3.05 4.60
N TYR A 30 -12.94 -2.62 5.85
CA TYR A 30 -11.88 -1.71 6.27
C TYR A 30 -10.86 -2.43 7.15
N GLU A 31 -11.34 -3.37 7.95
CA GLU A 31 -10.47 -4.14 8.85
C GLU A 31 -9.42 -4.90 8.04
N GLU A 32 -9.88 -5.75 7.13
CA GLU A 32 -8.98 -6.55 6.30
C GLU A 32 -8.15 -5.64 5.40
N ALA A 33 -8.75 -4.55 4.94
CA ALA A 33 -8.06 -3.61 4.07
C ALA A 33 -6.91 -2.92 4.79
N LEU A 34 -7.15 -2.55 6.05
CA LEU A 34 -6.14 -1.88 6.85
C LEU A 34 -4.90 -2.76 7.01
N GLN A 35 -5.11 -4.04 7.27
CA GLN A 35 -4.01 -4.98 7.44
C GLN A 35 -3.26 -5.18 6.13
N LEU A 36 -4.00 -5.25 5.02
CA LEU A 36 -3.41 -5.44 3.71
C LEU A 36 -2.63 -4.20 3.28
N TYR A 37 -3.17 -3.03 3.61
CA TYR A 37 -2.52 -1.77 3.26
C TYR A 37 -1.13 -1.67 3.89
N GLN A 38 -1.05 -2.01 5.18
CA GLN A 38 0.22 -1.97 5.90
C GLN A 38 1.25 -2.88 5.25
N HIS A 39 0.79 -4.07 4.84
CA HIS A 39 1.67 -5.05 4.20
C HIS A 39 2.22 -4.51 2.89
N ALA A 40 1.39 -3.76 2.17
CA ALA A 40 1.80 -3.19 0.89
C ALA A 40 3.00 -2.28 1.06
N VAL A 41 2.93 -1.37 2.01
CA VAL A 41 4.02 -0.44 2.28
C VAL A 41 5.27 -1.17 2.74
N GLN A 42 5.08 -2.23 3.51
CA GLN A 42 6.19 -3.02 4.02
C GLN A 42 6.95 -3.69 2.87
N TYR A 43 6.21 -4.28 1.94
CA TYR A 43 6.81 -4.95 0.79
C TYR A 43 7.36 -3.94 -0.21
N PHE A 44 6.65 -2.82 -0.36
CA PHE A 44 7.06 -1.77 -1.29
C PHE A 44 8.37 -1.13 -0.84
N LEU A 45 8.42 -0.75 0.43
CA LEU A 45 9.62 -0.13 0.99
C LEU A 45 10.80 -1.08 0.96
N HIS A 46 10.52 -2.38 1.14
CA HIS A 46 11.57 -3.39 1.14
C HIS A 46 12.20 -3.50 -0.24
N VAL A 47 11.41 -3.24 -1.28
CA VAL A 47 11.90 -3.32 -2.65
C VAL A 47 12.69 -2.06 -3.02
N VAL A 48 12.08 -0.90 -2.80
CA VAL A 48 12.72 0.37 -3.10
C VAL A 48 13.96 0.59 -2.24
N LYS A 49 13.86 0.22 -0.97
CA LYS A 49 14.97 0.37 -0.04
C LYS A 49 16.14 -0.52 -0.43
N TYR A 50 15.83 -1.76 -0.80
CA TYR A 50 16.85 -2.73 -1.21
C TYR A 50 17.40 -2.38 -2.58
N GLU A 51 16.57 -2.55 -3.61
CA GLU A 51 16.97 -2.27 -4.98
C GLU A 51 15.79 -2.40 -5.93
N ALA A 52 15.08 -1.30 -6.15
CA ALA A 52 13.93 -1.29 -7.04
C ALA A 52 14.33 -1.60 -8.47
N GLN A 53 13.36 -1.58 -9.38
CA GLN A 53 13.62 -1.86 -10.79
C GLN A 53 14.53 -0.79 -11.39
N GLY A 54 14.04 0.44 -11.44
CA GLY A 54 14.81 1.54 -12.00
C GLY A 54 14.49 2.86 -11.35
N ASP A 55 14.78 3.96 -12.06
CA ASP A 55 14.51 5.29 -11.55
C ASP A 55 13.01 5.60 -11.58
N LYS A 56 12.41 5.52 -12.76
CA LYS A 56 10.99 5.79 -12.92
C LYS A 56 10.16 4.82 -12.08
N ALA A 57 10.67 3.60 -11.91
CA ALA A 57 9.98 2.58 -11.13
C ALA A 57 9.82 3.01 -9.68
N LYS A 58 10.90 3.52 -9.10
CA LYS A 58 10.89 3.97 -7.72
C LYS A 58 9.85 5.08 -7.51
N GLN A 59 9.80 6.01 -8.46
CA GLN A 59 8.86 7.12 -8.38
C GLN A 59 7.42 6.62 -8.37
N SER A 60 7.19 5.51 -9.07
CA SER A 60 5.85 4.92 -9.13
C SER A 60 5.46 4.29 -7.80
N ILE A 61 6.39 3.52 -7.23
CA ILE A 61 6.14 2.86 -5.94
C ILE A 61 6.09 3.87 -4.81
N ARG A 62 6.89 4.93 -4.92
CA ARG A 62 6.93 5.97 -3.90
C ARG A 62 5.56 6.61 -3.71
N ALA A 63 4.94 7.00 -4.83
CA ALA A 63 3.62 7.62 -4.79
C ALA A 63 2.57 6.64 -4.30
N LYS A 64 2.76 5.36 -4.61
CA LYS A 64 1.82 4.33 -4.20
C LYS A 64 2.00 3.99 -2.72
N CYS A 65 3.25 3.90 -2.29
CA CYS A 65 3.55 3.58 -0.90
C CYS A 65 2.95 4.61 0.05
N THR A 66 2.84 5.86 -0.43
CA THR A 66 2.29 6.94 0.37
C THR A 66 0.76 6.92 0.32
N GLU A 67 0.22 6.48 -0.82
CA GLU A 67 -1.23 6.41 -1.00
C GLU A 67 -1.83 5.33 -0.11
N TYR A 68 -1.24 4.15 -0.13
CA TYR A 68 -1.72 3.03 0.66
C TYR A 68 -1.54 3.31 2.15
N LEU A 69 -0.38 3.81 2.52
CA LEU A 69 -0.08 4.13 3.91
C LEU A 69 -1.06 5.15 4.45
N ASP A 70 -1.37 6.15 3.65
CA ASP A 70 -2.29 7.22 4.05
C ASP A 70 -3.67 6.64 4.38
N ARG A 71 -4.16 5.76 3.50
CA ARG A 71 -5.47 5.14 3.71
C ARG A 71 -5.46 4.26 4.95
N ALA A 72 -4.31 3.67 5.24
CA ALA A 72 -4.18 2.80 6.41
C ALA A 72 -4.08 3.62 7.69
N GLU A 73 -3.33 4.72 7.63
CA GLU A 73 -3.15 5.58 8.79
C GLU A 73 -4.49 6.13 9.27
N LYS A 74 -5.38 6.42 8.33
CA LYS A 74 -6.70 6.96 8.66
C LYS A 74 -7.61 5.85 9.20
N LEU A 75 -7.51 4.67 8.61
CA LEU A 75 -8.32 3.53 9.03
C LEU A 75 -8.01 3.15 10.47
N LYS A 76 -6.72 2.95 10.76
CA LYS A 76 -6.29 2.59 12.10
C LYS A 76 -6.57 3.70 13.09
N GLU A 77 -6.59 4.94 12.60
CA GLU A 77 -6.85 6.10 13.44
C GLU A 77 -8.21 5.99 14.11
N TYR A 78 -9.25 5.72 13.32
CA TYR A 78 -10.59 5.59 13.86
C TYR A 78 -10.84 4.17 14.39
N LEU A 79 -10.29 3.19 13.68
CA LEU A 79 -10.46 1.80 14.09
C LEU A 79 -9.89 1.56 15.48
N LYS A 80 -8.72 2.13 15.75
CA LYS A 80 -8.08 1.97 17.05
C LYS A 80 -8.68 2.93 18.07
N ASN A 81 -9.13 4.09 17.60
CA ASN A 81 -9.73 5.09 18.47
C ASN A 81 -11.04 4.57 19.06
N ASN A 10 9.35 -10.44 -3.85
CA ASN A 10 8.83 -9.46 -2.90
C ASN A 10 7.94 -8.44 -3.60
N LEU A 11 8.27 -8.13 -4.85
CA LEU A 11 7.50 -7.17 -5.63
C LEU A 11 6.12 -7.71 -5.96
N GLN A 12 6.07 -8.97 -6.37
CA GLN A 12 4.81 -9.61 -6.72
C GLN A 12 3.87 -9.64 -5.53
N LYS A 13 4.44 -9.74 -4.33
CA LYS A 13 3.65 -9.78 -3.11
C LYS A 13 3.09 -8.39 -2.78
N ALA A 14 3.83 -7.36 -3.14
CA ALA A 14 3.41 -5.99 -2.89
C ALA A 14 2.26 -5.58 -3.80
N ILE A 15 2.31 -6.06 -5.04
CA ILE A 15 1.27 -5.75 -6.02
C ILE A 15 0.02 -6.58 -5.77
N ASP A 16 0.21 -7.83 -5.36
CA ASP A 16 -0.90 -8.73 -5.09
C ASP A 16 -1.79 -8.18 -3.98
N LEU A 17 -1.16 -7.70 -2.90
CA LEU A 17 -1.89 -7.14 -1.78
C LEU A 17 -2.50 -5.79 -2.13
N ALA A 18 -1.76 -5.01 -2.92
CA ALA A 18 -2.22 -3.69 -3.32
C ALA A 18 -3.52 -3.79 -4.11
N SER A 19 -3.67 -4.87 -4.87
CA SER A 19 -4.87 -5.08 -5.67
C SER A 19 -6.05 -5.50 -4.80
N LYS A 20 -5.79 -6.45 -3.89
CA LYS A 20 -6.83 -6.94 -2.99
C LYS A 20 -7.24 -5.86 -1.99
N ALA A 21 -6.25 -5.15 -1.48
CA ALA A 21 -6.52 -4.08 -0.51
C ALA A 21 -7.41 -3.00 -1.11
N ALA A 22 -7.07 -2.55 -2.31
CA ALA A 22 -7.85 -1.52 -2.99
C ALA A 22 -9.27 -1.98 -3.22
N GLN A 23 -9.44 -3.27 -3.50
CA GLN A 23 -10.75 -3.84 -3.75
C GLN A 23 -11.51 -4.06 -2.44
N GLU A 24 -10.77 -4.43 -1.40
CA GLU A 24 -11.37 -4.67 -0.09
C GLU A 24 -12.06 -3.41 0.44
N ASP A 25 -11.31 -2.31 0.46
CA ASP A 25 -11.84 -1.04 0.94
C ASP A 25 -13.04 -0.59 0.09
N LYS A 26 -12.86 -0.64 -1.23
CA LYS A 26 -13.91 -0.24 -2.15
C LYS A 26 -15.15 -1.11 -1.98
N ALA A 27 -14.94 -2.36 -1.60
CA ALA A 27 -16.04 -3.30 -1.40
C ALA A 27 -16.77 -3.00 -0.10
N GLY A 28 -16.02 -2.64 0.94
CA GLY A 28 -16.63 -2.34 2.22
C GLY A 28 -15.73 -2.70 3.38
N ASN A 29 -14.89 -3.72 3.18
CA ASN A 29 -13.97 -4.17 4.22
C ASN A 29 -12.85 -3.16 4.43
N TYR A 30 -12.78 -2.62 5.64
CA TYR A 30 -11.76 -1.63 5.98
C TYR A 30 -10.66 -2.27 6.82
N GLU A 31 -11.06 -3.09 7.79
CA GLU A 31 -10.11 -3.76 8.67
C GLU A 31 -9.15 -4.64 7.86
N GLU A 32 -9.71 -5.55 7.07
CA GLU A 32 -8.90 -6.45 6.25
C GLU A 32 -8.08 -5.67 5.24
N ALA A 33 -8.70 -4.67 4.62
CA ALA A 33 -8.03 -3.84 3.63
C ALA A 33 -6.87 -3.08 4.25
N LEU A 34 -7.04 -2.65 5.49
CA LEU A 34 -6.00 -1.91 6.20
C LEU A 34 -4.74 -2.76 6.35
N GLN A 35 -4.92 -3.99 6.83
CA GLN A 35 -3.79 -4.89 7.02
C GLN A 35 -3.08 -5.17 5.70
N LEU A 36 -3.86 -5.24 4.62
CA LEU A 36 -3.31 -5.51 3.30
C LEU A 36 -2.54 -4.29 2.77
N TYR A 37 -3.07 -3.11 3.04
CA TYR A 37 -2.44 -1.87 2.60
C TYR A 37 -1.04 -1.73 3.21
N GLN A 38 -0.96 -1.88 4.53
CA GLN A 38 0.31 -1.77 5.23
C GLN A 38 1.31 -2.81 4.73
N HIS A 39 0.81 -4.00 4.43
CA HIS A 39 1.65 -5.09 3.95
C HIS A 39 2.32 -4.71 2.63
N ALA A 40 1.55 -4.14 1.71
CA ALA A 40 2.06 -3.73 0.42
C ALA A 40 3.19 -2.71 0.57
N VAL A 41 3.06 -1.83 1.56
CA VAL A 41 4.07 -0.81 1.80
C VAL A 41 5.38 -1.44 2.25
N GLN A 42 5.30 -2.40 3.17
CA GLN A 42 6.47 -3.08 3.69
C GLN A 42 7.21 -3.80 2.56
N TYR A 43 6.45 -4.39 1.64
CA TYR A 43 7.03 -5.11 0.52
C TYR A 43 7.58 -4.15 -0.52
N PHE A 44 6.95 -2.98 -0.64
CA PHE A 44 7.39 -1.97 -1.60
C PHE A 44 8.62 -1.22 -1.08
N LEU A 45 8.55 -0.75 0.15
CA LEU A 45 9.65 -0.01 0.76
C LEU A 45 10.88 -0.92 0.91
N HIS A 46 10.64 -2.21 1.11
CA HIS A 46 11.73 -3.17 1.26
C HIS A 46 12.49 -3.33 -0.04
N VAL A 47 11.76 -3.54 -1.13
CA VAL A 47 12.37 -3.72 -2.44
C VAL A 47 13.12 -2.46 -2.87
N VAL A 48 12.46 -1.31 -2.75
CA VAL A 48 13.06 -0.04 -3.13
C VAL A 48 14.27 0.27 -2.25
N LYS A 49 14.18 -0.09 -0.98
CA LYS A 49 15.26 0.15 -0.04
C LYS A 49 16.42 -0.81 -0.28
N TYR A 50 16.09 -2.06 -0.57
CA TYR A 50 17.11 -3.09 -0.83
C TYR A 50 17.68 -2.94 -2.22
N GLU A 51 16.91 -3.32 -3.23
CA GLU A 51 17.34 -3.23 -4.61
C GLU A 51 16.16 -3.28 -5.56
N ALA A 52 15.67 -2.10 -5.96
CA ALA A 52 14.53 -2.01 -6.87
C ALA A 52 14.89 -2.54 -8.25
N GLN A 53 13.95 -2.44 -9.19
CA GLN A 53 14.17 -2.91 -10.54
C GLN A 53 14.93 -1.88 -11.37
N GLY A 54 14.60 -0.61 -11.16
CA GLY A 54 15.27 0.45 -11.89
C GLY A 54 14.91 1.83 -11.36
N ASP A 55 15.50 2.87 -11.96
CA ASP A 55 15.25 4.24 -11.53
C ASP A 55 13.77 4.59 -11.70
N LYS A 56 13.25 4.42 -12.90
CA LYS A 56 11.86 4.71 -13.19
C LYS A 56 10.93 3.86 -12.32
N ALA A 57 11.37 2.64 -12.02
CA ALA A 57 10.58 1.72 -11.21
C ALA A 57 10.43 2.26 -9.79
N LYS A 58 11.49 2.84 -9.26
CA LYS A 58 11.47 3.39 -7.91
C LYS A 58 10.44 4.50 -7.79
N GLN A 59 10.44 5.41 -8.76
CA GLN A 59 9.50 6.52 -8.77
C GLN A 59 8.06 6.03 -8.80
N SER A 60 7.85 4.89 -9.46
CA SER A 60 6.51 4.31 -9.56
C SER A 60 6.07 3.74 -8.22
N ILE A 61 6.98 3.04 -7.55
CA ILE A 61 6.67 2.44 -6.25
C ILE A 61 6.56 3.51 -5.17
N ARG A 62 7.36 4.57 -5.30
CA ARG A 62 7.34 5.65 -4.34
C ARG A 62 5.96 6.31 -4.27
N ALA A 63 5.37 6.55 -5.43
CA ALA A 63 4.05 7.16 -5.50
C ALA A 63 2.96 6.19 -5.07
N LYS A 64 3.22 4.90 -5.27
CA LYS A 64 2.27 3.86 -4.90
C LYS A 64 2.30 3.59 -3.40
N CYS A 65 3.51 3.45 -2.86
CA CYS A 65 3.68 3.18 -1.43
C CYS A 65 3.08 4.31 -0.59
N THR A 66 3.14 5.53 -1.12
CA THR A 66 2.62 6.69 -0.41
C THR A 66 1.10 6.77 -0.56
N GLU A 67 0.60 6.30 -1.71
CA GLU A 67 -0.84 6.32 -1.98
C GLU A 67 -1.59 5.46 -0.97
N TYR A 68 -1.10 4.24 -0.76
CA TYR A 68 -1.74 3.32 0.17
C TYR A 68 -1.50 3.76 1.61
N LEU A 69 -0.35 4.36 1.86
CA LEU A 69 -0.01 4.84 3.20
C LEU A 69 -1.01 5.88 3.69
N ASP A 70 -1.36 6.80 2.80
CA ASP A 70 -2.32 7.86 3.14
C ASP A 70 -3.70 7.27 3.41
N ARG A 71 -4.12 6.36 2.54
CA ARG A 71 -5.42 5.72 2.68
C ARG A 71 -5.47 4.85 3.93
N ALA A 72 -4.44 4.02 4.11
CA ALA A 72 -4.37 3.14 5.27
C ALA A 72 -4.16 3.93 6.56
N GLU A 73 -3.44 5.04 6.45
CA GLU A 73 -3.17 5.89 7.60
C GLU A 73 -4.47 6.41 8.21
N LYS A 74 -5.39 6.84 7.35
CA LYS A 74 -6.67 7.35 7.81
C LYS A 74 -7.58 6.23 8.28
N LEU A 75 -7.55 5.12 7.56
CA LEU A 75 -8.37 3.97 7.90
C LEU A 75 -8.06 3.47 9.32
N LYS A 76 -6.79 3.24 9.59
CA LYS A 76 -6.37 2.78 10.91
C LYS A 76 -6.59 3.86 11.96
N GLU A 77 -6.55 5.12 11.53
CA GLU A 77 -6.74 6.24 12.44
C GLU A 77 -8.04 6.11 13.21
N TYR A 78 -9.15 5.99 12.48
CA TYR A 78 -10.47 5.86 13.11
C TYR A 78 -10.58 4.53 13.84
N LEU A 79 -9.99 3.49 13.27
CA LEU A 79 -10.04 2.16 13.86
C LEU A 79 -9.35 2.15 15.22
N LYS A 80 -8.23 2.85 15.32
CA LYS A 80 -7.48 2.93 16.57
C LYS A 80 -8.15 3.90 17.55
N ASN A 81 -8.79 4.93 17.01
CA ASN A 81 -9.45 5.92 17.83
C ASN A 81 -10.68 5.32 18.52
N ASN A 10 9.84 -9.31 -3.71
CA ASN A 10 9.15 -8.47 -2.73
C ASN A 10 8.22 -7.49 -3.42
N LEU A 11 8.61 -7.06 -4.62
CA LEU A 11 7.81 -6.11 -5.39
C LEU A 11 6.50 -6.75 -5.86
N GLN A 12 6.60 -7.97 -6.39
CA GLN A 12 5.43 -8.68 -6.88
C GLN A 12 4.43 -8.91 -5.75
N LYS A 13 4.94 -9.14 -4.54
CA LYS A 13 4.09 -9.37 -3.39
C LYS A 13 3.51 -8.05 -2.87
N ALA A 14 4.26 -6.97 -3.03
CA ALA A 14 3.83 -5.65 -2.58
C ALA A 14 2.62 -5.17 -3.38
N ILE A 15 2.63 -5.45 -4.68
CA ILE A 15 1.55 -5.05 -5.56
C ILE A 15 0.32 -5.94 -5.37
N ASP A 16 0.58 -7.21 -5.08
CA ASP A 16 -0.51 -8.17 -4.88
C ASP A 16 -1.40 -7.76 -3.72
N LEU A 17 -0.78 -7.26 -2.66
CA LEU A 17 -1.52 -6.82 -1.48
C LEU A 17 -2.23 -5.49 -1.75
N ALA A 18 -1.53 -4.58 -2.42
CA ALA A 18 -2.10 -3.27 -2.73
C ALA A 18 -3.34 -3.41 -3.59
N SER A 19 -3.28 -4.27 -4.60
CA SER A 19 -4.40 -4.50 -5.49
C SER A 19 -5.61 -5.01 -4.72
N LYS A 20 -5.40 -6.01 -3.87
CA LYS A 20 -6.48 -6.58 -3.07
C LYS A 20 -6.92 -5.62 -1.99
N ALA A 21 -5.97 -4.88 -1.42
CA ALA A 21 -6.26 -3.92 -0.37
C ALA A 21 -7.12 -2.78 -0.89
N ALA A 22 -6.72 -2.22 -2.04
CA ALA A 22 -7.46 -1.12 -2.64
C ALA A 22 -8.89 -1.53 -2.98
N GLN A 23 -9.06 -2.78 -3.39
CA GLN A 23 -10.38 -3.29 -3.73
C GLN A 23 -11.19 -3.59 -2.48
N GLU A 24 -10.51 -3.99 -1.41
CA GLU A 24 -11.16 -4.31 -0.15
C GLU A 24 -11.80 -3.06 0.46
N ASP A 25 -11.02 -1.98 0.54
CA ASP A 25 -11.51 -0.73 1.10
C ASP A 25 -12.70 -0.20 0.31
N LYS A 26 -12.55 -0.16 -1.02
CA LYS A 26 -13.61 0.32 -1.89
C LYS A 26 -14.83 -0.59 -1.82
N ALA A 27 -14.59 -1.89 -1.63
CA ALA A 27 -15.67 -2.86 -1.54
C ALA A 27 -16.47 -2.67 -0.26
N GLY A 28 -15.78 -2.54 0.86
CA GLY A 28 -16.45 -2.36 2.13
C GLY A 28 -15.58 -2.73 3.31
N ASN A 29 -14.70 -3.71 3.10
CA ASN A 29 -13.80 -4.18 4.15
C ASN A 29 -12.69 -3.17 4.39
N TYR A 30 -12.64 -2.62 5.59
CA TYR A 30 -11.63 -1.63 5.95
C TYR A 30 -10.55 -2.26 6.85
N GLU A 31 -10.99 -3.12 7.76
CA GLU A 31 -10.07 -3.79 8.67
C GLU A 31 -9.06 -4.63 7.90
N GLU A 32 -9.56 -5.53 7.06
CA GLU A 32 -8.69 -6.40 6.28
C GLU A 32 -7.83 -5.59 5.33
N ALA A 33 -8.39 -4.50 4.80
CA ALA A 33 -7.67 -3.64 3.88
C ALA A 33 -6.48 -2.97 4.58
N LEU A 34 -6.67 -2.58 5.83
CA LEU A 34 -5.62 -1.93 6.60
C LEU A 34 -4.41 -2.84 6.75
N GLN A 35 -4.66 -4.09 7.12
CA GLN A 35 -3.59 -5.06 7.29
C GLN A 35 -2.83 -5.28 5.99
N LEU A 36 -3.56 -5.23 4.88
CA LEU A 36 -2.95 -5.42 3.57
C LEU A 36 -2.21 -4.17 3.12
N TYR A 37 -2.78 -3.01 3.42
CA TYR A 37 -2.17 -1.73 3.06
C TYR A 37 -0.79 -1.58 3.70
N GLN A 38 -0.70 -1.95 4.97
CA GLN A 38 0.56 -1.85 5.70
C GLN A 38 1.59 -2.84 5.15
N HIS A 39 1.13 -4.05 4.84
CA HIS A 39 2.02 -5.08 4.31
C HIS A 39 2.62 -4.64 2.98
N ALA A 40 1.80 -4.06 2.12
CA ALA A 40 2.24 -3.59 0.81
C ALA A 40 3.34 -2.54 0.96
N VAL A 41 3.16 -1.63 1.92
CA VAL A 41 4.13 -0.57 2.16
C VAL A 41 5.45 -1.14 2.66
N GLN A 42 5.37 -2.24 3.39
CA GLN A 42 6.57 -2.90 3.92
C GLN A 42 7.42 -3.49 2.80
N TYR A 43 6.76 -4.17 1.87
CA TYR A 43 7.44 -4.79 0.74
C TYR A 43 7.86 -3.74 -0.28
N PHE A 44 7.05 -2.69 -0.40
CA PHE A 44 7.33 -1.61 -1.36
C PHE A 44 8.56 -0.83 -0.94
N LEU A 45 8.72 -0.61 0.36
CA LEU A 45 9.85 0.13 0.89
C LEU A 45 11.11 -0.75 0.88
N HIS A 46 10.92 -2.05 1.04
CA HIS A 46 12.05 -2.99 1.04
C HIS A 46 12.77 -2.98 -0.30
N VAL A 47 12.02 -3.23 -1.36
CA VAL A 47 12.58 -3.26 -2.71
C VAL A 47 13.22 -1.92 -3.06
N VAL A 48 12.53 -0.83 -2.74
CA VAL A 48 13.03 0.50 -3.03
C VAL A 48 14.22 0.84 -2.15
N LYS A 49 14.15 0.45 -0.88
CA LYS A 49 15.23 0.72 0.07
C LYS A 49 16.46 -0.12 -0.26
N TYR A 50 16.23 -1.38 -0.59
CA TYR A 50 17.32 -2.30 -0.93
C TYR A 50 17.90 -1.97 -2.30
N GLU A 51 17.13 -2.26 -3.34
CA GLU A 51 17.57 -2.00 -4.70
C GLU A 51 16.40 -2.10 -5.68
N ALA A 52 15.76 -0.96 -5.94
CA ALA A 52 14.63 -0.91 -6.85
C ALA A 52 15.02 -1.37 -8.25
N GLN A 53 14.07 -1.30 -9.18
CA GLN A 53 14.33 -1.72 -10.56
C GLN A 53 14.99 -0.60 -11.35
N GLY A 54 14.52 0.63 -11.15
CA GLY A 54 15.09 1.77 -11.86
C GLY A 54 14.60 3.09 -11.30
N ASP A 55 15.01 4.18 -11.94
CA ASP A 55 14.62 5.52 -11.51
C ASP A 55 13.11 5.68 -11.56
N LYS A 56 12.53 5.41 -12.74
CA LYS A 56 11.09 5.55 -12.92
C LYS A 56 10.35 4.56 -12.03
N ALA A 57 10.95 3.40 -11.79
CA ALA A 57 10.34 2.37 -10.96
C ALA A 57 10.20 2.85 -9.52
N LYS A 58 11.26 3.44 -8.98
CA LYS A 58 11.27 3.93 -7.62
C LYS A 58 10.20 5.01 -7.43
N GLN A 59 10.08 5.91 -8.41
CA GLN A 59 9.10 6.98 -8.36
C GLN A 59 7.68 6.41 -8.28
N SER A 60 7.47 5.27 -8.92
CA SER A 60 6.17 4.62 -8.92
C SER A 60 5.82 4.08 -7.54
N ILE A 61 6.81 3.43 -6.91
CA ILE A 61 6.61 2.86 -5.58
C ILE A 61 6.47 3.95 -4.53
N ARG A 62 7.17 5.06 -4.73
CA ARG A 62 7.11 6.18 -3.79
C ARG A 62 5.69 6.73 -3.69
N ALA A 63 5.05 6.93 -4.84
CA ALA A 63 3.70 7.45 -4.88
C ALA A 63 2.71 6.46 -4.27
N LYS A 64 2.99 5.18 -4.45
CA LYS A 64 2.13 4.12 -3.93
C LYS A 64 2.27 4.01 -2.41
N CYS A 65 3.50 4.07 -1.94
CA CYS A 65 3.77 3.97 -0.50
C CYS A 65 3.08 5.11 0.25
N THR A 66 2.92 6.25 -0.40
CA THR A 66 2.28 7.40 0.22
C THR A 66 0.76 7.32 0.05
N GLU A 67 0.32 6.72 -1.04
CA GLU A 67 -1.11 6.58 -1.32
C GLU A 67 -1.76 5.59 -0.35
N TYR A 68 -1.12 4.43 -0.18
CA TYR A 68 -1.63 3.41 0.73
C TYR A 68 -1.46 3.83 2.17
N LEU A 69 -0.32 4.45 2.49
CA LEU A 69 -0.04 4.90 3.83
C LEU A 69 -1.08 5.90 4.31
N ASP A 70 -1.42 6.85 3.44
CA ASP A 70 -2.40 7.88 3.77
C ASP A 70 -3.77 7.24 4.03
N ARG A 71 -4.12 6.24 3.23
CA ARG A 71 -5.39 5.56 3.37
C ARG A 71 -5.41 4.68 4.62
N ALA A 72 -4.37 3.86 4.78
CA ALA A 72 -4.27 2.98 5.92
C ALA A 72 -4.11 3.77 7.23
N GLU A 73 -3.35 4.86 7.15
CA GLU A 73 -3.12 5.71 8.32
C GLU A 73 -4.45 6.27 8.85
N LYS A 74 -5.32 6.67 7.92
CA LYS A 74 -6.61 7.22 8.29
C LYS A 74 -7.53 6.13 8.87
N LEU A 75 -7.50 4.96 8.25
CA LEU A 75 -8.33 3.85 8.70
C LEU A 75 -8.01 3.47 10.14
N LYS A 76 -6.73 3.26 10.42
CA LYS A 76 -6.28 2.91 11.76
C LYS A 76 -6.59 4.02 12.75
N GLU A 77 -6.63 5.26 12.25
CA GLU A 77 -6.91 6.42 13.09
C GLU A 77 -8.27 6.28 13.77
N TYR A 78 -9.31 6.01 12.98
CA TYR A 78 -10.65 5.86 13.53
C TYR A 78 -10.88 4.45 14.04
N LEU A 79 -10.25 3.47 13.38
CA LEU A 79 -10.38 2.08 13.77
C LEU A 79 -9.76 1.83 15.14
N LYS A 80 -8.65 2.52 15.41
CA LYS A 80 -7.95 2.37 16.68
C LYS A 80 -8.60 3.25 17.75
N ASN A 81 -9.15 4.38 17.33
CA ASN A 81 -9.81 5.30 18.26
C ASN A 81 -11.09 4.70 18.81
N ASN A 10 9.23 -10.76 -3.95
CA ASN A 10 8.72 -9.83 -2.95
C ASN A 10 7.88 -8.73 -3.62
N LEU A 11 8.26 -8.37 -4.85
CA LEU A 11 7.54 -7.34 -5.59
C LEU A 11 6.17 -7.83 -6.03
N GLN A 12 6.10 -9.10 -6.44
CA GLN A 12 4.85 -9.70 -6.89
C GLN A 12 3.81 -9.67 -5.77
N LYS A 13 4.26 -9.82 -4.53
CA LYS A 13 3.37 -9.80 -3.38
C LYS A 13 2.97 -8.38 -3.02
N ALA A 14 3.91 -7.45 -3.17
CA ALA A 14 3.66 -6.05 -2.85
C ALA A 14 2.52 -5.49 -3.70
N ILE A 15 2.45 -5.92 -4.96
CA ILE A 15 1.41 -5.46 -5.87
C ILE A 15 0.09 -6.17 -5.59
N ASP A 16 0.18 -7.46 -5.27
CA ASP A 16 -1.02 -8.24 -4.98
C ASP A 16 -1.70 -7.75 -3.71
N LEU A 17 -0.91 -7.50 -2.68
CA LEU A 17 -1.44 -7.03 -1.41
C LEU A 17 -2.11 -5.66 -1.57
N ALA A 18 -1.46 -4.78 -2.34
CA ALA A 18 -2.00 -3.45 -2.57
C ALA A 18 -3.37 -3.52 -3.24
N SER A 19 -3.47 -4.34 -4.28
CA SER A 19 -4.73 -4.50 -5.01
C SER A 19 -5.82 -5.03 -4.10
N LYS A 20 -5.51 -6.09 -3.34
CA LYS A 20 -6.47 -6.68 -2.42
C LYS A 20 -6.87 -5.69 -1.34
N ALA A 21 -5.89 -4.98 -0.81
CA ALA A 21 -6.14 -4.00 0.25
C ALA A 21 -7.10 -2.91 -0.23
N ALA A 22 -6.86 -2.41 -1.44
CA ALA A 22 -7.70 -1.37 -2.01
C ALA A 22 -9.14 -1.84 -2.15
N GLN A 23 -9.31 -3.13 -2.38
CA GLN A 23 -10.64 -3.72 -2.54
C GLN A 23 -11.31 -3.92 -1.18
N GLU A 24 -10.50 -4.30 -0.19
CA GLU A 24 -11.01 -4.54 1.16
C GLU A 24 -11.64 -3.27 1.73
N ASP A 25 -10.89 -2.18 1.71
CA ASP A 25 -11.36 -0.91 2.22
C ASP A 25 -12.54 -0.40 1.40
N LYS A 26 -12.41 -0.47 0.08
CA LYS A 26 -13.47 -0.02 -0.82
C LYS A 26 -14.73 -0.86 -0.64
N ALA A 27 -14.56 -2.12 -0.29
CA ALA A 27 -15.68 -3.02 -0.08
C ALA A 27 -16.35 -2.77 1.27
N GLY A 28 -15.55 -2.59 2.30
CA GLY A 28 -16.06 -2.34 3.62
C GLY A 28 -15.08 -2.67 4.71
N ASN A 29 -14.21 -3.65 4.44
CA ASN A 29 -13.20 -4.06 5.42
C ASN A 29 -12.09 -3.02 5.53
N TYR A 30 -12.00 -2.37 6.67
CA TYR A 30 -10.99 -1.36 6.90
C TYR A 30 -9.82 -1.93 7.70
N GLU A 31 -10.12 -2.82 8.64
CA GLU A 31 -9.10 -3.44 9.46
C GLU A 31 -8.16 -4.31 8.62
N GLU A 32 -8.75 -5.22 7.85
CA GLU A 32 -7.98 -6.11 6.99
C GLU A 32 -7.19 -5.32 5.96
N ALA A 33 -7.79 -4.24 5.47
CA ALA A 33 -7.14 -3.40 4.47
C ALA A 33 -5.89 -2.74 5.03
N LEU A 34 -5.96 -2.33 6.29
CA LEU A 34 -4.84 -1.68 6.95
C LEU A 34 -3.63 -2.61 7.00
N GLN A 35 -3.85 -3.84 7.44
CA GLN A 35 -2.77 -4.82 7.53
C GLN A 35 -2.19 -5.12 6.14
N LEU A 36 -3.05 -5.09 5.12
CA LEU A 36 -2.62 -5.35 3.76
C LEU A 36 -1.85 -4.16 3.18
N TYR A 37 -2.33 -2.96 3.49
CA TYR A 37 -1.68 -1.73 3.01
C TYR A 37 -0.25 -1.64 3.51
N GLN A 38 -0.07 -1.83 4.82
CA GLN A 38 1.25 -1.77 5.43
C GLN A 38 2.18 -2.84 4.82
N HIS A 39 1.62 -4.02 4.57
CA HIS A 39 2.40 -5.11 4.00
C HIS A 39 2.97 -4.73 2.63
N ALA A 40 2.13 -4.11 1.81
CA ALA A 40 2.55 -3.68 0.48
C ALA A 40 3.71 -2.71 0.56
N VAL A 41 3.59 -1.71 1.43
CA VAL A 41 4.63 -0.70 1.60
C VAL A 41 5.94 -1.35 2.05
N GLN A 42 5.83 -2.38 2.88
CA GLN A 42 7.01 -3.08 3.38
C GLN A 42 7.76 -3.78 2.25
N TYR A 43 7.03 -4.53 1.44
CA TYR A 43 7.62 -5.24 0.32
C TYR A 43 8.02 -4.27 -0.80
N PHE A 44 7.21 -3.25 -0.99
CA PHE A 44 7.46 -2.25 -2.03
C PHE A 44 8.79 -1.54 -1.78
N LEU A 45 8.91 -0.94 -0.60
CA LEU A 45 10.13 -0.23 -0.23
C LEU A 45 11.34 -1.16 -0.24
N HIS A 46 11.10 -2.43 0.08
CA HIS A 46 12.16 -3.43 0.12
C HIS A 46 12.82 -3.56 -1.26
N VAL A 47 12.01 -3.48 -2.31
CA VAL A 47 12.51 -3.60 -3.67
C VAL A 47 13.24 -2.33 -4.09
N VAL A 48 12.78 -1.19 -3.61
CA VAL A 48 13.39 0.09 -3.94
C VAL A 48 14.67 0.30 -3.15
N LYS A 49 14.69 -0.17 -1.90
CA LYS A 49 15.86 -0.02 -1.05
C LYS A 49 16.95 -1.01 -1.45
N TYR A 50 16.53 -2.17 -1.96
CA TYR A 50 17.47 -3.21 -2.37
C TYR A 50 17.90 -2.99 -3.83
N GLU A 51 16.98 -3.26 -4.75
CA GLU A 51 17.26 -3.11 -6.18
C GLU A 51 15.97 -3.06 -6.98
N ALA A 52 15.51 -1.86 -7.30
CA ALA A 52 14.28 -1.69 -8.07
C ALA A 52 14.48 -2.09 -9.52
N GLN A 53 13.50 -1.78 -10.37
CA GLN A 53 13.58 -2.11 -11.77
C GLN A 53 14.23 -0.98 -12.57
N GLY A 54 13.96 0.25 -12.17
CA GLY A 54 14.54 1.40 -12.85
C GLY A 54 14.06 2.71 -12.26
N ASP A 55 14.45 3.81 -12.90
CA ASP A 55 14.06 5.14 -12.44
C ASP A 55 12.54 5.30 -12.43
N LYS A 56 11.92 5.06 -13.58
CA LYS A 56 10.47 5.17 -13.71
C LYS A 56 9.77 4.20 -12.76
N ALA A 57 10.42 3.07 -12.50
CA ALA A 57 9.85 2.06 -11.61
C ALA A 57 9.94 2.51 -10.15
N LYS A 58 11.11 3.01 -9.76
CA LYS A 58 11.32 3.46 -8.40
C LYS A 58 10.36 4.59 -8.03
N GLN A 59 10.33 5.62 -8.88
CA GLN A 59 9.44 6.76 -8.65
C GLN A 59 7.98 6.32 -8.60
N SER A 60 7.65 5.29 -9.38
CA SER A 60 6.30 4.77 -9.43
C SER A 60 5.88 4.21 -8.07
N ILE A 61 6.78 3.44 -7.45
CA ILE A 61 6.50 2.84 -6.15
C ILE A 61 6.50 3.90 -5.06
N ARG A 62 7.33 4.91 -5.21
CA ARG A 62 7.42 5.99 -4.23
C ARG A 62 6.09 6.70 -4.08
N ALA A 63 5.45 6.99 -5.21
CA ALA A 63 4.15 7.66 -5.21
C ALA A 63 3.06 6.76 -4.67
N LYS A 64 3.18 5.46 -4.92
CA LYS A 64 2.21 4.48 -4.45
C LYS A 64 2.38 4.21 -2.96
N CYS A 65 3.64 4.07 -2.54
CA CYS A 65 3.95 3.81 -1.13
C CYS A 65 3.43 4.94 -0.25
N THR A 66 3.41 6.16 -0.79
CA THR A 66 2.94 7.31 -0.04
C THR A 66 1.42 7.40 -0.06
N GLU A 67 0.83 6.93 -1.15
CA GLU A 67 -0.62 6.96 -1.29
C GLU A 67 -1.29 5.99 -0.33
N TYR A 68 -0.77 4.76 -0.27
CA TYR A 68 -1.31 3.74 0.63
C TYR A 68 -1.02 4.09 2.09
N LEU A 69 0.16 4.66 2.33
CA LEU A 69 0.56 5.04 3.67
C LEU A 69 -0.42 6.05 4.27
N ASP A 70 -0.91 6.96 3.44
CA ASP A 70 -1.86 7.97 3.88
C ASP A 70 -3.21 7.36 4.22
N ARG A 71 -3.66 6.43 3.38
CA ARG A 71 -4.94 5.77 3.59
C ARG A 71 -4.89 4.87 4.81
N ALA A 72 -3.87 4.00 4.87
CA ALA A 72 -3.71 3.08 5.99
C ALA A 72 -3.54 3.85 7.30
N GLU A 73 -2.77 4.92 7.26
CA GLU A 73 -2.52 5.74 8.44
C GLU A 73 -3.83 6.31 8.98
N LYS A 74 -4.74 6.63 8.08
CA LYS A 74 -6.03 7.19 8.45
C LYS A 74 -6.92 6.12 9.10
N LEU A 75 -6.92 4.93 8.52
CA LEU A 75 -7.71 3.83 9.03
C LEU A 75 -7.33 3.50 10.47
N LYS A 76 -6.04 3.30 10.70
CA LYS A 76 -5.54 2.97 12.03
C LYS A 76 -5.80 4.13 13.00
N GLU A 77 -5.86 5.34 12.46
CA GLU A 77 -6.09 6.53 13.27
C GLU A 77 -7.41 6.41 14.04
N TYR A 78 -8.50 6.20 13.31
CA TYR A 78 -9.81 6.08 13.93
C TYR A 78 -9.98 4.70 14.58
N LEU A 79 -9.44 3.68 13.93
CA LEU A 79 -9.53 2.32 14.43
C LEU A 79 -8.89 2.21 15.81
N LYS A 80 -7.88 3.03 16.07
CA LYS A 80 -7.20 3.02 17.35
C LYS A 80 -7.99 3.80 18.40
N ASN A 81 -8.52 4.95 18.00
CA ASN A 81 -9.29 5.78 18.90
C ASN A 81 -10.52 5.02 19.42
N ASN A 10 9.52 -9.32 -4.20
CA ASN A 10 8.91 -8.47 -3.19
C ASN A 10 7.96 -7.46 -3.83
N LEU A 11 8.33 -6.98 -5.02
CA LEU A 11 7.51 -6.00 -5.74
C LEU A 11 6.23 -6.64 -6.24
N GLN A 12 6.31 -7.90 -6.64
CA GLN A 12 5.13 -8.62 -7.14
C GLN A 12 4.05 -8.70 -6.07
N LYS A 13 4.43 -9.11 -4.87
CA LYS A 13 3.49 -9.23 -3.76
C LYS A 13 2.95 -7.86 -3.37
N ALA A 14 3.78 -6.84 -3.47
CA ALA A 14 3.38 -5.48 -3.12
C ALA A 14 2.22 -5.01 -3.99
N ILE A 15 2.32 -5.29 -5.29
CA ILE A 15 1.27 -4.89 -6.23
C ILE A 15 0.00 -5.70 -6.00
N ASP A 16 0.16 -6.95 -5.60
CA ASP A 16 -0.97 -7.83 -5.35
C ASP A 16 -1.73 -7.40 -4.09
N LEU A 17 -0.98 -7.20 -3.00
CA LEU A 17 -1.57 -6.78 -1.74
C LEU A 17 -2.27 -5.43 -1.88
N ALA A 18 -1.64 -4.52 -2.60
CA ALA A 18 -2.20 -3.19 -2.81
C ALA A 18 -3.49 -3.25 -3.63
N SER A 19 -3.48 -4.10 -4.67
CA SER A 19 -4.65 -4.26 -5.52
C SER A 19 -5.84 -4.79 -4.72
N LYS A 20 -5.59 -5.78 -3.87
CA LYS A 20 -6.64 -6.36 -3.06
C LYS A 20 -7.09 -5.40 -1.96
N ALA A 21 -6.13 -4.68 -1.39
CA ALA A 21 -6.44 -3.72 -0.33
C ALA A 21 -7.39 -2.63 -0.84
N ALA A 22 -7.09 -2.08 -2.01
CA ALA A 22 -7.91 -1.03 -2.60
C ALA A 22 -9.33 -1.53 -2.84
N GLN A 23 -9.45 -2.77 -3.31
CA GLN A 23 -10.74 -3.36 -3.58
C GLN A 23 -11.46 -3.74 -2.29
N GLU A 24 -10.68 -4.11 -1.28
CA GLU A 24 -11.23 -4.50 0.01
C GLU A 24 -11.83 -3.30 0.73
N ASP A 25 -11.16 -2.15 0.62
CA ASP A 25 -11.63 -0.92 1.26
C ASP A 25 -12.88 -0.39 0.56
N LYS A 26 -12.80 -0.26 -0.75
CA LYS A 26 -13.93 0.24 -1.53
C LYS A 26 -15.11 -0.73 -1.46
N ALA A 27 -14.81 -2.01 -1.34
CA ALA A 27 -15.84 -3.03 -1.26
C ALA A 27 -16.59 -2.97 0.07
N GLY A 28 -15.87 -2.63 1.12
CA GLY A 28 -16.49 -2.53 2.44
C GLY A 28 -15.56 -2.96 3.55
N ASN A 29 -14.64 -3.87 3.24
CA ASN A 29 -13.69 -4.36 4.22
C ASN A 29 -12.60 -3.32 4.49
N TYR A 30 -12.55 -2.82 5.73
CA TYR A 30 -11.57 -1.83 6.11
C TYR A 30 -10.48 -2.45 6.98
N GLU A 31 -10.85 -3.41 7.80
CA GLU A 31 -9.90 -4.09 8.68
C GLU A 31 -8.88 -4.88 7.86
N GLU A 32 -9.38 -5.77 7.01
CA GLU A 32 -8.51 -6.59 6.17
C GLU A 32 -7.70 -5.71 5.21
N ALA A 33 -8.35 -4.71 4.64
CA ALA A 33 -7.70 -3.80 3.70
C ALA A 33 -6.57 -3.04 4.39
N LEU A 34 -6.77 -2.69 5.65
CA LEU A 34 -5.77 -1.96 6.42
C LEU A 34 -4.47 -2.75 6.52
N GLN A 35 -4.59 -4.02 6.92
CA GLN A 35 -3.43 -4.89 7.06
C GLN A 35 -2.74 -5.09 5.72
N LEU A 36 -3.52 -5.06 4.65
CA LEU A 36 -2.98 -5.24 3.31
C LEU A 36 -2.29 -3.97 2.82
N TYR A 37 -2.84 -2.83 3.17
CA TYR A 37 -2.27 -1.54 2.79
C TYR A 37 -0.86 -1.38 3.33
N GLN A 38 -0.68 -1.74 4.60
CA GLN A 38 0.63 -1.64 5.24
C GLN A 38 1.62 -2.63 4.64
N HIS A 39 1.14 -3.83 4.36
CA HIS A 39 1.98 -4.87 3.76
C HIS A 39 2.52 -4.43 2.41
N ALA A 40 1.66 -3.85 1.59
CA ALA A 40 2.04 -3.39 0.26
C ALA A 40 3.15 -2.33 0.35
N VAL A 41 3.00 -1.41 1.31
CA VAL A 41 3.97 -0.35 1.50
C VAL A 41 5.31 -0.91 1.97
N GLN A 42 5.24 -1.95 2.80
CA GLN A 42 6.45 -2.59 3.32
C GLN A 42 7.28 -3.21 2.19
N TYR A 43 6.62 -3.95 1.32
CA TYR A 43 7.29 -4.59 0.20
C TYR A 43 7.69 -3.57 -0.86
N PHE A 44 6.81 -2.59 -1.08
CA PHE A 44 7.07 -1.55 -2.06
C PHE A 44 8.34 -0.78 -1.72
N LEU A 45 8.38 -0.24 -0.50
CA LEU A 45 9.54 0.52 -0.05
C LEU A 45 10.80 -0.33 -0.06
N HIS A 46 10.63 -1.63 0.18
CA HIS A 46 11.75 -2.56 0.20
C HIS A 46 12.46 -2.59 -1.15
N VAL A 47 11.68 -2.50 -2.23
CA VAL A 47 12.23 -2.52 -3.58
C VAL A 47 12.84 -1.16 -3.93
N VAL A 48 12.23 -0.10 -3.43
CA VAL A 48 12.71 1.25 -3.69
C VAL A 48 13.93 1.58 -2.85
N LYS A 49 13.94 1.08 -1.62
CA LYS A 49 15.05 1.32 -0.71
C LYS A 49 16.27 0.49 -1.10
N TYR A 50 16.04 -0.79 -1.40
CA TYR A 50 17.12 -1.67 -1.80
C TYR A 50 17.63 -1.33 -3.19
N GLU A 51 16.84 -1.68 -4.20
CA GLU A 51 17.20 -1.40 -5.59
C GLU A 51 16.01 -1.63 -6.52
N ALA A 52 15.31 -0.54 -6.84
CA ALA A 52 14.15 -0.62 -7.72
C ALA A 52 14.54 -1.16 -9.09
N GLN A 53 13.60 -1.11 -10.03
CA GLN A 53 13.84 -1.60 -11.38
C GLN A 53 14.30 -0.46 -12.29
N GLY A 54 13.83 0.75 -12.02
CA GLY A 54 14.21 1.90 -12.82
C GLY A 54 13.87 3.20 -12.15
N ASP A 55 14.34 4.31 -12.73
CA ASP A 55 14.08 5.64 -12.18
C ASP A 55 12.59 5.94 -12.19
N LYS A 56 11.95 5.77 -13.34
CA LYS A 56 10.52 6.02 -13.47
C LYS A 56 9.72 5.11 -12.55
N ALA A 57 10.24 3.91 -12.33
CA ALA A 57 9.57 2.94 -11.46
C ALA A 57 9.60 3.38 -10.00
N LYS A 58 10.75 3.92 -9.59
CA LYS A 58 10.91 4.38 -8.21
C LYS A 58 9.91 5.48 -7.88
N GLN A 59 9.83 6.49 -8.75
CA GLN A 59 8.91 7.59 -8.56
C GLN A 59 7.46 7.11 -8.50
N SER A 60 7.17 6.04 -9.26
CA SER A 60 5.83 5.48 -9.29
C SER A 60 5.46 4.88 -7.95
N ILE A 61 6.39 4.18 -7.33
CA ILE A 61 6.16 3.56 -6.03
C ILE A 61 6.12 4.60 -4.92
N ARG A 62 6.90 5.66 -5.07
CA ARG A 62 6.95 6.73 -4.08
C ARG A 62 5.58 7.37 -3.92
N ALA A 63 4.96 7.72 -5.04
CA ALA A 63 3.64 8.35 -5.02
C ALA A 63 2.58 7.36 -4.54
N LYS A 64 2.79 6.09 -4.82
CA LYS A 64 1.85 5.05 -4.41
C LYS A 64 1.98 4.75 -2.92
N CYS A 65 3.22 4.65 -2.45
CA CYS A 65 3.48 4.37 -1.04
C CYS A 65 2.89 5.45 -0.15
N THR A 66 2.83 6.68 -0.67
CA THR A 66 2.27 7.80 0.09
C THR A 66 0.75 7.82 -0.01
N GLU A 67 0.23 7.36 -1.14
CA GLU A 67 -1.22 7.33 -1.36
C GLU A 67 -1.87 6.24 -0.51
N TYR A 68 -1.29 5.03 -0.57
CA TYR A 68 -1.82 3.91 0.19
C TYR A 68 -1.65 4.14 1.69
N LEU A 69 -0.52 4.73 2.07
CA LEU A 69 -0.24 5.00 3.47
C LEU A 69 -1.30 5.91 4.08
N ASP A 70 -1.66 6.96 3.35
CA ASP A 70 -2.67 7.91 3.81
C ASP A 70 -4.02 7.23 3.99
N ARG A 71 -4.33 6.29 3.09
CA ARG A 71 -5.59 5.56 3.15
C ARG A 71 -5.64 4.64 4.38
N ALA A 72 -4.53 3.95 4.63
CA ALA A 72 -4.44 3.04 5.77
C ALA A 72 -4.25 3.81 7.07
N GLU A 73 -3.59 4.96 6.99
CA GLU A 73 -3.34 5.79 8.16
C GLU A 73 -4.66 6.24 8.79
N LYS A 74 -5.56 6.73 7.95
CA LYS A 74 -6.86 7.20 8.43
C LYS A 74 -7.76 6.03 8.81
N LEU A 75 -7.67 4.95 8.04
CA LEU A 75 -8.48 3.76 8.30
C LEU A 75 -8.21 3.22 9.69
N LYS A 76 -6.94 3.00 10.02
CA LYS A 76 -6.55 2.49 11.32
C LYS A 76 -6.84 3.52 12.41
N GLU A 77 -6.82 4.80 12.05
CA GLU A 77 -7.08 5.87 13.00
C GLU A 77 -8.40 5.67 13.71
N TYR A 78 -9.48 5.57 12.93
CA TYR A 78 -10.81 5.38 13.50
C TYR A 78 -10.93 4.00 14.16
N LEU A 79 -10.29 3.01 13.57
CA LEU A 79 -10.32 1.65 14.10
C LEU A 79 -9.68 1.60 15.49
N LYS A 80 -8.58 2.32 15.65
CA LYS A 80 -7.87 2.36 16.93
C LYS A 80 -8.60 3.23 17.94
N ASN A 81 -9.26 4.28 17.43
CA ASN A 81 -10.00 5.20 18.29
C ASN A 81 -11.20 4.50 18.91
N ASN A 10 9.08 -9.20 -3.67
CA ASN A 10 8.60 -8.15 -2.80
C ASN A 10 7.74 -7.15 -3.56
N LEU A 11 8.23 -6.72 -4.73
CA LEU A 11 7.51 -5.76 -5.55
C LEU A 11 6.22 -6.38 -6.11
N GLN A 12 6.32 -7.62 -6.57
CA GLN A 12 5.18 -8.32 -7.13
C GLN A 12 4.07 -8.45 -6.09
N LYS A 13 4.45 -8.72 -4.85
CA LYS A 13 3.48 -8.85 -3.77
C LYS A 13 2.90 -7.50 -3.36
N ALA A 14 3.71 -6.46 -3.50
CA ALA A 14 3.28 -5.11 -3.16
C ALA A 14 2.15 -4.65 -4.06
N ILE A 15 2.23 -5.02 -5.34
CA ILE A 15 1.21 -4.64 -6.31
C ILE A 15 -0.05 -5.49 -6.14
N ASP A 16 0.14 -6.74 -5.72
CA ASP A 16 -0.98 -7.66 -5.52
C ASP A 16 -1.78 -7.28 -4.29
N LEU A 17 -1.08 -6.98 -3.20
CA LEU A 17 -1.71 -6.60 -1.94
C LEU A 17 -2.49 -5.31 -2.10
N ALA A 18 -1.87 -4.32 -2.74
CA ALA A 18 -2.51 -3.02 -2.97
C ALA A 18 -3.79 -3.18 -3.77
N SER A 19 -3.72 -3.96 -4.85
CA SER A 19 -4.88 -4.19 -5.71
C SER A 19 -6.01 -4.82 -4.93
N LYS A 20 -5.68 -5.82 -4.10
CA LYS A 20 -6.68 -6.50 -3.30
C LYS A 20 -7.17 -5.63 -2.15
N ALA A 21 -6.27 -4.78 -1.65
CA ALA A 21 -6.60 -3.88 -0.55
C ALA A 21 -7.58 -2.80 -1.00
N ALA A 22 -7.27 -2.17 -2.13
CA ALA A 22 -8.12 -1.11 -2.68
C ALA A 22 -9.52 -1.64 -2.98
N GLN A 23 -9.59 -2.87 -3.48
CA GLN A 23 -10.86 -3.48 -3.82
C GLN A 23 -11.66 -3.80 -2.56
N GLU A 24 -10.95 -4.13 -1.49
CA GLU A 24 -11.60 -4.45 -0.22
C GLU A 24 -12.27 -3.23 0.39
N ASP A 25 -11.52 -2.15 0.51
CA ASP A 25 -12.04 -0.91 1.08
C ASP A 25 -13.20 -0.38 0.24
N LYS A 26 -12.99 -0.31 -1.07
CA LYS A 26 -14.01 0.17 -1.99
C LYS A 26 -15.26 -0.69 -1.91
N ALA A 27 -15.07 -1.97 -1.64
CA ALA A 27 -16.18 -2.92 -1.55
C ALA A 27 -16.93 -2.75 -0.23
N GLY A 28 -16.18 -2.59 0.85
CA GLY A 28 -16.79 -2.42 2.16
C GLY A 28 -15.86 -2.83 3.29
N ASN A 29 -14.96 -3.76 3.01
CA ASN A 29 -14.01 -4.23 4.01
C ASN A 29 -12.93 -3.19 4.26
N TYR A 30 -12.93 -2.62 5.46
CA TYR A 30 -11.95 -1.60 5.83
C TYR A 30 -10.84 -2.22 6.68
N GLU A 31 -11.22 -3.08 7.61
CA GLU A 31 -10.26 -3.73 8.49
C GLU A 31 -9.24 -4.54 7.68
N GLU A 32 -9.74 -5.47 6.87
CA GLU A 32 -8.89 -6.31 6.05
C GLU A 32 -8.08 -5.47 5.08
N ALA A 33 -8.68 -4.39 4.60
CA ALA A 33 -8.00 -3.50 3.66
C ALA A 33 -6.87 -2.74 4.33
N LEU A 34 -7.08 -2.37 5.60
CA LEU A 34 -6.07 -1.65 6.35
C LEU A 34 -4.78 -2.46 6.47
N GLN A 35 -4.90 -3.70 6.92
CA GLN A 35 -3.75 -4.57 7.07
C GLN A 35 -3.07 -4.81 5.73
N LEU A 36 -3.85 -4.84 4.67
CA LEU A 36 -3.31 -5.06 3.33
C LEU A 36 -2.57 -3.82 2.83
N TYR A 37 -3.11 -2.65 3.14
CA TYR A 37 -2.50 -1.39 2.73
C TYR A 37 -1.10 -1.25 3.32
N GLN A 38 -0.99 -1.52 4.61
CA GLN A 38 0.29 -1.42 5.30
C GLN A 38 1.31 -2.39 4.71
N HIS A 39 0.84 -3.59 4.36
CA HIS A 39 1.72 -4.61 3.77
C HIS A 39 2.32 -4.11 2.46
N ALA A 40 1.48 -3.54 1.60
CA ALA A 40 1.93 -3.03 0.32
C ALA A 40 2.99 -1.95 0.49
N VAL A 41 2.76 -1.06 1.46
CA VAL A 41 3.70 0.03 1.73
C VAL A 41 5.03 -0.51 2.21
N GLN A 42 4.99 -1.63 2.93
CA GLN A 42 6.21 -2.24 3.46
C GLN A 42 7.07 -2.79 2.33
N TYR A 43 6.44 -3.54 1.43
CA TYR A 43 7.15 -4.14 0.29
C TYR A 43 7.50 -3.07 -0.74
N PHE A 44 6.60 -2.12 -0.92
CA PHE A 44 6.82 -1.04 -1.89
C PHE A 44 8.06 -0.24 -1.53
N LEU A 45 8.18 0.13 -0.26
CA LEU A 45 9.32 0.90 0.21
C LEU A 45 10.59 0.04 0.26
N HIS A 46 10.40 -1.25 0.53
CA HIS A 46 11.51 -2.18 0.61
C HIS A 46 12.26 -2.25 -0.72
N VAL A 47 11.51 -2.15 -1.82
CA VAL A 47 12.11 -2.21 -3.15
C VAL A 47 12.81 -0.90 -3.49
N VAL A 48 12.14 0.22 -3.18
CA VAL A 48 12.71 1.53 -3.45
C VAL A 48 13.95 1.79 -2.60
N LYS A 49 13.93 1.29 -1.37
CA LYS A 49 15.05 1.46 -0.46
C LYS A 49 16.21 0.55 -0.84
N TYR A 50 15.88 -0.66 -1.29
CA TYR A 50 16.90 -1.62 -1.69
C TYR A 50 17.40 -1.34 -3.11
N GLU A 51 16.51 -1.54 -4.09
CA GLU A 51 16.86 -1.30 -5.48
C GLU A 51 15.63 -1.41 -6.37
N ALA A 52 15.05 -0.26 -6.73
CA ALA A 52 13.87 -0.22 -7.58
C ALA A 52 14.22 -0.53 -9.02
N GLN A 53 13.22 -0.45 -9.90
CA GLN A 53 13.44 -0.71 -11.32
C GLN A 53 14.22 0.41 -11.98
N GLY A 54 13.83 1.65 -11.70
CA GLY A 54 14.51 2.80 -12.26
C GLY A 54 14.05 4.11 -11.65
N ASP A 55 14.32 5.21 -12.35
CA ASP A 55 13.93 6.53 -11.87
C ASP A 55 12.41 6.68 -11.86
N LYS A 56 11.81 6.49 -13.02
CA LYS A 56 10.36 6.61 -13.14
C LYS A 56 9.65 5.60 -12.25
N ALA A 57 10.28 4.46 -12.04
CA ALA A 57 9.71 3.42 -11.19
C ALA A 57 9.58 3.88 -9.75
N LYS A 58 10.65 4.51 -9.24
CA LYS A 58 10.66 5.00 -7.87
C LYS A 58 9.55 6.03 -7.65
N GLN A 59 9.39 6.93 -8.62
CA GLN A 59 8.38 7.97 -8.54
C GLN A 59 6.99 7.36 -8.48
N SER A 60 6.81 6.22 -9.15
CA SER A 60 5.52 5.54 -9.18
C SER A 60 5.18 4.98 -7.80
N ILE A 61 6.18 4.44 -7.12
CA ILE A 61 5.99 3.87 -5.79
C ILE A 61 5.80 4.96 -4.75
N ARG A 62 6.49 6.08 -4.95
CA ARG A 62 6.40 7.20 -4.01
C ARG A 62 4.97 7.72 -3.92
N ALA A 63 4.32 7.88 -5.07
CA ALA A 63 2.95 8.37 -5.11
C ALA A 63 1.99 7.33 -4.55
N LYS A 64 2.28 6.06 -4.79
CA LYS A 64 1.44 4.97 -4.31
C LYS A 64 1.60 4.78 -2.81
N CYS A 65 2.85 4.83 -2.34
CA CYS A 65 3.14 4.65 -0.92
C CYS A 65 2.45 5.73 -0.10
N THR A 66 2.29 6.91 -0.69
CA THR A 66 1.64 8.02 0.00
C THR A 66 0.13 7.95 -0.14
N GLU A 67 -0.34 7.39 -1.26
CA GLU A 67 -1.77 7.26 -1.50
C GLU A 67 -2.38 6.21 -0.59
N TYR A 68 -1.74 5.05 -0.52
CA TYR A 68 -2.22 3.96 0.32
C TYR A 68 -2.07 4.31 1.80
N LEU A 69 -0.93 4.89 2.16
CA LEU A 69 -0.67 5.27 3.54
C LEU A 69 -1.70 6.27 4.04
N ASP A 70 -2.19 7.11 3.12
CA ASP A 70 -3.19 8.11 3.46
C ASP A 70 -4.51 7.47 3.84
N ARG A 71 -4.99 6.56 3.00
CA ARG A 71 -6.25 5.86 3.24
C ARG A 71 -6.15 4.99 4.48
N ALA A 72 -5.10 4.16 4.54
CA ALA A 72 -4.90 3.28 5.68
C ALA A 72 -4.75 4.07 6.98
N GLU A 73 -4.07 5.20 6.90
CA GLU A 73 -3.86 6.06 8.06
C GLU A 73 -5.19 6.54 8.64
N LYS A 74 -6.06 7.03 7.77
CA LYS A 74 -7.37 7.51 8.20
C LYS A 74 -8.29 6.35 8.57
N LEU A 75 -8.15 5.25 7.86
CA LEU A 75 -8.96 4.06 8.11
C LEU A 75 -8.78 3.58 9.55
N LYS A 76 -7.53 3.40 9.95
CA LYS A 76 -7.22 2.94 11.31
C LYS A 76 -7.57 4.01 12.33
N GLU A 77 -7.54 5.26 11.91
CA GLU A 77 -7.86 6.38 12.80
C GLU A 77 -9.23 6.20 13.43
N TYR A 78 -10.26 6.06 12.60
CA TYR A 78 -11.62 5.88 13.09
C TYR A 78 -11.77 4.54 13.81
N LEU A 79 -11.08 3.52 13.30
CA LEU A 79 -11.15 2.19 13.89
C LEU A 79 -10.59 2.20 15.31
N LYS A 80 -9.61 3.06 15.55
CA LYS A 80 -9.00 3.17 16.88
C LYS A 80 -9.78 4.13 17.77
N ASN A 81 -10.39 5.13 17.14
CA ASN A 81 -11.17 6.13 17.88
C ASN A 81 -12.51 5.54 18.31
N ASN A 10 8.92 -9.96 -3.69
CA ASN A 10 8.45 -8.97 -2.73
C ASN A 10 7.51 -7.98 -3.39
N LEU A 11 7.74 -7.72 -4.67
CA LEU A 11 6.90 -6.77 -5.43
C LEU A 11 5.54 -7.39 -5.72
N GLN A 12 5.53 -8.68 -6.02
CA GLN A 12 4.29 -9.38 -6.33
C GLN A 12 3.32 -9.32 -5.15
N LYS A 13 3.87 -9.32 -3.94
CA LYS A 13 3.05 -9.27 -2.73
C LYS A 13 2.51 -7.86 -2.51
N ALA A 14 3.33 -6.86 -2.77
CA ALA A 14 2.94 -5.47 -2.61
C ALA A 14 1.75 -5.13 -3.50
N ILE A 15 1.75 -5.66 -4.72
CA ILE A 15 0.67 -5.42 -5.66
C ILE A 15 -0.55 -6.26 -5.33
N ASP A 16 -0.32 -7.48 -4.86
CA ASP A 16 -1.41 -8.38 -4.51
C ASP A 16 -2.27 -7.79 -3.40
N LEU A 17 -1.62 -7.15 -2.43
CA LEU A 17 -2.34 -6.53 -1.31
C LEU A 17 -3.04 -5.25 -1.75
N ALA A 18 -2.39 -4.49 -2.62
CA ALA A 18 -2.95 -3.25 -3.12
C ALA A 18 -4.26 -3.49 -3.85
N SER A 19 -4.33 -4.60 -4.60
CA SER A 19 -5.53 -4.95 -5.35
C SER A 19 -6.62 -5.47 -4.41
N LYS A 20 -6.24 -6.39 -3.53
CA LYS A 20 -7.19 -6.96 -2.58
C LYS A 20 -7.68 -5.91 -1.60
N ALA A 21 -6.76 -5.12 -1.08
CA ALA A 21 -7.09 -4.07 -0.12
C ALA A 21 -8.06 -3.07 -0.74
N ALA A 22 -7.76 -2.62 -1.94
CA ALA A 22 -8.60 -1.65 -2.64
C ALA A 22 -10.01 -2.21 -2.85
N GLN A 23 -10.10 -3.52 -3.04
CA GLN A 23 -11.38 -4.18 -3.25
C GLN A 23 -12.12 -4.37 -1.93
N GLU A 24 -11.36 -4.59 -0.86
CA GLU A 24 -11.93 -4.80 0.46
C GLU A 24 -12.63 -3.53 0.95
N ASP A 25 -11.90 -2.42 0.94
CA ASP A 25 -12.44 -1.15 1.38
C ASP A 25 -13.65 -0.74 0.54
N LYS A 26 -13.52 -0.89 -0.77
CA LYS A 26 -14.59 -0.53 -1.70
C LYS A 26 -15.79 -1.46 -1.49
N ALA A 27 -15.53 -2.69 -1.11
CA ALA A 27 -16.59 -3.67 -0.89
C ALA A 27 -17.32 -3.40 0.42
N GLY A 28 -16.55 -3.12 1.47
CA GLY A 28 -17.15 -2.85 2.77
C GLY A 28 -16.18 -3.04 3.90
N ASN A 29 -15.24 -3.96 3.72
CA ASN A 29 -14.24 -4.25 4.74
C ASN A 29 -13.20 -3.13 4.82
N TYR A 30 -13.18 -2.42 5.94
CA TYR A 30 -12.23 -1.33 6.14
C TYR A 30 -11.06 -1.77 7.02
N GLU A 31 -11.38 -2.52 8.06
CA GLU A 31 -10.35 -3.00 8.98
C GLU A 31 -9.35 -3.90 8.26
N GLU A 32 -9.86 -4.92 7.57
CA GLU A 32 -9.01 -5.85 6.84
C GLU A 32 -8.23 -5.13 5.76
N ALA A 33 -8.89 -4.19 5.08
CA ALA A 33 -8.25 -3.43 4.01
C ALA A 33 -7.11 -2.57 4.56
N LEU A 34 -7.30 -2.05 5.76
CA LEU A 34 -6.29 -1.20 6.40
C LEU A 34 -4.99 -1.97 6.59
N GLN A 35 -5.09 -3.18 7.14
CA GLN A 35 -3.92 -4.02 7.38
C GLN A 35 -3.23 -4.37 6.07
N LEU A 36 -4.02 -4.51 5.00
CA LEU A 36 -3.48 -4.83 3.69
C LEU A 36 -2.79 -3.63 3.06
N TYR A 37 -3.39 -2.46 3.25
CA TYR A 37 -2.84 -1.22 2.70
C TYR A 37 -1.45 -0.95 3.24
N GLN A 38 -1.24 -1.31 4.51
CA GLN A 38 0.05 -1.10 5.17
C GLN A 38 1.09 -2.07 4.62
N HIS A 39 0.71 -3.34 4.47
CA HIS A 39 1.61 -4.35 3.96
C HIS A 39 2.08 -4.01 2.54
N ALA A 40 1.16 -3.52 1.72
CA ALA A 40 1.48 -3.15 0.35
C ALA A 40 2.54 -2.06 0.31
N VAL A 41 2.39 -1.06 1.17
CA VAL A 41 3.33 0.05 1.23
C VAL A 41 4.68 -0.42 1.76
N GLN A 42 4.65 -1.39 2.68
CA GLN A 42 5.88 -1.93 3.27
C GLN A 42 6.70 -2.67 2.22
N TYR A 43 6.04 -3.52 1.46
CA TYR A 43 6.72 -4.30 0.42
C TYR A 43 7.14 -3.41 -0.74
N PHE A 44 6.30 -2.43 -1.06
CA PHE A 44 6.59 -1.51 -2.16
C PHE A 44 7.83 -0.68 -1.85
N LEU A 45 7.82 0.00 -0.70
CA LEU A 45 8.95 0.83 -0.29
C LEU A 45 10.22 -0.02 -0.13
N HIS A 46 10.04 -1.28 0.28
CA HIS A 46 11.16 -2.18 0.47
C HIS A 46 11.90 -2.42 -0.85
N VAL A 47 11.15 -2.47 -1.94
CA VAL A 47 11.73 -2.68 -3.26
C VAL A 47 12.43 -1.42 -3.77
N VAL A 48 11.76 -0.29 -3.64
CA VAL A 48 12.32 0.98 -4.09
C VAL A 48 13.54 1.37 -3.25
N LYS A 49 13.48 1.06 -1.96
CA LYS A 49 14.58 1.38 -1.05
C LYS A 49 15.77 0.48 -1.30
N TYR A 50 15.52 -0.82 -1.47
CA TYR A 50 16.57 -1.79 -1.72
C TYR A 50 17.11 -1.65 -3.14
N GLU A 51 16.29 -2.04 -4.11
CA GLU A 51 16.68 -1.96 -5.52
C GLU A 51 15.48 -2.21 -6.43
N ALA A 52 14.82 -1.12 -6.85
CA ALA A 52 13.67 -1.22 -7.72
C ALA A 52 14.07 -1.68 -9.12
N GLN A 53 13.07 -1.83 -10.00
CA GLN A 53 13.32 -2.27 -11.37
C GLN A 53 14.04 -1.18 -12.16
N GLY A 54 13.34 -0.07 -12.40
CA GLY A 54 13.92 1.03 -13.15
C GLY A 54 13.49 2.38 -12.62
N ASP A 55 13.92 3.45 -13.29
CA ASP A 55 13.58 4.80 -12.87
C ASP A 55 12.07 5.02 -12.91
N LYS A 56 11.45 4.68 -14.04
CA LYS A 56 10.01 4.83 -14.20
C LYS A 56 9.26 3.99 -13.17
N ALA A 57 9.84 2.86 -12.80
CA ALA A 57 9.23 1.97 -11.82
C ALA A 57 9.15 2.63 -10.45
N LYS A 58 10.23 3.30 -10.06
CA LYS A 58 10.28 3.98 -8.77
C LYS A 58 9.19 5.04 -8.66
N GLN A 59 9.08 5.87 -9.71
CA GLN A 59 8.09 6.93 -9.73
C GLN A 59 6.68 6.35 -9.63
N SER A 60 6.47 5.21 -10.27
CA SER A 60 5.16 4.55 -10.26
C SER A 60 4.80 4.11 -8.84
N ILE A 61 5.76 3.48 -8.15
CA ILE A 61 5.53 3.00 -6.80
C ILE A 61 5.38 4.17 -5.82
N ARG A 62 6.11 5.24 -6.09
CA ARG A 62 6.06 6.43 -5.24
C ARG A 62 4.64 6.99 -5.16
N ALA A 63 3.94 6.98 -6.29
CA ALA A 63 2.57 7.47 -6.34
C ALA A 63 1.61 6.49 -5.70
N LYS A 64 1.93 5.20 -5.79
CA LYS A 64 1.09 4.15 -5.23
C LYS A 64 1.23 4.10 -3.71
N CYS A 65 2.47 4.21 -3.24
CA CYS A 65 2.74 4.18 -1.80
C CYS A 65 2.11 5.38 -1.10
N THR A 66 2.05 6.51 -1.79
CA THR A 66 1.47 7.72 -1.22
C THR A 66 -0.05 7.70 -1.38
N GLU A 67 -0.53 7.07 -2.44
CA GLU A 67 -1.96 6.99 -2.70
C GLU A 67 -2.63 6.03 -1.71
N TYR A 68 -2.05 4.86 -1.53
CA TYR A 68 -2.59 3.86 -0.61
C TYR A 68 -2.47 4.33 0.83
N LEU A 69 -1.36 4.99 1.14
CA LEU A 69 -1.11 5.50 2.49
C LEU A 69 -2.20 6.48 2.90
N ASP A 70 -2.58 7.35 1.97
CA ASP A 70 -3.61 8.35 2.25
C ASP A 70 -4.96 7.68 2.54
N ARG A 71 -5.27 6.64 1.77
CA ARG A 71 -6.52 5.91 1.94
C ARG A 71 -6.53 5.15 3.27
N ALA A 72 -5.39 4.58 3.63
CA ALA A 72 -5.26 3.83 4.87
C ALA A 72 -5.16 4.76 6.07
N GLU A 73 -4.52 5.91 5.86
CA GLU A 73 -4.34 6.89 6.94
C GLU A 73 -5.69 7.38 7.45
N LYS A 74 -6.58 7.69 6.52
CA LYS A 74 -7.91 8.17 6.88
C LYS A 74 -8.76 7.04 7.47
N LEU A 75 -8.62 5.84 6.91
CA LEU A 75 -9.37 4.68 7.38
C LEU A 75 -9.07 4.42 8.85
N LYS A 76 -7.80 4.32 9.19
CA LYS A 76 -7.39 4.07 10.57
C LYS A 76 -7.73 5.26 11.46
N GLU A 77 -7.76 6.44 10.88
CA GLU A 77 -8.08 7.66 11.62
C GLU A 77 -9.40 7.53 12.37
N TYR A 78 -10.47 7.24 11.63
CA TYR A 78 -11.79 7.09 12.22
C TYR A 78 -11.84 5.85 13.11
N LEU A 79 -11.13 4.80 12.72
CA LEU A 79 -11.09 3.56 13.47
C LEU A 79 -10.42 3.76 14.83
N LYS A 80 -9.42 4.64 14.86
CA LYS A 80 -8.70 4.93 16.10
C LYS A 80 -9.50 5.87 16.98
N ASN A 81 -10.24 6.78 16.35
CA ASN A 81 -11.05 7.75 17.09
C ASN A 81 -12.19 7.05 17.82
#